data_6LCN
#
_entry.id   6LCN
#
_cell.length_a   84.719
_cell.length_b   113.165
_cell.length_c   230.133
_cell.angle_alpha   90.000
_cell.angle_beta   90.000
_cell.angle_gamma   90.000
#
_symmetry.space_group_name_H-M   'P 21 21 21'
#
loop_
_entity.id
_entity.type
_entity.pdbx_description
1 polymer 'Serine O-acetyltransferase'
2 non-polymer GLYCEROL
3 non-polymer 'CHLORIDE ION'
4 non-polymer DI(HYDROXYETHYL)ETHER
5 water water
#
_entity_poly.entity_id   1
_entity_poly.type   'polypeptide(L)'
_entity_poly.pdbx_seq_one_letter_code
;MGSSHHHHHHSSGLVPRGSHMATDLRLKDQLPEITDRIVESYRDFATTHHLGHCPLPSSEAVYEIAQDLQEILFPGYRRR
QNLHMGNVTYHVGDLVDSLHDRLTQQIARALRHDYRRQHGISCADEVSHDFEALAQAKTITLLELLPRLRRTLALDVQAA
FDGDPAAGSLDEIIFCYPGLHAVTIYRLAHELYLLDVPLIPRMLTEWAHSQTGIDIHPGATIGHSFFIDHGTGVVIGETC
EIANHVKLYQGVTLGALSFPKDEQGNLLRRHKRHPTIEDHVVIYANATVLGGETVIGSHAVIGSSVSLSHSVPPNTIVTI
EKPSLRYREAS
;
_entity_poly.pdbx_strand_id   A,B,C,D,E,F
#
# COMPACT_ATOMS: atom_id res chain seq x y z
N ARG A 26 13.90 -0.67 -31.50
CA ARG A 26 13.48 -1.74 -32.46
C ARG A 26 13.87 -3.12 -31.92
N LEU A 27 14.82 -3.15 -30.98
CA LEU A 27 15.35 -4.42 -30.50
C LEU A 27 14.36 -5.10 -29.54
N LYS A 28 13.38 -4.33 -29.04
CA LYS A 28 12.28 -4.84 -28.23
C LYS A 28 11.46 -5.87 -29.03
N ASP A 29 11.63 -5.88 -30.35
CA ASP A 29 10.94 -6.81 -31.23
C ASP A 29 11.38 -8.25 -30.98
N GLN A 30 12.53 -8.46 -30.33
CA GLN A 30 12.97 -9.82 -30.05
C GLN A 30 12.41 -10.37 -28.73
N LEU A 31 11.72 -9.52 -27.96
CA LEU A 31 11.26 -9.95 -26.64
C LEU A 31 10.14 -10.99 -26.75
N PRO A 32 9.17 -10.85 -27.68
CA PRO A 32 8.16 -11.89 -27.89
C PRO A 32 8.74 -13.29 -28.15
N GLU A 33 9.89 -13.37 -28.82
CA GLU A 33 10.55 -14.64 -29.14
C GLU A 33 11.17 -15.27 -27.88
N ILE A 34 11.90 -14.45 -27.10
CA ILE A 34 12.42 -14.82 -25.80
C ILE A 34 11.27 -15.31 -24.91
N THR A 35 10.15 -14.56 -24.89
CA THR A 35 8.97 -14.97 -24.14
C THR A 35 8.49 -16.36 -24.58
N ASP A 36 8.43 -16.60 -25.90
CA ASP A 36 7.97 -17.91 -26.37
C ASP A 36 8.92 -19.04 -25.96
N ARG A 37 10.23 -18.78 -25.99
CA ARG A 37 11.19 -19.81 -25.61
C ARG A 37 11.06 -20.17 -24.12
N ILE A 38 10.72 -19.17 -23.28
CA ILE A 38 10.54 -19.37 -21.85
C ILE A 38 9.30 -20.24 -21.63
N VAL A 39 8.23 -19.93 -22.37
CA VAL A 39 7.00 -20.69 -22.20
C VAL A 39 7.26 -22.13 -22.64
N GLU A 40 8.00 -22.30 -23.74
CA GLU A 40 8.37 -23.63 -24.22
C GLU A 40 9.14 -24.39 -23.12
N SER A 41 10.05 -23.72 -22.42
CA SER A 41 10.83 -24.39 -21.39
C SER A 41 9.94 -24.88 -20.24
N TYR A 42 8.73 -24.31 -20.11
CA TYR A 42 7.80 -24.76 -19.08
C TYR A 42 7.27 -26.15 -19.45
N ARG A 43 7.07 -26.40 -20.75
CA ARG A 43 6.70 -27.73 -21.24
C ARG A 43 7.82 -28.75 -21.05
N ASP A 44 9.05 -28.33 -21.27
CA ASP A 44 10.18 -29.25 -21.24
C ASP A 44 10.62 -29.56 -19.81
N PHE A 45 10.50 -28.60 -18.88
CA PHE A 45 11.00 -28.81 -17.52
C PHE A 45 9.87 -28.45 -16.56
N ALA A 46 8.98 -29.42 -16.35
CA ALA A 46 7.73 -29.16 -15.69
C ALA A 46 7.88 -29.34 -14.18
N THR A 47 9.07 -29.75 -13.69
CA THR A 47 9.25 -30.10 -12.29
C THR A 47 9.38 -28.84 -11.41
N THR A 48 9.68 -27.70 -12.03
CA THR A 48 9.99 -26.50 -11.28
C THR A 48 8.91 -25.42 -11.48
N HIS A 49 7.74 -25.82 -12.00
CA HIS A 49 6.64 -24.85 -12.03
C HIS A 49 5.39 -25.57 -11.53
N HIS A 50 4.37 -24.78 -11.19
CA HIS A 50 3.09 -25.34 -10.83
C HIS A 50 2.04 -24.52 -11.58
N LEU A 51 1.86 -24.82 -12.86
CA LEU A 51 0.91 -24.13 -13.69
C LEU A 51 -0.34 -25.00 -13.70
N GLY A 52 -1.52 -24.39 -13.45
CA GLY A 52 -2.77 -25.11 -13.53
C GLY A 52 -3.83 -24.40 -12.68
N HIS A 53 -5.02 -24.98 -12.59
CA HIS A 53 -6.11 -24.26 -11.96
C HIS A 53 -6.22 -24.55 -10.46
N CYS A 54 -5.14 -25.05 -9.84
CA CYS A 54 -5.17 -25.56 -8.47
C CYS A 54 -4.07 -24.89 -7.65
N PRO A 55 -4.41 -23.72 -7.10
CA PRO A 55 -3.41 -22.91 -6.41
C PRO A 55 -2.78 -23.79 -5.33
N LEU A 56 -1.46 -23.75 -5.29
CA LEU A 56 -0.76 -24.25 -4.12
C LEU A 56 -0.98 -23.30 -2.95
N PRO A 57 -0.56 -23.64 -1.70
CA PRO A 57 -0.52 -22.68 -0.58
C PRO A 57 0.39 -21.50 -0.92
N SER A 58 0.10 -20.35 -0.31
CA SER A 58 0.84 -19.15 -0.64
C SER A 58 1.84 -18.83 0.48
N SER A 59 3.12 -18.65 0.13
CA SER A 59 4.14 -18.24 1.10
C SER A 59 3.70 -17.03 1.91
N GLU A 60 3.22 -16.00 1.20
CA GLU A 60 2.79 -14.76 1.82
C GLU A 60 1.60 -15.00 2.75
N ALA A 61 0.62 -15.83 2.35
CA ALA A 61 -0.55 -16.04 3.21
C ALA A 61 -0.12 -16.73 4.49
N VAL A 62 0.86 -17.65 4.36
CA VAL A 62 1.36 -18.43 5.49
C VAL A 62 2.09 -17.49 6.45
N TYR A 63 2.92 -16.60 5.89
CA TYR A 63 3.61 -15.59 6.67
CA TYR A 63 3.62 -15.58 6.65
C TYR A 63 2.61 -14.74 7.45
N GLU A 64 1.56 -14.24 6.76
CA GLU A 64 0.52 -13.43 7.40
C GLU A 64 -0.16 -14.18 8.55
N ILE A 65 -0.51 -15.46 8.35
CA ILE A 65 -1.06 -16.31 9.40
C ILE A 65 -0.10 -16.34 10.59
N ALA A 66 1.19 -16.57 10.34
CA ALA A 66 2.20 -16.55 11.39
C ALA A 66 2.20 -15.21 12.15
N GLN A 67 2.03 -14.08 11.46
CA GLN A 67 2.03 -12.77 12.11
C GLN A 67 0.84 -12.69 13.06
N ASP A 68 -0.32 -13.14 12.58
CA ASP A 68 -1.54 -13.03 13.34
C ASP A 68 -1.47 -13.92 14.57
N LEU A 69 -0.89 -15.11 14.40
CA LEU A 69 -0.75 -16.05 15.52
C LEU A 69 0.17 -15.43 16.58
N GLN A 70 1.24 -14.77 16.15
CA GLN A 70 2.17 -14.16 17.10
C GLN A 70 1.48 -13.00 17.82
N GLU A 71 0.58 -12.28 17.14
CA GLU A 71 -0.16 -11.18 17.76
C GLU A 71 -1.01 -11.72 18.91
N ILE A 72 -1.60 -12.90 18.71
CA ILE A 72 -2.42 -13.55 19.72
C ILE A 72 -1.51 -14.01 20.86
N LEU A 73 -0.32 -14.54 20.55
CA LEU A 73 0.50 -15.14 21.59
C LEU A 73 1.17 -14.06 22.46
N PHE A 74 1.56 -12.93 21.85
CA PHE A 74 2.30 -11.90 22.59
C PHE A 74 1.72 -10.50 22.36
N PRO A 75 0.45 -10.23 22.74
CA PRO A 75 -0.17 -8.94 22.45
C PRO A 75 0.52 -7.85 23.25
N GLY A 76 0.79 -6.72 22.58
CA GLY A 76 1.47 -5.56 23.16
C GLY A 76 2.96 -5.52 22.79
N TYR A 77 3.45 -6.58 22.13
CA TYR A 77 4.86 -6.73 21.78
C TYR A 77 5.05 -6.76 20.26
N ARG A 78 3.93 -6.72 19.52
CA ARG A 78 4.02 -6.92 18.08
C ARG A 78 3.58 -5.63 17.37
N ARG A 79 2.55 -5.72 16.52
CA ARG A 79 2.15 -4.59 15.69
C ARG A 79 1.35 -3.54 16.48
N ARG A 80 0.36 -3.94 17.29
CA ARG A 80 -0.43 -2.95 18.04
C ARG A 80 0.14 -2.67 19.43
N GLN A 81 0.10 -1.40 19.87
CA GLN A 81 0.64 -0.98 21.17
C GLN A 81 -0.44 -0.36 22.08
N ASN A 82 -1.72 -0.46 21.69
CA ASN A 82 -2.78 0.23 22.40
C ASN A 82 -3.77 -0.79 22.96
N LEU A 83 -3.28 -1.98 23.26
CA LEU A 83 -4.15 -3.06 23.69
C LEU A 83 -4.20 -3.07 25.21
N HIS A 84 -5.44 -3.22 25.73
CA HIS A 84 -5.68 -3.36 27.15
C HIS A 84 -6.83 -4.33 27.33
N MET A 85 -7.14 -4.64 28.59
CA MET A 85 -8.14 -5.66 28.91
C MET A 85 -9.52 -5.29 28.36
N GLY A 86 -9.77 -4.00 28.12
CA GLY A 86 -11.07 -3.56 27.64
C GLY A 86 -11.25 -3.67 26.12
N ASN A 87 -10.15 -3.81 25.35
CA ASN A 87 -10.28 -3.90 23.90
C ASN A 87 -9.66 -5.19 23.32
N VAL A 88 -9.00 -6.00 24.18
CA VAL A 88 -8.18 -7.10 23.68
C VAL A 88 -9.05 -8.20 23.08
N THR A 89 -10.32 -8.26 23.53
CA THR A 89 -11.25 -9.29 23.11
C THR A 89 -11.56 -9.05 21.64
N TYR A 90 -11.58 -7.76 21.25
CA TYR A 90 -11.95 -7.39 19.90
C TYR A 90 -10.82 -7.79 18.97
N HIS A 91 -9.59 -7.58 19.44
CA HIS A 91 -8.40 -7.84 18.66
C HIS A 91 -8.29 -9.34 18.43
N VAL A 92 -8.36 -10.09 19.53
CA VAL A 92 -8.25 -11.53 19.47
C VAL A 92 -9.41 -12.14 18.67
N GLY A 93 -10.64 -11.67 18.96
CA GLY A 93 -11.81 -12.28 18.36
C GLY A 93 -11.77 -12.18 16.84
N ASP A 94 -11.41 -10.98 16.35
CA ASP A 94 -11.23 -10.72 14.94
C ASP A 94 -10.13 -11.61 14.32
N LEU A 95 -8.97 -11.72 14.98
CA LEU A 95 -7.86 -12.51 14.48
C LEU A 95 -8.21 -13.99 14.41
N VAL A 96 -8.91 -14.48 15.44
CA VAL A 96 -9.31 -15.87 15.52
C VAL A 96 -10.26 -16.19 14.38
N ASP A 97 -11.20 -15.27 14.12
CA ASP A 97 -12.21 -15.47 13.09
C ASP A 97 -11.54 -15.52 11.71
N SER A 98 -10.63 -14.57 11.47
CA SER A 98 -9.89 -14.47 10.22
C SER A 98 -8.94 -15.67 10.03
N LEU A 99 -8.28 -16.11 11.11
CA LEU A 99 -7.34 -17.23 11.04
C LEU A 99 -8.10 -18.52 10.72
N HIS A 100 -9.30 -18.67 11.28
CA HIS A 100 -10.16 -19.78 10.93
C HIS A 100 -10.26 -19.90 9.41
N ASP A 101 -10.56 -18.78 8.74
CA ASP A 101 -10.82 -18.78 7.31
C ASP A 101 -9.53 -19.03 6.53
N ARG A 102 -8.47 -18.33 6.92
CA ARG A 102 -7.22 -18.37 6.16
C ARG A 102 -6.48 -19.69 6.38
N LEU A 103 -6.39 -20.15 7.63
CA LEU A 103 -5.72 -21.42 7.84
C LEU A 103 -6.51 -22.54 7.15
N THR A 104 -7.85 -22.49 7.20
CA THR A 104 -8.63 -23.52 6.53
C THR A 104 -8.26 -23.56 5.06
N GLN A 105 -8.21 -22.38 4.43
CA GLN A 105 -7.93 -22.27 3.01
C GLN A 105 -6.53 -22.82 2.70
N GLN A 106 -5.51 -22.39 3.47
CA GLN A 106 -4.14 -22.80 3.18
C GLN A 106 -3.96 -24.30 3.38
N ILE A 107 -4.49 -24.83 4.49
CA ILE A 107 -4.32 -26.23 4.85
C ILE A 107 -5.05 -27.09 3.83
N ALA A 108 -6.24 -26.65 3.37
CA ALA A 108 -6.99 -27.42 2.38
C ALA A 108 -6.17 -27.53 1.10
N ARG A 109 -5.50 -26.44 0.68
CA ARG A 109 -4.69 -26.47 -0.54
C ARG A 109 -3.52 -27.43 -0.36
N ALA A 110 -2.96 -27.48 0.87
CA ALA A 110 -1.84 -28.37 1.17
C ALA A 110 -2.31 -29.82 1.11
N LEU A 111 -3.51 -30.07 1.62
CA LEU A 111 -4.02 -31.44 1.66
C LEU A 111 -4.33 -31.90 0.25
N ARG A 112 -4.91 -30.99 -0.55
CA ARG A 112 -5.31 -31.37 -1.90
C ARG A 112 -4.07 -31.67 -2.73
N HIS A 113 -3.01 -30.85 -2.53
CA HIS A 113 -1.80 -31.02 -3.32
C HIS A 113 -1.15 -32.36 -3.00
N ASP A 114 -1.12 -32.70 -1.72
CA ASP A 114 -0.49 -33.92 -1.25
C ASP A 114 -1.28 -35.15 -1.73
N TYR A 115 -2.62 -35.03 -1.78
CA TYR A 115 -3.48 -36.08 -2.30
C TYR A 115 -3.14 -36.35 -3.76
N ARG A 116 -3.18 -35.28 -4.57
CA ARG A 116 -2.95 -35.35 -6.00
C ARG A 116 -1.56 -35.95 -6.25
N ARG A 117 -0.58 -35.60 -5.42
CA ARG A 117 0.78 -36.07 -5.64
C ARG A 117 0.87 -37.56 -5.31
N GLN A 118 0.27 -37.95 -4.19
CA GLN A 118 0.34 -39.34 -3.81
C GLN A 118 -0.38 -40.24 -4.82
N HIS A 119 -1.38 -39.71 -5.54
CA HIS A 119 -2.18 -40.52 -6.44
C HIS A 119 -1.79 -40.29 -7.89
N GLY A 120 -0.87 -39.36 -8.13
CA GLY A 120 -0.47 -39.01 -9.48
C GLY A 120 -1.63 -38.44 -10.31
N ILE A 121 -2.61 -37.84 -9.62
CA ILE A 121 -3.74 -37.29 -10.35
C ILE A 121 -3.53 -35.80 -10.62
N SER A 122 -4.18 -35.35 -11.69
CA SER A 122 -4.01 -34.01 -12.21
C SER A 122 -5.16 -33.13 -11.72
N CYS A 123 -5.19 -31.91 -12.22
CA CYS A 123 -6.12 -30.95 -11.67
C CYS A 123 -7.48 -31.04 -12.37
N ALA A 124 -8.56 -31.04 -11.57
CA ALA A 124 -9.93 -31.19 -12.06
C ALA A 124 -10.39 -29.96 -12.86
N ASP A 125 -11.54 -30.08 -13.55
CA ASP A 125 -12.04 -29.02 -14.44
C ASP A 125 -13.16 -28.21 -13.78
N GLU A 126 -13.44 -28.49 -12.51
CA GLU A 126 -14.21 -27.57 -11.67
C GLU A 126 -13.39 -27.27 -10.43
N VAL A 127 -13.73 -26.13 -9.81
CA VAL A 127 -13.14 -25.73 -8.53
C VAL A 127 -13.55 -26.73 -7.46
N SER A 128 -12.56 -27.26 -6.72
CA SER A 128 -12.66 -28.38 -5.80
C SER A 128 -12.62 -27.90 -4.34
N HIS A 129 -13.64 -28.24 -3.54
CA HIS A 129 -13.69 -27.97 -2.10
C HIS A 129 -13.21 -29.16 -1.28
N ASP A 130 -12.55 -30.11 -1.95
CA ASP A 130 -12.05 -31.31 -1.29
C ASP A 130 -11.18 -30.93 -0.10
N PHE A 131 -11.37 -31.62 1.03
CA PHE A 131 -10.46 -31.51 2.16
C PHE A 131 -10.71 -30.27 3.01
N GLU A 132 -11.71 -29.45 2.62
CA GLU A 132 -11.98 -28.20 3.31
C GLU A 132 -12.45 -28.46 4.75
N ALA A 133 -13.38 -29.40 4.95
CA ALA A 133 -13.87 -29.75 6.28
C ALA A 133 -12.74 -30.31 7.13
N LEU A 134 -11.87 -31.11 6.51
CA LEU A 134 -10.77 -31.73 7.22
C LEU A 134 -9.76 -30.66 7.62
N ALA A 135 -9.51 -29.71 6.70
CA ALA A 135 -8.62 -28.61 6.99
C ALA A 135 -9.18 -27.77 8.13
N GLN A 136 -10.50 -27.53 8.12
CA GLN A 136 -11.17 -26.74 9.16
C GLN A 136 -11.00 -27.40 10.52
N ALA A 137 -11.10 -28.74 10.54
CA ALA A 137 -10.97 -29.47 11.79
C ALA A 137 -9.55 -29.27 12.36
N LYS A 138 -8.54 -29.34 11.47
CA LYS A 138 -7.18 -29.18 11.94
C LYS A 138 -6.97 -27.73 12.43
N THR A 139 -7.53 -26.77 11.68
CA THR A 139 -7.47 -25.37 12.03
C THR A 139 -8.06 -25.10 13.41
N ILE A 140 -9.25 -25.66 13.68
CA ILE A 140 -9.86 -25.48 14.99
C ILE A 140 -8.99 -26.08 16.11
N THR A 141 -8.39 -27.26 15.86
CA THR A 141 -7.52 -27.87 16.86
C THR A 141 -6.37 -26.94 17.19
N LEU A 142 -5.76 -26.35 16.15
CA LEU A 142 -4.66 -25.44 16.39
C LEU A 142 -5.13 -24.25 17.23
N LEU A 143 -6.27 -23.65 16.86
CA LEU A 143 -6.75 -22.45 17.56
C LEU A 143 -7.07 -22.76 19.03
N GLU A 144 -7.60 -23.96 19.28
CA GLU A 144 -7.90 -24.44 20.61
C GLU A 144 -6.64 -24.55 21.47
N LEU A 145 -5.47 -24.77 20.86
CA LEU A 145 -4.24 -25.04 21.60
C LEU A 145 -3.53 -23.74 21.98
N LEU A 146 -4.03 -22.58 21.53
CA LEU A 146 -3.26 -21.35 21.70
C LEU A 146 -3.05 -21.05 23.19
N PRO A 147 -4.07 -21.24 24.08
CA PRO A 147 -3.86 -21.03 25.53
C PRO A 147 -2.72 -21.91 26.06
N ARG A 148 -2.73 -23.19 25.69
CA ARG A 148 -1.68 -24.09 26.14
C ARG A 148 -0.32 -23.62 25.62
N LEU A 149 -0.24 -23.20 24.34
CA LEU A 149 0.99 -22.72 23.73
C LEU A 149 1.54 -21.51 24.48
N ARG A 150 0.64 -20.63 24.93
CA ARG A 150 1.05 -19.47 25.73
C ARG A 150 1.69 -19.91 27.06
N ARG A 151 1.14 -20.96 27.69
CA ARG A 151 1.67 -21.49 28.94
C ARG A 151 3.09 -21.98 28.71
N THR A 152 3.28 -22.80 27.67
CA THR A 152 4.61 -23.26 27.29
C THR A 152 5.52 -22.06 26.98
N LEU A 153 5.05 -21.11 26.17
CA LEU A 153 5.92 -20.01 25.78
C LEU A 153 6.30 -19.13 26.96
N ALA A 154 5.41 -19.02 27.97
CA ALA A 154 5.72 -18.26 29.19
C ALA A 154 6.94 -18.89 29.88
N LEU A 155 7.02 -20.22 29.89
CA LEU A 155 8.16 -20.90 30.48
C LEU A 155 9.42 -20.67 29.64
N ASP A 156 9.27 -20.67 28.31
CA ASP A 156 10.43 -20.38 27.45
C ASP A 156 10.97 -18.97 27.74
N VAL A 157 10.07 -18.00 27.88
CA VAL A 157 10.45 -16.63 28.15
C VAL A 157 11.27 -16.57 29.44
N GLN A 158 10.76 -17.23 30.49
CA GLN A 158 11.43 -17.29 31.79
C GLN A 158 12.77 -18.00 31.65
N ALA A 159 12.84 -19.06 30.81
CA ALA A 159 14.09 -19.79 30.61
C ALA A 159 15.15 -18.90 29.97
N ALA A 160 14.74 -17.96 29.10
CA ALA A 160 15.68 -17.04 28.51
C ALA A 160 16.22 -16.10 29.59
N PHE A 161 15.32 -15.64 30.46
CA PHE A 161 15.70 -14.73 31.53
C PHE A 161 16.65 -15.43 32.50
N ASP A 162 16.33 -16.70 32.86
CA ASP A 162 17.17 -17.52 33.73
C ASP A 162 18.50 -17.82 33.05
N GLY A 163 18.47 -18.10 31.74
CA GLY A 163 19.63 -18.58 31.02
C GLY A 163 20.61 -17.47 30.62
N ASP A 164 20.15 -16.21 30.61
CA ASP A 164 21.03 -15.11 30.26
C ASP A 164 21.01 -14.10 31.41
N PRO A 165 22.05 -14.12 32.29
CA PRO A 165 22.11 -13.27 33.47
C PRO A 165 21.99 -11.79 33.11
N ALA A 166 22.58 -11.44 31.95
CA ALA A 166 22.74 -10.07 31.52
C ALA A 166 21.48 -9.54 30.84
N ALA A 167 20.41 -10.34 30.79
CA ALA A 167 19.21 -9.87 30.11
C ALA A 167 18.56 -8.73 30.89
N GLY A 168 18.19 -7.65 30.18
CA GLY A 168 17.64 -6.43 30.74
C GLY A 168 16.28 -6.64 31.40
N SER A 169 15.40 -7.42 30.75
CA SER A 169 14.05 -7.65 31.24
C SER A 169 13.39 -8.74 30.42
N LEU A 170 12.25 -9.27 30.90
CA LEU A 170 11.37 -10.13 30.11
C LEU A 170 10.98 -9.40 28.83
N ASP A 171 10.83 -8.09 28.94
CA ASP A 171 10.32 -7.29 27.82
C ASP A 171 11.34 -7.34 26.67
N GLU A 172 12.61 -7.17 27.03
CA GLU A 172 13.68 -7.14 26.05
C GLU A 172 13.75 -8.47 25.32
N ILE A 173 13.63 -9.54 26.09
CA ILE A 173 13.65 -10.89 25.58
C ILE A 173 12.55 -11.06 24.55
N ILE A 174 11.32 -10.70 24.95
CA ILE A 174 10.17 -10.89 24.09
C ILE A 174 10.32 -10.04 22.83
N PHE A 175 10.75 -8.80 23.00
CA PHE A 175 10.93 -7.90 21.86
C PHE A 175 11.93 -8.45 20.84
N CYS A 176 13.09 -8.96 21.28
CA CYS A 176 14.13 -9.08 20.27
C CYS A 176 15.08 -10.28 20.40
N TYR A 177 14.86 -11.18 21.37
CA TYR A 177 15.73 -12.35 21.45
C TYR A 177 15.36 -13.30 20.30
N PRO A 178 16.29 -13.60 19.37
CA PRO A 178 15.95 -14.40 18.19
C PRO A 178 15.61 -15.86 18.54
N GLY A 179 16.22 -16.38 19.62
CA GLY A 179 15.91 -17.70 20.09
C GLY A 179 14.41 -17.86 20.39
N LEU A 180 13.84 -16.86 21.06
CA LEU A 180 12.44 -16.95 21.42
C LEU A 180 11.55 -16.91 20.17
N HIS A 181 11.94 -16.07 19.20
CA HIS A 181 11.20 -15.96 17.94
C HIS A 181 11.19 -17.29 17.18
N ALA A 182 12.36 -17.91 17.04
CA ALA A 182 12.50 -19.14 16.29
C ALA A 182 11.71 -20.27 16.96
N VAL A 183 11.73 -20.28 18.30
CA VAL A 183 11.06 -21.33 19.05
C VAL A 183 9.55 -21.15 18.97
N THR A 184 9.09 -19.88 19.01
CA THR A 184 7.68 -19.57 18.86
C THR A 184 7.17 -20.13 17.53
N ILE A 185 7.88 -19.83 16.43
CA ILE A 185 7.45 -20.31 15.13
C ILE A 185 7.49 -21.84 15.11
N TYR A 186 8.58 -22.42 15.63
CA TYR A 186 8.72 -23.86 15.71
C TYR A 186 7.53 -24.50 16.42
N ARG A 187 7.12 -23.94 17.56
CA ARG A 187 6.07 -24.60 18.33
C ARG A 187 4.76 -24.57 17.55
N LEU A 188 4.51 -23.47 16.80
CA LEU A 188 3.33 -23.41 15.94
C LEU A 188 3.41 -24.44 14.83
N ALA A 189 4.56 -24.50 14.14
CA ALA A 189 4.79 -25.41 13.02
C ALA A 189 4.68 -26.85 13.49
N HIS A 190 5.11 -27.10 14.74
CA HIS A 190 5.17 -28.45 15.27
C HIS A 190 3.75 -28.99 15.46
N GLU A 191 2.83 -28.15 15.93
CA GLU A 191 1.45 -28.56 16.13
C GLU A 191 0.82 -28.93 14.80
N LEU A 192 1.17 -28.17 13.74
CA LEU A 192 0.67 -28.46 12.39
C LEU A 192 1.29 -29.75 11.86
N TYR A 193 2.56 -29.98 12.18
CA TYR A 193 3.21 -31.23 11.81
C TYR A 193 2.51 -32.41 12.48
N LEU A 194 2.20 -32.32 13.77
CA LEU A 194 1.50 -33.39 14.49
C LEU A 194 0.12 -33.64 13.88
N LEU A 195 -0.46 -32.65 13.18
CA LEU A 195 -1.77 -32.79 12.53
C LEU A 195 -1.61 -33.17 11.07
N ASP A 196 -0.40 -33.60 10.66
CA ASP A 196 -0.15 -34.10 9.31
C ASP A 196 -0.52 -33.07 8.25
N VAL A 197 -0.19 -31.80 8.50
CA VAL A 197 -0.35 -30.79 7.48
C VAL A 197 0.91 -30.78 6.61
N PRO A 198 0.80 -31.08 5.30
CA PRO A 198 1.94 -30.97 4.39
C PRO A 198 2.34 -29.50 4.14
N LEU A 199 3.61 -29.29 3.78
CA LEU A 199 4.18 -28.04 3.27
C LEU A 199 4.31 -26.98 4.36
N ILE A 200 3.18 -26.68 5.04
CA ILE A 200 3.06 -25.47 5.85
C ILE A 200 4.05 -25.46 7.03
N PRO A 201 4.23 -26.59 7.77
CA PRO A 201 5.20 -26.61 8.87
C PRO A 201 6.63 -26.21 8.47
N ARG A 202 7.14 -26.74 7.37
CA ARG A 202 8.49 -26.48 6.87
C ARG A 202 8.57 -25.05 6.33
N MET A 203 7.46 -24.58 5.72
CA MET A 203 7.41 -23.19 5.27
C MET A 203 7.60 -22.25 6.46
N LEU A 204 6.96 -22.57 7.59
CA LEU A 204 7.09 -21.76 8.81
C LEU A 204 8.50 -21.82 9.38
N THR A 205 9.07 -23.03 9.58
CA THR A 205 10.36 -23.12 10.24
C THR A 205 11.44 -22.48 9.38
N GLU A 206 11.32 -22.60 8.04
CA GLU A 206 12.30 -22.04 7.13
C GLU A 206 12.21 -20.51 7.11
N TRP A 207 10.99 -19.99 7.27
CA TRP A 207 10.81 -18.55 7.48
C TRP A 207 11.59 -18.09 8.73
N ALA A 208 11.38 -18.76 9.87
CA ALA A 208 12.10 -18.45 11.09
C ALA A 208 13.62 -18.60 10.87
N HIS A 209 14.01 -19.67 10.16
CA HIS A 209 15.41 -19.95 9.86
C HIS A 209 16.03 -18.75 9.16
N SER A 210 15.31 -18.24 8.16
CA SER A 210 15.73 -17.09 7.38
C SER A 210 15.93 -15.85 8.28
N GLN A 211 15.07 -15.68 9.30
CA GLN A 211 15.10 -14.47 10.10
C GLN A 211 16.14 -14.56 11.22
N THR A 212 16.57 -15.77 11.62
CA THR A 212 17.34 -15.91 12.86
C THR A 212 18.61 -16.74 12.68
N GLY A 213 18.81 -17.34 11.51
CA GLY A 213 19.85 -18.36 11.37
C GLY A 213 19.65 -19.63 12.22
N ILE A 214 18.46 -19.83 12.83
CA ILE A 214 18.16 -20.99 13.66
C ILE A 214 17.29 -21.95 12.84
N ASP A 215 17.78 -23.17 12.65
CA ASP A 215 17.19 -24.13 11.71
C ASP A 215 16.64 -25.31 12.51
N ILE A 216 15.34 -25.25 12.88
CA ILE A 216 14.71 -26.32 13.62
C ILE A 216 13.74 -27.03 12.68
N HIS A 217 13.90 -28.34 12.49
CA HIS A 217 12.94 -29.12 11.74
C HIS A 217 11.62 -29.12 12.49
N PRO A 218 10.46 -28.94 11.79
CA PRO A 218 9.16 -28.95 12.48
C PRO A 218 8.85 -30.26 13.23
N GLY A 219 9.54 -31.35 12.86
CA GLY A 219 9.28 -32.65 13.44
C GLY A 219 9.92 -32.84 14.82
N ALA A 220 10.86 -31.95 15.18
CA ALA A 220 11.57 -32.04 16.45
C ALA A 220 10.58 -31.98 17.61
N THR A 221 10.91 -32.71 18.67
CA THR A 221 10.16 -32.69 19.92
C THR A 221 10.96 -31.93 20.97
N ILE A 222 10.37 -30.88 21.56
CA ILE A 222 11.13 -30.01 22.43
C ILE A 222 10.22 -29.66 23.60
N GLY A 223 10.68 -29.96 24.82
CA GLY A 223 9.94 -29.70 26.04
C GLY A 223 9.95 -28.23 26.43
N HIS A 224 9.37 -27.93 27.61
CA HIS A 224 9.17 -26.56 28.03
C HIS A 224 10.48 -25.98 28.56
N SER A 225 10.49 -24.66 28.79
CA SER A 225 11.64 -23.96 29.33
C SER A 225 12.87 -24.18 28.46
N PHE A 226 12.67 -24.14 27.13
CA PHE A 226 13.76 -24.25 26.16
C PHE A 226 14.31 -22.86 25.86
N PHE A 227 15.64 -22.74 25.67
CA PHE A 227 16.24 -21.45 25.38
C PHE A 227 17.41 -21.64 24.44
N ILE A 228 17.41 -20.87 23.34
CA ILE A 228 18.58 -20.75 22.48
C ILE A 228 19.11 -19.33 22.62
N ASP A 229 20.37 -19.22 23.06
CA ASP A 229 21.06 -17.95 23.14
C ASP A 229 21.93 -17.74 21.90
N HIS A 230 21.83 -16.55 21.30
CA HIS A 230 22.57 -16.17 20.11
C HIS A 230 22.01 -16.87 18.89
N GLY A 231 22.26 -18.17 18.75
CA GLY A 231 21.41 -19.00 17.91
C GLY A 231 21.87 -19.18 16.47
N THR A 232 22.57 -18.21 15.88
CA THR A 232 22.95 -18.37 14.49
C THR A 232 23.69 -19.68 14.29
N GLY A 233 23.23 -20.47 13.30
CA GLY A 233 23.94 -21.67 12.90
C GLY A 233 23.47 -22.92 13.65
N VAL A 234 22.50 -22.79 14.56
CA VAL A 234 21.92 -23.95 15.22
C VAL A 234 21.11 -24.75 14.20
N VAL A 235 21.28 -26.08 14.25
CA VAL A 235 20.51 -27.03 13.45
C VAL A 235 20.00 -28.16 14.34
N ILE A 236 18.68 -28.42 14.29
CA ILE A 236 18.04 -29.45 15.09
C ILE A 236 17.20 -30.31 14.15
N GLY A 237 17.46 -31.61 14.12
CA GLY A 237 16.91 -32.50 13.12
C GLY A 237 15.52 -33.01 13.52
N GLU A 238 14.89 -33.63 12.53
CA GLU A 238 13.49 -34.01 12.55
C GLU A 238 13.16 -34.90 13.75
N THR A 239 14.11 -35.77 14.09
CA THR A 239 13.86 -36.88 14.99
C THR A 239 14.44 -36.56 16.37
N CYS A 240 14.94 -35.34 16.52
CA CYS A 240 15.62 -34.96 17.75
C CYS A 240 14.58 -34.82 18.86
N GLU A 241 14.91 -35.28 20.08
CA GLU A 241 14.02 -35.16 21.22
C GLU A 241 14.72 -34.42 22.35
N ILE A 242 14.14 -33.30 22.78
CA ILE A 242 14.77 -32.43 23.76
C ILE A 242 13.76 -32.30 24.90
N ALA A 243 14.24 -32.52 26.13
CA ALA A 243 13.36 -32.51 27.29
C ALA A 243 13.21 -31.07 27.81
N ASN A 244 12.98 -30.91 29.12
CA ASN A 244 12.69 -29.62 29.73
C ASN A 244 13.97 -28.95 30.21
N HIS A 245 13.97 -27.61 30.28
CA HIS A 245 15.03 -26.82 30.89
C HIS A 245 16.37 -26.97 30.18
N VAL A 246 16.35 -27.12 28.86
CA VAL A 246 17.56 -27.23 28.08
C VAL A 246 17.94 -25.87 27.50
N LYS A 247 19.24 -25.64 27.38
CA LYS A 247 19.77 -24.41 26.82
C LYS A 247 20.86 -24.74 25.80
N LEU A 248 20.77 -24.14 24.60
CA LEU A 248 21.80 -24.27 23.56
C LEU A 248 22.33 -22.88 23.18
N TYR A 249 23.52 -22.85 22.55
CA TYR A 249 24.18 -21.64 22.11
C TYR A 249 24.33 -21.68 20.59
N GLN A 250 24.95 -20.64 20.00
CA GLN A 250 25.09 -20.52 18.55
C GLN A 250 25.89 -21.70 18.02
N GLY A 251 25.62 -22.10 16.77
CA GLY A 251 26.41 -23.08 16.04
C GLY A 251 26.25 -24.53 16.51
N VAL A 252 25.31 -24.79 17.43
CA VAL A 252 25.09 -26.16 17.89
C VAL A 252 24.38 -26.98 16.81
N THR A 253 24.89 -28.18 16.52
CA THR A 253 24.21 -29.15 15.66
C THR A 253 23.72 -30.33 16.51
N LEU A 254 22.40 -30.61 16.41
CA LEU A 254 21.83 -31.85 16.91
C LEU A 254 21.34 -32.62 15.70
N GLY A 255 22.25 -33.38 15.09
CA GLY A 255 22.13 -33.90 13.73
C GLY A 255 22.33 -35.41 13.63
N ALA A 256 22.43 -35.89 12.38
CA ALA A 256 22.54 -37.29 12.02
C ALA A 256 24.01 -37.63 11.75
N LEU A 257 24.38 -38.91 11.93
CA LEU A 257 25.69 -39.43 11.55
C LEU A 257 25.84 -39.43 10.03
N SER A 258 27.06 -39.13 9.56
CA SER A 258 27.41 -39.09 8.15
C SER A 258 27.29 -40.47 7.52
N PHE A 259 27.65 -41.52 8.27
CA PHE A 259 27.68 -42.88 7.73
C PHE A 259 26.89 -43.82 8.65
N PRO A 260 27.46 -44.25 9.81
CA PRO A 260 27.12 -45.53 10.45
C PRO A 260 25.91 -45.50 11.40
N ARG A 270 11.21 -40.66 10.45
CA ARG A 270 10.48 -40.98 11.71
C ARG A 270 11.28 -42.04 12.49
N HIS A 271 12.00 -42.90 11.76
CA HIS A 271 13.09 -43.71 12.29
C HIS A 271 14.16 -42.78 12.88
N LYS A 272 14.54 -43.01 14.15
CA LYS A 272 15.29 -42.04 14.92
C LYS A 272 16.75 -41.97 14.47
N ARG A 273 17.17 -40.80 13.95
CA ARG A 273 18.51 -40.56 13.45
C ARG A 273 19.17 -39.37 14.15
N HIS A 274 18.46 -38.74 15.10
CA HIS A 274 18.94 -37.51 15.73
C HIS A 274 18.93 -37.71 17.24
N PRO A 275 19.76 -36.98 18.02
CA PRO A 275 19.96 -37.28 19.44
C PRO A 275 18.76 -37.03 20.35
N THR A 276 18.85 -37.55 21.57
CA THR A 276 17.93 -37.27 22.65
C THR A 276 18.67 -36.47 23.71
N ILE A 277 18.10 -35.33 24.12
CA ILE A 277 18.69 -34.49 25.14
C ILE A 277 17.73 -34.50 26.33
N GLU A 278 18.21 -34.96 27.49
CA GLU A 278 17.43 -35.04 28.72
C GLU A 278 17.39 -33.66 29.39
N ASP A 279 16.67 -33.57 30.51
CA ASP A 279 16.38 -32.31 31.19
C ASP A 279 17.65 -31.62 31.70
N HIS A 280 17.62 -30.28 31.71
CA HIS A 280 18.59 -29.45 32.40
C HIS A 280 19.97 -29.51 31.76
N VAL A 281 20.07 -30.03 30.54
CA VAL A 281 21.32 -30.05 29.80
C VAL A 281 21.60 -28.65 29.21
N VAL A 282 22.89 -28.29 29.19
CA VAL A 282 23.38 -27.07 28.54
C VAL A 282 24.39 -27.51 27.48
N ILE A 283 24.27 -26.95 26.26
CA ILE A 283 25.18 -27.24 25.16
C ILE A 283 25.76 -25.93 24.64
N TYR A 284 27.08 -25.79 24.77
CA TYR A 284 27.77 -24.54 24.50
C TYR A 284 28.09 -24.40 23.00
N ALA A 285 28.66 -23.24 22.64
CA ALA A 285 28.73 -22.79 21.26
C ALA A 285 29.48 -23.81 20.40
N ASN A 286 28.92 -24.15 19.23
CA ASN A 286 29.67 -24.86 18.20
C ASN A 286 29.87 -26.34 18.56
N ALA A 287 29.17 -26.85 19.58
CA ALA A 287 29.16 -28.29 19.82
C ALA A 287 28.36 -29.00 18.72
N THR A 288 28.72 -30.27 18.45
CA THR A 288 28.02 -31.16 17.54
C THR A 288 27.68 -32.46 18.27
N VAL A 289 26.39 -32.82 18.29
CA VAL A 289 25.94 -34.07 18.86
C VAL A 289 25.17 -34.81 17.77
N LEU A 290 25.66 -35.99 17.41
CA LEU A 290 25.12 -36.74 16.28
C LEU A 290 24.64 -38.13 16.72
N GLY A 291 23.57 -38.59 16.04
CA GLY A 291 23.17 -39.99 16.02
C GLY A 291 21.87 -40.25 16.77
N GLY A 292 21.07 -41.17 16.22
CA GLY A 292 19.78 -41.54 16.78
C GLY A 292 19.88 -42.28 18.11
N GLU A 293 21.05 -42.84 18.41
CA GLU A 293 21.18 -43.55 19.68
C GLU A 293 22.01 -42.75 20.68
N THR A 294 22.43 -41.53 20.33
CA THR A 294 23.13 -40.67 21.27
C THR A 294 22.14 -40.04 22.25
N VAL A 295 22.26 -40.39 23.54
CA VAL A 295 21.45 -39.81 24.60
C VAL A 295 22.34 -38.94 25.51
N ILE A 296 22.00 -37.65 25.66
CA ILE A 296 22.73 -36.78 26.57
C ILE A 296 21.95 -36.70 27.88
N GLY A 297 22.57 -37.18 28.97
CA GLY A 297 21.89 -37.46 30.22
C GLY A 297 21.59 -36.20 31.02
N SER A 298 20.55 -36.31 31.84
CA SER A 298 20.04 -35.26 32.70
C SER A 298 21.18 -34.49 33.36
N HIS A 299 21.13 -33.16 33.26
CA HIS A 299 22.04 -32.25 33.93
C HIS A 299 23.47 -32.29 33.39
N ALA A 300 23.72 -33.01 32.28
CA ALA A 300 25.01 -32.97 31.62
C ALA A 300 25.31 -31.57 31.09
N VAL A 301 26.60 -31.31 30.83
CA VAL A 301 27.05 -30.08 30.20
C VAL A 301 27.94 -30.50 29.02
N ILE A 302 27.60 -30.04 27.81
CA ILE A 302 28.43 -30.28 26.64
C ILE A 302 29.16 -28.97 26.33
N GLY A 303 30.49 -28.99 26.46
CA GLY A 303 31.27 -27.78 26.31
C GLY A 303 31.40 -27.35 24.86
N SER A 304 31.87 -26.12 24.70
CA SER A 304 32.11 -25.48 23.44
C SER A 304 32.97 -26.39 22.55
N SER A 305 32.55 -26.55 21.28
CA SER A 305 33.29 -27.22 20.23
C SER A 305 33.42 -28.72 20.44
N VAL A 306 32.72 -29.27 21.44
CA VAL A 306 32.73 -30.71 21.65
C VAL A 306 31.95 -31.37 20.53
N SER A 307 32.53 -32.45 19.99
CA SER A 307 31.91 -33.25 18.94
C SER A 307 31.71 -34.68 19.45
N LEU A 308 30.45 -35.13 19.61
CA LEU A 308 30.09 -36.40 20.24
C LEU A 308 29.18 -37.21 19.33
N SER A 309 29.41 -38.53 19.29
CA SER A 309 28.51 -39.48 18.63
C SER A 309 28.16 -40.63 19.57
N HIS A 310 28.23 -40.42 20.88
CA HIS A 310 27.86 -41.45 21.84
C HIS A 310 27.20 -40.79 23.06
N SER A 311 26.41 -41.59 23.79
CA SER A 311 25.69 -41.13 24.97
C SER A 311 26.64 -40.66 26.06
N VAL A 312 26.10 -39.80 26.92
CA VAL A 312 26.82 -39.22 28.05
C VAL A 312 25.93 -39.41 29.27
N PRO A 313 26.45 -39.92 30.41
CA PRO A 313 25.61 -40.19 31.57
C PRO A 313 25.16 -38.88 32.22
N PRO A 314 24.11 -38.91 33.05
CA PRO A 314 23.71 -37.73 33.81
C PRO A 314 24.89 -37.11 34.55
N ASN A 315 24.84 -35.77 34.72
CA ASN A 315 25.72 -34.98 35.58
C ASN A 315 27.17 -35.02 35.12
N THR A 316 27.40 -35.35 33.84
CA THR A 316 28.74 -35.32 33.28
C THR A 316 29.00 -34.01 32.53
N ILE A 317 30.12 -33.36 32.83
CA ILE A 317 30.63 -32.23 32.06
C ILE A 317 31.66 -32.76 31.07
N VAL A 318 31.37 -32.57 29.77
CA VAL A 318 32.23 -33.02 28.69
C VAL A 318 32.85 -31.78 28.05
N THR A 319 34.18 -31.76 27.94
CA THR A 319 34.92 -30.64 27.37
C THR A 319 35.99 -31.19 26.44
N ILE A 320 36.44 -30.36 25.49
CA ILE A 320 37.51 -30.72 24.57
C ILE A 320 38.81 -30.79 25.37
N GLU A 321 39.75 -31.60 24.89
CA GLU A 321 41.12 -31.53 25.36
C GLU A 321 41.63 -30.12 25.06
N LYS A 322 42.39 -29.54 25.99
CA LYS A 322 43.04 -28.28 25.70
C LYS A 322 43.63 -28.33 24.29
N PRO A 323 43.29 -27.39 23.38
CA PRO A 323 43.86 -27.38 22.02
C PRO A 323 45.37 -27.18 21.97
N SER A 324 46.05 -27.85 21.03
CA SER A 324 47.45 -27.58 20.78
C SER A 324 47.57 -26.49 19.73
N LEU A 325 48.08 -25.33 20.17
CA LEU A 325 48.21 -24.19 19.28
C LEU A 325 49.69 -23.96 18.98
N ARG A 326 49.96 -23.34 17.83
CA ARG A 326 51.29 -22.98 17.37
C ARG A 326 51.42 -21.47 17.48
N TYR A 327 52.52 -21.00 18.08
CA TYR A 327 52.78 -19.58 18.31
C TYR A 327 54.09 -19.20 17.61
N ARG A 328 54.04 -18.14 16.82
CA ARG A 328 55.25 -17.67 16.16
C ARG A 328 55.25 -16.14 16.09
N GLU A 329 56.46 -15.55 16.07
CA GLU A 329 56.66 -14.13 15.89
C GLU A 329 56.36 -13.77 14.44
N ALA A 330 55.74 -12.61 14.20
CA ALA A 330 55.20 -12.29 12.88
C ALA A 330 56.32 -11.94 11.89
N GLY B 13 -38.30 -15.00 -15.34
CA GLY B 13 -37.14 -15.33 -14.47
C GLY B 13 -36.94 -16.84 -14.27
N LEU B 14 -37.09 -17.62 -15.34
CA LEU B 14 -36.73 -19.04 -15.36
C LEU B 14 -35.22 -19.17 -15.11
N VAL B 15 -34.80 -19.93 -14.09
CA VAL B 15 -33.37 -20.13 -13.89
C VAL B 15 -32.90 -21.24 -14.85
N PRO B 16 -32.02 -20.93 -15.83
CA PRO B 16 -31.64 -21.94 -16.83
C PRO B 16 -30.99 -23.15 -16.16
N ARG B 17 -31.12 -24.32 -16.80
CA ARG B 17 -30.55 -25.54 -16.25
C ARG B 17 -29.02 -25.46 -16.30
N GLY B 18 -28.38 -25.99 -15.27
CA GLY B 18 -26.93 -25.96 -15.20
C GLY B 18 -26.41 -24.75 -14.42
N SER B 19 -27.31 -23.83 -14.05
CA SER B 19 -26.97 -22.54 -13.47
C SER B 19 -26.15 -22.68 -12.20
N HIS B 20 -26.42 -23.77 -11.43
CA HIS B 20 -25.89 -23.93 -10.09
C HIS B 20 -24.66 -24.83 -10.05
N MET B 21 -24.15 -25.27 -11.21
CA MET B 21 -22.86 -25.92 -11.24
C MET B 21 -21.75 -24.90 -10.97
N ALA B 22 -20.59 -25.42 -10.52
CA ALA B 22 -19.41 -24.60 -10.30
C ALA B 22 -18.87 -24.09 -11.64
N THR B 23 -18.09 -23.01 -11.58
CA THR B 23 -17.32 -22.52 -12.72
C THR B 23 -16.68 -23.69 -13.47
N ASP B 24 -16.86 -23.68 -14.79
CA ASP B 24 -16.25 -24.67 -15.66
C ASP B 24 -14.94 -24.08 -16.19
N LEU B 25 -13.87 -24.62 -15.62
CA LEU B 25 -12.51 -24.16 -15.84
C LEU B 25 -12.07 -24.34 -17.29
N ARG B 26 -12.64 -25.32 -18.01
CA ARG B 26 -12.21 -25.46 -19.39
C ARG B 26 -12.80 -24.37 -20.29
N LEU B 27 -13.80 -23.60 -19.81
CA LEU B 27 -14.29 -22.48 -20.60
C LEU B 27 -13.24 -21.37 -20.65
N LYS B 28 -12.29 -21.36 -19.68
CA LYS B 28 -11.21 -20.39 -19.69
C LYS B 28 -10.34 -20.55 -20.93
N ASP B 29 -10.47 -21.69 -21.65
CA ASP B 29 -9.74 -21.96 -22.87
C ASP B 29 -10.15 -21.01 -23.98
N GLN B 30 -11.34 -20.42 -23.86
CA GLN B 30 -11.81 -19.45 -24.85
C GLN B 30 -11.19 -18.06 -24.65
N LEU B 31 -10.53 -17.79 -23.50
CA LEU B 31 -10.17 -16.41 -23.14
C LEU B 31 -9.08 -15.89 -24.09
N PRO B 32 -8.04 -16.68 -24.43
CA PRO B 32 -7.04 -16.27 -25.41
C PRO B 32 -7.62 -15.72 -26.71
N GLU B 33 -8.73 -16.32 -27.17
CA GLU B 33 -9.33 -15.93 -28.43
C GLU B 33 -10.04 -14.56 -28.31
N ILE B 34 -10.79 -14.40 -27.22
CA ILE B 34 -11.37 -13.13 -26.81
C ILE B 34 -10.27 -12.05 -26.74
N THR B 35 -9.13 -12.39 -26.11
CA THR B 35 -8.01 -11.46 -26.03
C THR B 35 -7.54 -11.05 -27.43
N ASP B 36 -7.43 -12.02 -28.34
CA ASP B 36 -6.98 -11.72 -29.70
C ASP B 36 -7.97 -10.81 -30.41
N ARG B 37 -9.28 -11.05 -30.21
CA ARG B 37 -10.25 -10.18 -30.87
C ARG B 37 -10.17 -8.75 -30.34
N ILE B 38 -9.87 -8.60 -29.04
CA ILE B 38 -9.70 -7.27 -28.44
C ILE B 38 -8.49 -6.58 -29.05
N VAL B 39 -7.37 -7.30 -29.17
CA VAL B 39 -6.17 -6.72 -29.76
C VAL B 39 -6.45 -6.36 -31.23
N GLU B 40 -7.18 -7.21 -31.96
CA GLU B 40 -7.54 -6.92 -33.32
C GLU B 40 -8.31 -5.60 -33.36
N SER B 41 -9.20 -5.40 -32.38
CA SER B 41 -10.02 -4.19 -32.40
C SER B 41 -9.15 -2.94 -32.23
N TYR B 42 -7.94 -3.06 -31.69
CA TYR B 42 -7.03 -1.93 -31.57
C TYR B 42 -6.52 -1.51 -32.95
N ARG B 43 -6.32 -2.49 -33.83
CA ARG B 43 -5.91 -2.25 -35.22
C ARG B 43 -7.07 -1.59 -35.97
N ASP B 44 -8.30 -2.03 -35.70
CA ASP B 44 -9.44 -1.55 -36.47
C ASP B 44 -9.91 -0.19 -35.99
N PHE B 45 -9.82 0.10 -34.68
CA PHE B 45 -10.26 1.37 -34.12
C PHE B 45 -9.12 2.06 -33.39
N ALA B 46 -8.31 2.79 -34.13
CA ALA B 46 -7.02 3.25 -33.60
C ALA B 46 -7.13 4.62 -32.93
N THR B 47 -8.31 5.27 -33.05
CA THR B 47 -8.49 6.59 -32.48
C THR B 47 -8.57 6.57 -30.95
N THR B 48 -8.93 5.44 -30.34
CA THR B 48 -9.20 5.36 -28.90
C THR B 48 -8.13 4.54 -28.15
N HIS B 49 -6.92 4.49 -28.71
CA HIS B 49 -5.78 4.00 -27.95
C HIS B 49 -4.56 4.88 -28.24
N HIS B 50 -3.52 4.76 -27.41
CA HIS B 50 -2.23 5.35 -27.71
C HIS B 50 -1.14 4.31 -27.50
N LEU B 51 -1.07 3.33 -28.40
CA LEU B 51 -0.09 2.27 -28.30
C LEU B 51 1.20 2.69 -29.00
N GLY B 52 2.36 2.48 -28.35
CA GLY B 52 3.62 2.81 -28.99
C GLY B 52 4.69 3.21 -27.99
N HIS B 53 5.74 3.88 -28.47
CA HIS B 53 6.91 4.07 -27.63
C HIS B 53 7.03 5.47 -27.03
N CYS B 54 5.97 6.30 -27.20
CA CYS B 54 5.95 7.75 -26.96
C CYS B 54 4.86 8.04 -25.96
N PRO B 55 5.13 7.78 -24.67
CA PRO B 55 4.06 7.82 -23.70
C PRO B 55 3.49 9.23 -23.71
N LEU B 56 2.17 9.30 -23.58
CA LEU B 56 1.45 10.52 -23.24
C LEU B 56 1.71 10.90 -21.78
N PRO B 57 1.30 12.12 -21.35
CA PRO B 57 1.28 12.48 -19.92
C PRO B 57 0.37 11.53 -19.14
N SER B 58 0.68 11.33 -17.85
CA SER B 58 -0.10 10.41 -17.03
C SER B 58 -1.12 11.19 -16.19
N SER B 59 -2.39 10.77 -16.19
CA SER B 59 -3.42 11.37 -15.34
C SER B 59 -2.97 11.44 -13.88
N GLU B 60 -2.44 10.32 -13.38
CA GLU B 60 -2.03 10.18 -11.99
C GLU B 60 -0.81 11.07 -11.69
N ALA B 61 0.14 11.20 -12.64
CA ALA B 61 1.27 12.09 -12.41
C ALA B 61 0.79 13.54 -12.32
N VAL B 62 -0.17 13.90 -13.19
CA VAL B 62 -0.70 15.25 -13.19
C VAL B 62 -1.45 15.52 -11.87
N TYR B 63 -2.24 14.54 -11.40
CA TYR B 63 -2.93 14.69 -10.12
CA TYR B 63 -2.93 14.66 -10.12
C TYR B 63 -1.93 14.88 -8.97
N GLU B 64 -0.88 14.07 -8.92
CA GLU B 64 0.16 14.16 -7.91
C GLU B 64 0.83 15.54 -7.95
N ILE B 65 1.25 16.00 -9.14
CA ILE B 65 1.73 17.35 -9.29
C ILE B 65 0.77 18.35 -8.62
N ALA B 66 -0.54 18.23 -8.93
CA ALA B 66 -1.53 19.14 -8.38
C ALA B 66 -1.52 19.10 -6.85
N GLN B 67 -1.37 17.90 -6.26
CA GLN B 67 -1.35 17.74 -4.80
C GLN B 67 -0.16 18.47 -4.21
N ASP B 68 1.01 18.30 -4.83
CA ASP B 68 2.22 18.92 -4.37
C ASP B 68 2.14 20.45 -4.44
N LEU B 69 1.53 20.98 -5.51
CA LEU B 69 1.40 22.42 -5.66
C LEU B 69 0.48 22.96 -4.57
N GLN B 70 -0.59 22.21 -4.29
CA GLN B 70 -1.53 22.61 -3.26
C GLN B 70 -0.86 22.60 -1.88
N GLU B 71 0.06 21.67 -1.63
CA GLU B 71 0.80 21.66 -0.38
C GLU B 71 1.65 22.92 -0.24
N ILE B 72 2.26 23.36 -1.34
CA ILE B 72 3.07 24.58 -1.32
C ILE B 72 2.16 25.80 -1.08
N LEU B 73 0.97 25.82 -1.67
CA LEU B 73 0.11 27.00 -1.59
C LEU B 73 -0.59 27.11 -0.24
N PHE B 74 -0.95 25.97 0.38
CA PHE B 74 -1.73 25.96 1.60
C PHE B 74 -1.10 25.05 2.66
N PRO B 75 0.19 25.22 3.04
CA PRO B 75 0.81 24.31 4.00
C PRO B 75 0.09 24.43 5.35
N GLY B 76 -0.14 23.28 6.01
CA GLY B 76 -0.86 23.21 7.27
C GLY B 76 -2.33 22.79 7.10
N TYR B 77 -2.83 22.80 5.84
CA TYR B 77 -4.23 22.57 5.55
C TYR B 77 -4.41 21.33 4.67
N ARG B 78 -3.33 20.61 4.35
CA ARG B 78 -3.38 19.55 3.36
C ARG B 78 -2.93 18.24 4.02
N ARG B 79 -1.87 17.61 3.50
CA ARG B 79 -1.40 16.32 4.00
C ARG B 79 -0.59 16.47 5.30
N ARG B 80 0.31 17.47 5.42
CA ARG B 80 1.14 17.57 6.62
C ARG B 80 0.52 18.53 7.62
N GLN B 81 0.55 18.17 8.92
CA GLN B 81 0.00 19.01 9.99
C GLN B 81 1.09 19.44 10.98
N ASN B 82 2.34 19.08 10.72
CA ASN B 82 3.44 19.32 11.65
C ASN B 82 4.41 20.33 11.03
N LEU B 83 3.92 21.24 10.20
CA LEU B 83 4.80 22.19 9.52
C LEU B 83 4.90 23.48 10.33
N HIS B 84 6.12 23.97 10.51
CA HIS B 84 6.39 25.22 11.22
C HIS B 84 7.54 25.93 10.54
N MET B 85 7.85 27.14 10.99
CA MET B 85 8.84 27.90 10.22
C MET B 85 10.21 27.22 10.25
N GLY B 86 10.47 26.36 11.26
CA GLY B 86 11.73 25.66 11.41
C GLY B 86 11.92 24.48 10.46
N ASN B 87 10.83 23.92 9.90
CA ASN B 87 10.95 22.78 8.99
C ASN B 87 10.34 23.03 7.59
N VAL B 88 9.64 24.16 7.39
CA VAL B 88 8.87 24.32 6.17
C VAL B 88 9.77 24.42 4.95
N THR B 89 11.00 24.92 5.14
CA THR B 89 11.97 25.02 4.05
C THR B 89 12.26 23.63 3.47
N TYR B 90 12.34 22.64 4.36
CA TYR B 90 12.72 21.30 3.94
C TYR B 90 11.59 20.70 3.09
N HIS B 91 10.37 20.85 3.62
CA HIS B 91 9.14 20.42 2.96
C HIS B 91 9.01 21.05 1.56
N VAL B 92 9.06 22.39 1.50
CA VAL B 92 8.92 23.13 0.25
C VAL B 92 10.06 22.80 -0.72
N GLY B 93 11.29 22.80 -0.21
CA GLY B 93 12.48 22.57 -1.04
C GLY B 93 12.39 21.23 -1.78
N ASP B 94 11.94 20.22 -1.05
CA ASP B 94 11.80 18.87 -1.55
C ASP B 94 10.68 18.78 -2.58
N LEU B 95 9.54 19.43 -2.27
CA LEU B 95 8.45 19.49 -3.24
C LEU B 95 8.85 20.21 -4.53
N VAL B 96 9.56 21.34 -4.40
CA VAL B 96 9.96 22.08 -5.58
C VAL B 96 10.90 21.23 -6.44
N ASP B 97 11.84 20.54 -5.79
CA ASP B 97 12.81 19.70 -6.47
C ASP B 97 12.09 18.61 -7.29
N SER B 98 11.16 17.92 -6.63
CA SER B 98 10.39 16.86 -7.24
C SER B 98 9.46 17.39 -8.35
N LEU B 99 8.81 18.56 -8.10
CA LEU B 99 7.95 19.19 -9.09
C LEU B 99 8.73 19.56 -10.36
N HIS B 100 9.97 20.04 -10.19
CA HIS B 100 10.81 20.43 -11.31
C HIS B 100 10.96 19.23 -12.25
N ASP B 101 11.25 18.05 -11.67
CA ASP B 101 11.46 16.83 -12.44
C ASP B 101 10.15 16.34 -13.07
N ARG B 102 9.09 16.28 -12.27
CA ARG B 102 7.84 15.68 -12.73
C ARG B 102 7.12 16.59 -13.71
N LEU B 103 7.01 17.90 -13.41
CA LEU B 103 6.40 18.80 -14.37
C LEU B 103 7.19 18.84 -15.66
N THR B 104 8.54 18.83 -15.57
CA THR B 104 9.35 18.85 -16.80
C THR B 104 8.98 17.67 -17.69
N GLN B 105 8.90 16.49 -17.07
CA GLN B 105 8.67 15.25 -17.79
C GLN B 105 7.28 15.26 -18.42
N GLN B 106 6.26 15.65 -17.64
CA GLN B 106 4.89 15.65 -18.12
C GLN B 106 4.68 16.67 -19.23
N ILE B 107 5.25 17.86 -19.08
CA ILE B 107 5.10 18.91 -20.05
C ILE B 107 5.80 18.51 -21.34
N ALA B 108 6.99 17.89 -21.23
CA ALA B 108 7.74 17.50 -22.41
C ALA B 108 6.93 16.48 -23.21
N ARG B 109 6.27 15.55 -22.51
CA ARG B 109 5.48 14.55 -23.22
C ARG B 109 4.30 15.22 -23.91
N ALA B 110 3.72 16.25 -23.25
CA ALA B 110 2.60 16.97 -23.84
C ALA B 110 3.07 17.68 -25.10
N LEU B 111 4.22 18.36 -25.00
CA LEU B 111 4.73 19.13 -26.13
C LEU B 111 5.10 18.21 -27.29
N ARG B 112 5.80 17.10 -27.01
CA ARG B 112 6.25 16.18 -28.05
C ARG B 112 5.04 15.59 -28.78
N HIS B 113 4.05 15.14 -28.01
CA HIS B 113 2.90 14.47 -28.58
C HIS B 113 2.13 15.44 -29.47
N ASP B 114 1.96 16.68 -28.99
CA ASP B 114 1.20 17.69 -29.70
C ASP B 114 1.89 18.07 -31.03
N TYR B 115 3.22 18.14 -31.01
CA TYR B 115 4.01 18.46 -32.19
C TYR B 115 3.84 17.36 -33.24
N ARG B 116 4.06 16.10 -32.83
CA ARG B 116 3.92 14.94 -33.70
C ARG B 116 2.53 14.92 -34.33
N ARG B 117 1.50 15.19 -33.52
CA ARG B 117 0.12 15.16 -33.97
C ARG B 117 -0.14 16.30 -34.95
N GLN B 118 0.36 17.51 -34.66
CA GLN B 118 0.12 18.67 -35.51
C GLN B 118 0.78 18.48 -36.87
N HIS B 119 1.95 17.84 -36.87
CA HIS B 119 2.63 17.46 -38.11
C HIS B 119 2.22 16.02 -38.39
N GLY B 120 2.81 15.39 -39.41
CA GLY B 120 2.45 14.01 -39.66
C GLY B 120 3.28 13.02 -38.83
N ILE B 121 4.29 13.55 -38.13
CA ILE B 121 5.42 12.76 -37.67
C ILE B 121 4.93 11.59 -36.83
N SER B 122 5.47 10.39 -37.12
CA SER B 122 5.24 9.22 -36.29
C SER B 122 6.37 9.10 -35.27
N CYS B 123 6.33 8.04 -34.48
CA CYS B 123 7.05 8.02 -33.23
C CYS B 123 8.55 7.69 -33.39
N ALA B 124 8.93 6.87 -34.38
CA ALA B 124 10.35 6.60 -34.60
C ALA B 124 11.06 7.81 -35.22
N HIS B 129 18.12 17.80 -24.37
CA HIS B 129 17.04 18.78 -24.04
C HIS B 129 16.64 19.62 -25.26
N ASP B 130 15.68 19.11 -26.05
CA ASP B 130 14.99 19.88 -27.08
C ASP B 130 13.62 20.31 -26.54
N PHE B 131 12.63 19.40 -26.60
CA PHE B 131 11.33 19.62 -25.98
C PHE B 131 11.48 19.61 -24.46
N GLU B 132 12.45 18.82 -24.00
CA GLU B 132 12.80 18.68 -22.59
C GLU B 132 13.22 20.05 -22.04
N ALA B 133 14.11 20.76 -22.75
CA ALA B 133 14.57 22.06 -22.32
C ALA B 133 13.40 23.06 -22.33
N LEU B 134 12.54 22.96 -23.34
CA LEU B 134 11.42 23.89 -23.41
C LEU B 134 10.46 23.63 -22.25
N ALA B 135 10.24 22.34 -21.95
CA ALA B 135 9.40 21.93 -20.85
C ALA B 135 9.95 22.47 -19.52
N GLN B 136 11.28 22.38 -19.37
CA GLN B 136 11.93 22.81 -18.14
C GLN B 136 11.78 24.31 -17.95
N ALA B 137 11.91 25.06 -19.06
CA ALA B 137 11.81 26.51 -18.98
C ALA B 137 10.42 26.89 -18.49
N LYS B 138 9.39 26.22 -19.04
CA LYS B 138 8.00 26.50 -18.65
C LYS B 138 7.78 26.09 -17.18
N THR B 139 8.41 25.00 -16.77
CA THR B 139 8.24 24.50 -15.41
C THR B 139 8.82 25.52 -14.42
N ILE B 140 9.99 26.07 -14.77
CA ILE B 140 10.62 27.05 -13.90
C ILE B 140 9.71 28.28 -13.81
N THR B 141 9.14 28.69 -14.95
CA THR B 141 8.26 29.85 -14.92
C THR B 141 7.09 29.60 -13.95
N LEU B 142 6.49 28.41 -14.02
CA LEU B 142 5.36 28.11 -13.16
C LEU B 142 5.78 28.22 -11.70
N LEU B 143 6.91 27.60 -11.36
CA LEU B 143 7.40 27.51 -9.97
C LEU B 143 7.72 28.92 -9.44
N GLU B 144 8.23 29.80 -10.34
CA GLU B 144 8.57 31.16 -9.94
C GLU B 144 7.32 31.96 -9.62
N LEU B 145 6.18 31.60 -10.20
CA LEU B 145 5.04 32.45 -9.91
C LEU B 145 4.17 31.96 -8.77
N LEU B 146 4.64 30.93 -8.04
CA LEU B 146 3.85 30.42 -6.93
C LEU B 146 3.65 31.48 -5.83
N PRO B 147 4.67 32.29 -5.45
CA PRO B 147 4.42 33.35 -4.46
C PRO B 147 3.34 34.31 -4.93
N ARG B 148 3.39 34.72 -6.21
CA ARG B 148 2.36 35.60 -6.74
C ARG B 148 0.98 34.91 -6.66
N LEU B 149 0.89 33.63 -7.05
CA LEU B 149 -0.35 32.87 -6.96
C LEU B 149 -0.88 32.80 -5.53
N ARG B 150 0.00 32.62 -4.54
CA ARG B 150 -0.46 32.61 -3.15
C ARG B 150 -1.07 33.96 -2.75
N ARG B 151 -0.51 35.07 -3.25
CA ARG B 151 -1.08 36.39 -3.00
C ARG B 151 -2.52 36.45 -3.55
N THR B 152 -2.67 36.04 -4.81
CA THR B 152 -3.98 36.02 -5.45
C THR B 152 -4.94 35.13 -4.67
N LEU B 153 -4.47 33.93 -4.27
CA LEU B 153 -5.35 32.98 -3.60
C LEU B 153 -5.75 33.49 -2.21
N ALA B 154 -4.85 34.23 -1.55
CA ALA B 154 -5.21 34.84 -0.26
C ALA B 154 -6.39 35.79 -0.44
N LEU B 155 -6.41 36.53 -1.55
CA LEU B 155 -7.54 37.40 -1.82
C LEU B 155 -8.83 36.62 -2.10
N ASP B 156 -8.71 35.45 -2.75
CA ASP B 156 -9.88 34.60 -3.00
C ASP B 156 -10.44 34.08 -1.68
N VAL B 157 -9.54 33.64 -0.78
CA VAL B 157 -9.96 33.15 0.53
C VAL B 157 -10.79 34.24 1.24
N GLN B 158 -10.26 35.47 1.25
CA GLN B 158 -10.88 36.59 1.94
C GLN B 158 -12.23 36.94 1.28
N ALA B 159 -12.29 36.83 -0.06
CA ALA B 159 -13.54 37.06 -0.78
C ALA B 159 -14.61 36.03 -0.37
N ALA B 160 -14.20 34.78 -0.14
CA ALA B 160 -15.16 33.83 0.39
C ALA B 160 -15.67 34.24 1.78
N PHE B 161 -14.75 34.68 2.64
CA PHE B 161 -15.15 35.11 3.96
C PHE B 161 -16.10 36.31 3.88
N ASP B 162 -15.76 37.32 3.05
CA ASP B 162 -16.62 38.48 2.90
C ASP B 162 -17.94 38.09 2.23
N GLY B 163 -17.89 37.13 1.29
CA GLY B 163 -19.06 36.88 0.47
C GLY B 163 -20.04 35.89 1.11
N ASP B 164 -19.61 35.20 2.16
CA ASP B 164 -20.51 34.32 2.87
C ASP B 164 -20.48 34.74 4.33
N PRO B 165 -21.45 35.55 4.78
CA PRO B 165 -21.43 36.12 6.13
C PRO B 165 -21.54 35.04 7.19
N ALA B 166 -22.12 33.88 6.84
CA ALA B 166 -22.25 32.79 7.79
C ALA B 166 -20.96 31.98 7.92
N ALA B 167 -19.90 32.32 7.19
CA ALA B 167 -18.69 31.51 7.23
C ALA B 167 -18.04 31.58 8.62
N GLY B 168 -17.64 30.42 9.16
CA GLY B 168 -17.01 30.37 10.47
C GLY B 168 -15.66 31.08 10.54
N SER B 169 -14.80 30.88 9.53
CA SER B 169 -13.41 31.30 9.63
C SER B 169 -12.73 31.16 8.27
N LEU B 170 -11.58 31.81 8.09
CA LEU B 170 -10.77 31.54 6.91
C LEU B 170 -10.42 30.06 6.85
N ASP B 171 -10.26 29.47 8.03
CA ASP B 171 -9.73 28.12 8.14
C ASP B 171 -10.72 27.16 7.50
N GLU B 172 -11.99 27.33 7.87
CA GLU B 172 -13.05 26.48 7.40
C GLU B 172 -13.12 26.57 5.87
N ILE B 173 -13.04 27.80 5.35
CA ILE B 173 -13.07 28.04 3.93
C ILE B 173 -11.96 27.26 3.24
N ILE B 174 -10.73 27.38 3.77
CA ILE B 174 -9.58 26.72 3.16
C ILE B 174 -9.77 25.21 3.20
N PHE B 175 -10.25 24.71 4.37
CA PHE B 175 -10.45 23.29 4.58
C PHE B 175 -11.44 22.72 3.58
N CYS B 176 -12.55 23.41 3.31
CA CYS B 176 -13.59 22.65 2.64
C CYS B 176 -14.51 23.45 1.70
N TYR B 177 -14.25 24.73 1.43
CA TYR B 177 -15.13 25.42 0.50
C TYR B 177 -14.80 24.98 -0.93
N PRO B 178 -15.73 24.33 -1.67
CA PRO B 178 -15.41 23.76 -2.99
C PRO B 178 -15.03 24.84 -4.01
N GLY B 179 -15.63 26.02 -3.87
CA GLY B 179 -15.32 27.12 -4.77
C GLY B 179 -13.84 27.47 -4.71
N LEU B 180 -13.25 27.47 -3.50
CA LEU B 180 -11.85 27.84 -3.40
C LEU B 180 -10.96 26.73 -3.99
N HIS B 181 -11.38 25.47 -3.88
CA HIS B 181 -10.58 24.38 -4.44
C HIS B 181 -10.59 24.46 -5.97
N ALA B 182 -11.77 24.64 -6.54
CA ALA B 182 -11.94 24.71 -7.98
C ALA B 182 -11.10 25.85 -8.56
N VAL B 183 -11.08 26.98 -7.82
CA VAL B 183 -10.45 28.19 -8.29
C VAL B 183 -8.92 28.05 -8.20
N THR B 184 -8.44 27.44 -7.11
CA THR B 184 -7.03 27.10 -6.93
C THR B 184 -6.54 26.29 -8.12
N ILE B 185 -7.25 25.18 -8.46
CA ILE B 185 -6.83 24.32 -9.55
C ILE B 185 -6.86 25.13 -10.85
N TYR B 186 -7.95 25.91 -11.07
CA TYR B 186 -8.10 26.70 -12.27
C TYR B 186 -6.92 27.67 -12.43
N ARG B 187 -6.49 28.31 -11.34
CA ARG B 187 -5.44 29.30 -11.49
C ARG B 187 -4.14 28.61 -11.91
N LEU B 188 -3.87 27.41 -11.34
CA LEU B 188 -2.68 26.66 -11.75
C LEU B 188 -2.78 26.28 -13.22
N ALA B 189 -3.95 25.72 -13.59
CA ALA B 189 -4.19 25.31 -14.97
C ALA B 189 -4.04 26.50 -15.92
N HIS B 190 -4.58 27.66 -15.51
CA HIS B 190 -4.54 28.84 -16.36
C HIS B 190 -3.10 29.28 -16.66
N GLU B 191 -2.20 29.24 -15.66
CA GLU B 191 -0.81 29.62 -15.91
C GLU B 191 -0.17 28.66 -16.93
N LEU B 192 -0.53 27.36 -16.87
CA LEU B 192 -0.01 26.39 -17.82
C LEU B 192 -0.61 26.65 -19.20
N TYR B 193 -1.88 27.07 -19.23
CA TYR B 193 -2.52 27.44 -20.48
C TYR B 193 -1.78 28.62 -21.11
N LEU B 194 -1.43 29.64 -20.30
CA LEU B 194 -0.79 30.83 -20.84
C LEU B 194 0.60 30.44 -21.36
N LEU B 195 1.18 29.32 -20.89
CA LEU B 195 2.48 28.87 -21.35
C LEU B 195 2.36 27.93 -22.53
N ASP B 196 1.16 27.83 -23.12
CA ASP B 196 0.86 26.96 -24.27
C ASP B 196 1.19 25.50 -23.95
N VAL B 197 0.94 25.04 -22.71
CA VAL B 197 1.06 23.62 -22.45
C VAL B 197 -0.21 22.89 -22.91
N PRO B 198 -0.12 21.95 -23.89
CA PRO B 198 -1.28 21.16 -24.29
C PRO B 198 -1.69 20.15 -23.22
N LEU B 199 -2.99 19.80 -23.23
CA LEU B 199 -3.53 18.66 -22.49
C LEU B 199 -3.65 18.93 -21.00
N ILE B 200 -2.53 19.31 -20.36
CA ILE B 200 -2.42 19.27 -18.91
C ILE B 200 -3.41 20.26 -18.29
N PRO B 201 -3.62 21.50 -18.82
CA PRO B 201 -4.55 22.44 -18.19
C PRO B 201 -5.97 21.90 -18.08
N ARG B 202 -6.48 21.29 -19.15
CA ARG B 202 -7.82 20.72 -19.19
C ARG B 202 -7.89 19.47 -18.31
N MET B 203 -6.79 18.72 -18.26
CA MET B 203 -6.76 17.60 -17.33
C MET B 203 -6.98 18.11 -15.89
N LEU B 204 -6.33 19.22 -15.53
CA LEU B 204 -6.45 19.80 -14.20
C LEU B 204 -7.85 20.33 -13.95
N THR B 205 -8.41 21.19 -14.83
CA THR B 205 -9.74 21.74 -14.57
C THR B 205 -10.81 20.64 -14.54
N GLU B 206 -10.65 19.58 -15.34
CA GLU B 206 -11.63 18.48 -15.31
C GLU B 206 -11.53 17.67 -14.02
N TRP B 207 -10.32 17.57 -13.50
CA TRP B 207 -10.19 16.97 -12.18
C TRP B 207 -10.98 17.80 -11.15
N ALA B 208 -10.76 19.13 -11.14
CA ALA B 208 -11.48 20.01 -10.24
C ALA B 208 -12.99 19.91 -10.45
N HIS B 209 -13.40 19.87 -11.73
CA HIS B 209 -14.81 19.75 -12.12
C HIS B 209 -15.42 18.48 -11.51
N SER B 210 -14.64 17.39 -11.58
CA SER B 210 -15.06 16.11 -11.05
C SER B 210 -15.26 16.19 -9.54
N GLN B 211 -14.44 16.96 -8.83
CA GLN B 211 -14.52 16.97 -7.38
C GLN B 211 -15.56 17.96 -6.85
N THR B 212 -16.03 18.91 -7.68
CA THR B 212 -16.77 20.05 -7.15
C THR B 212 -18.03 20.33 -7.97
N GLY B 213 -18.13 19.74 -9.16
CA GLY B 213 -19.19 20.15 -10.10
C GLY B 213 -19.07 21.59 -10.60
N ILE B 214 -17.90 22.21 -10.39
CA ILE B 214 -17.60 23.52 -10.93
C ILE B 214 -16.74 23.33 -12.19
N ASP B 215 -17.23 23.83 -13.33
CA ASP B 215 -16.61 23.53 -14.60
C ASP B 215 -16.00 24.79 -15.21
N ILE B 216 -14.69 25.02 -14.99
CA ILE B 216 -14.05 26.23 -15.50
C ILE B 216 -13.11 25.83 -16.63
N HIS B 217 -13.28 26.41 -17.83
CA HIS B 217 -12.32 26.18 -18.90
C HIS B 217 -10.98 26.83 -18.51
N PRO B 218 -9.81 26.18 -18.73
CA PRO B 218 -8.52 26.75 -18.36
C PRO B 218 -8.16 28.07 -19.04
N GLY B 219 -8.83 28.36 -20.15
CA GLY B 219 -8.56 29.57 -20.90
C GLY B 219 -9.30 30.78 -20.33
N ALA B 220 -10.23 30.55 -19.39
CA ALA B 220 -10.97 31.68 -18.83
C ALA B 220 -9.99 32.65 -18.18
N THR B 221 -10.28 33.95 -18.19
CA THR B 221 -9.53 34.96 -17.46
C THR B 221 -10.32 35.41 -16.23
N ILE B 222 -9.72 35.34 -15.04
CA ILE B 222 -10.46 35.62 -13.83
C ILE B 222 -9.59 36.45 -12.89
N GLY B 223 -10.08 37.61 -12.43
CA GLY B 223 -9.31 38.52 -11.59
C GLY B 223 -9.34 38.08 -10.12
N HIS B 224 -8.80 38.94 -9.24
CA HIS B 224 -8.58 38.54 -7.86
C HIS B 224 -9.89 38.67 -7.08
N SER B 225 -9.89 38.12 -5.87
CA SER B 225 -11.04 38.22 -4.98
C SER B 225 -12.28 37.61 -5.61
N PHE B 226 -12.12 36.46 -6.29
CA PHE B 226 -13.20 35.74 -6.92
C PHE B 226 -13.75 34.71 -5.94
N PHE B 227 -15.09 34.59 -5.87
CA PHE B 227 -15.70 33.61 -4.99
C PHE B 227 -16.87 32.94 -5.70
N ILE B 228 -16.89 31.61 -5.65
CA ILE B 228 -18.05 30.83 -6.06
C ILE B 228 -18.61 30.14 -4.83
N ASP B 229 -19.85 30.48 -4.45
CA ASP B 229 -20.53 29.89 -3.31
C ASP B 229 -21.36 28.70 -3.78
N HIS B 230 -21.27 27.56 -3.06
CA HIS B 230 -22.02 26.35 -3.40
C HIS B 230 -21.47 25.71 -4.70
N GLY B 231 -21.67 26.35 -5.85
CA GLY B 231 -20.87 26.09 -7.04
C GLY B 231 -21.35 24.98 -7.97
N THR B 232 -22.07 23.97 -7.47
CA THR B 232 -22.38 22.85 -8.33
C THR B 232 -23.11 23.38 -9.56
N GLY B 233 -22.65 22.93 -10.75
CA GLY B 233 -23.36 23.27 -11.96
C GLY B 233 -22.90 24.60 -12.61
N VAL B 234 -21.91 25.26 -11.99
CA VAL B 234 -21.32 26.44 -12.61
C VAL B 234 -20.53 26.01 -13.85
N VAL B 235 -20.69 26.78 -14.94
CA VAL B 235 -19.91 26.58 -16.15
C VAL B 235 -19.38 27.93 -16.63
N ILE B 236 -18.07 27.99 -16.91
CA ILE B 236 -17.41 29.21 -17.34
C ILE B 236 -16.57 28.89 -18.58
N GLY B 237 -16.85 29.59 -19.69
CA GLY B 237 -16.29 29.29 -20.99
C GLY B 237 -14.88 29.84 -21.21
N GLU B 238 -14.26 29.34 -22.29
CA GLU B 238 -12.86 29.53 -22.57
C GLU B 238 -12.52 31.01 -22.70
N THR B 239 -13.41 31.80 -23.32
CA THR B 239 -13.09 33.19 -23.65
C THR B 239 -13.76 34.15 -22.67
N CYS B 240 -14.35 33.60 -21.60
CA CYS B 240 -15.00 34.42 -20.60
C CYS B 240 -13.93 35.25 -19.89
N GLU B 241 -14.25 36.51 -19.55
CA GLU B 241 -13.34 37.38 -18.81
C GLU B 241 -14.05 37.92 -17.59
N ILE B 242 -13.50 37.64 -16.41
CA ILE B 242 -14.14 38.02 -15.16
C ILE B 242 -13.15 38.92 -14.43
N ALA B 243 -13.62 40.11 -13.98
CA ALA B 243 -12.73 41.09 -13.36
C ALA B 243 -12.61 40.75 -11.87
N ASN B 244 -12.42 41.78 -11.02
CA ASN B 244 -12.10 41.56 -9.61
C ASN B 244 -13.37 41.58 -8.76
N HIS B 245 -13.33 40.92 -7.60
CA HIS B 245 -14.43 41.01 -6.65
C HIS B 245 -15.74 40.45 -7.20
N VAL B 246 -15.67 39.42 -8.04
CA VAL B 246 -16.92 38.85 -8.57
C VAL B 246 -17.36 37.67 -7.69
N LYS B 247 -18.68 37.55 -7.48
CA LYS B 247 -19.26 36.40 -6.79
C LYS B 247 -20.31 35.71 -7.66
N LEU B 248 -20.21 34.38 -7.79
CA LEU B 248 -21.18 33.52 -8.48
C LEU B 248 -21.79 32.54 -7.46
N TYR B 249 -23.00 32.06 -7.73
CA TYR B 249 -23.67 31.00 -6.98
C TYR B 249 -23.77 29.73 -7.83
N GLN B 250 -24.45 28.70 -7.27
CA GLN B 250 -24.58 27.42 -7.94
C GLN B 250 -25.35 27.63 -9.23
N GLY B 251 -25.04 26.82 -10.27
CA GLY B 251 -25.86 26.73 -11.46
C GLY B 251 -25.69 27.90 -12.44
N VAL B 252 -24.74 28.81 -12.16
CA VAL B 252 -24.55 29.93 -13.08
C VAL B 252 -23.80 29.47 -14.34
N THR B 253 -24.31 29.85 -15.52
CA THR B 253 -23.66 29.53 -16.79
C THR B 253 -23.17 30.83 -17.40
N LEU B 254 -21.87 30.89 -17.71
CA LEU B 254 -21.30 32.01 -18.45
C LEU B 254 -20.83 31.42 -19.77
N GLY B 255 -21.73 31.44 -20.75
CA GLY B 255 -21.60 30.58 -21.91
C GLY B 255 -21.79 31.31 -23.25
N ALA B 256 -21.82 30.51 -24.32
CA ALA B 256 -21.89 30.98 -25.69
C ALA B 256 -23.36 30.89 -26.16
N LEU B 257 -23.72 31.78 -27.08
CA LEU B 257 -24.99 31.74 -27.79
C LEU B 257 -25.09 30.47 -28.66
N SER B 258 -26.23 29.78 -28.57
CA SER B 258 -26.54 28.52 -29.26
C SER B 258 -26.59 28.74 -30.76
N PHE B 259 -27.05 29.93 -31.15
CA PHE B 259 -27.23 30.28 -32.55
C PHE B 259 -26.42 31.54 -32.84
N PRO B 260 -25.07 31.47 -32.96
CA PRO B 260 -24.24 32.62 -33.28
C PRO B 260 -24.02 32.77 -34.79
N ARG B 270 -10.06 31.48 -28.35
CA ARG B 270 -10.03 32.01 -29.74
C ARG B 270 -10.81 33.33 -29.81
N HIS B 271 -11.64 33.47 -30.86
CA HIS B 271 -12.55 34.59 -31.01
C HIS B 271 -13.59 34.57 -29.90
N LYS B 272 -13.83 35.73 -29.26
CA LYS B 272 -14.61 35.86 -28.03
C LYS B 272 -16.07 35.47 -28.24
N ARG B 273 -16.52 34.42 -27.53
CA ARG B 273 -17.89 33.94 -27.61
C ARG B 273 -18.53 33.81 -26.22
N HIS B 274 -17.82 34.24 -25.17
CA HIS B 274 -18.35 34.12 -23.80
C HIS B 274 -18.29 35.50 -23.14
N PRO B 275 -19.07 35.76 -22.07
CA PRO B 275 -19.25 37.12 -21.56
C PRO B 275 -18.05 37.72 -20.84
N THR B 276 -18.13 39.05 -20.65
CA THR B 276 -17.19 39.78 -19.82
C THR B 276 -17.97 40.22 -18.59
N ILE B 277 -17.47 39.91 -17.40
CA ILE B 277 -18.11 40.31 -16.16
C ILE B 277 -17.16 41.29 -15.49
N GLU B 278 -17.64 42.51 -15.24
CA GLU B 278 -16.80 43.56 -14.66
C GLU B 278 -16.77 43.43 -13.15
N ASP B 279 -16.12 44.37 -12.47
CA ASP B 279 -15.82 44.28 -11.05
C ASP B 279 -17.09 44.25 -10.21
N HIS B 280 -17.03 43.53 -9.07
CA HIS B 280 -18.05 43.63 -8.04
C HIS B 280 -19.41 43.14 -8.49
N VAL B 281 -19.46 42.37 -9.60
CA VAL B 281 -20.73 41.77 -10.02
C VAL B 281 -21.06 40.58 -9.12
N VAL B 282 -22.34 40.49 -8.73
CA VAL B 282 -22.85 39.27 -8.14
C VAL B 282 -23.82 38.63 -9.12
N ILE B 283 -23.67 37.31 -9.36
CA ILE B 283 -24.63 36.53 -10.15
C ILE B 283 -25.21 35.42 -9.29
N TYR B 284 -26.52 35.46 -9.07
CA TYR B 284 -27.20 34.60 -8.11
C TYR B 284 -27.55 33.28 -8.79
N ALA B 285 -28.17 32.35 -8.03
CA ALA B 285 -28.17 30.95 -8.40
C ALA B 285 -28.93 30.76 -9.71
N ASN B 286 -28.37 29.96 -10.63
CA ASN B 286 -29.12 29.49 -11.79
C ASN B 286 -29.27 30.59 -12.85
N ALA B 287 -28.55 31.70 -12.71
CA ALA B 287 -28.58 32.66 -13.82
C ALA B 287 -27.81 32.12 -15.03
N THR B 288 -28.17 32.62 -16.22
CA THR B 288 -27.47 32.30 -17.44
C THR B 288 -27.09 33.60 -18.15
N VAL B 289 -25.79 33.82 -18.39
CA VAL B 289 -25.31 34.98 -19.13
C VAL B 289 -24.56 34.49 -20.37
N LEU B 290 -24.97 34.91 -21.57
CA LEU B 290 -24.45 34.33 -22.81
C LEU B 290 -23.95 35.43 -23.75
N GLY B 291 -22.89 35.10 -24.51
CA GLY B 291 -22.48 35.88 -25.68
C GLY B 291 -21.14 36.60 -25.49
N GLY B 292 -20.31 36.59 -26.55
CA GLY B 292 -19.00 37.23 -26.53
C GLY B 292 -19.09 38.75 -26.50
N GLU B 293 -20.27 39.31 -26.80
CA GLU B 293 -20.40 40.77 -26.78
C GLU B 293 -21.18 41.23 -25.57
N THR B 294 -21.57 40.28 -24.70
CA THR B 294 -22.29 40.62 -23.51
C THR B 294 -21.29 41.09 -22.45
N VAL B 295 -21.42 42.34 -22.02
CA VAL B 295 -20.60 42.90 -20.97
C VAL B 295 -21.52 43.21 -19.81
N ILE B 296 -21.28 42.61 -18.64
CA ILE B 296 -22.09 42.89 -17.45
C ILE B 296 -21.30 43.92 -16.62
N GLY B 297 -21.88 45.11 -16.50
CA GLY B 297 -21.15 46.26 -15.99
C GLY B 297 -20.86 46.17 -14.50
N SER B 298 -19.79 46.85 -14.12
CA SER B 298 -19.34 47.04 -12.76
C SER B 298 -20.53 47.15 -11.81
N HIS B 299 -20.51 46.37 -10.70
CA HIS B 299 -21.47 46.50 -9.61
C HIS B 299 -22.88 46.08 -10.01
N ALA B 300 -23.07 45.53 -11.22
CA ALA B 300 -24.39 44.97 -11.55
C ALA B 300 -24.72 43.81 -10.60
N VAL B 301 -26.02 43.52 -10.47
CA VAL B 301 -26.50 42.33 -9.78
C VAL B 301 -27.40 41.57 -10.75
N ILE B 302 -27.06 40.30 -11.04
CA ILE B 302 -27.89 39.43 -11.85
C ILE B 302 -28.66 38.49 -10.94
N GLY B 303 -29.97 38.69 -10.86
CA GLY B 303 -30.77 37.91 -9.92
C GLY B 303 -30.88 36.44 -10.28
N SER B 304 -31.37 35.67 -9.33
CA SER B 304 -31.57 34.24 -9.48
C SER B 304 -32.41 33.93 -10.72
N SER B 305 -31.97 32.95 -11.53
CA SER B 305 -32.69 32.42 -12.70
C SER B 305 -32.80 33.43 -13.85
N VAL B 306 -32.12 34.58 -13.79
CA VAL B 306 -32.17 35.52 -14.90
C VAL B 306 -31.42 34.92 -16.09
N SER B 307 -31.98 35.08 -17.28
CA SER B 307 -31.30 34.69 -18.51
C SER B 307 -31.05 35.94 -19.36
N LEU B 308 -29.79 36.28 -19.65
CA LEU B 308 -29.40 37.51 -20.34
C LEU B 308 -28.43 37.20 -21.48
N SER B 309 -28.66 37.81 -22.65
CA SER B 309 -27.78 37.64 -23.79
C SER B 309 -27.37 38.99 -24.38
N HIS B 310 -27.39 40.04 -23.55
CA HIS B 310 -26.87 41.33 -24.01
C HIS B 310 -26.25 42.04 -22.81
N SER B 311 -25.44 43.07 -23.10
CA SER B 311 -24.82 43.89 -22.07
C SER B 311 -25.85 44.55 -21.17
N VAL B 312 -25.43 44.85 -19.94
CA VAL B 312 -26.18 45.70 -19.02
C VAL B 312 -25.13 46.69 -18.46
N PRO B 313 -25.44 48.00 -18.32
CA PRO B 313 -24.46 48.98 -17.85
C PRO B 313 -24.13 48.77 -16.37
N PRO B 314 -23.09 49.46 -15.82
CA PRO B 314 -22.82 49.46 -14.37
C PRO B 314 -24.05 49.77 -13.53
N ASN B 315 -24.10 49.17 -12.33
CA ASN B 315 -25.07 49.45 -11.27
C ASN B 315 -26.50 49.04 -11.66
N THR B 316 -26.65 48.19 -12.68
CA THR B 316 -27.95 47.64 -13.03
C THR B 316 -28.26 46.40 -12.17
N ILE B 317 -29.46 46.40 -11.58
CA ILE B 317 -29.97 45.24 -10.86
C ILE B 317 -31.02 44.62 -11.76
N VAL B 318 -30.73 43.40 -12.26
CA VAL B 318 -31.62 42.66 -13.13
C VAL B 318 -32.31 41.57 -12.31
N THR B 319 -33.65 41.53 -12.35
CA THR B 319 -34.42 40.47 -11.70
C THR B 319 -35.47 39.92 -12.67
N ILE B 320 -35.88 38.67 -12.48
CA ILE B 320 -36.96 38.09 -13.29
C ILE B 320 -38.28 38.71 -12.82
N GLU B 321 -39.28 38.76 -13.72
CA GLU B 321 -40.61 39.13 -13.31
C GLU B 321 -41.14 38.05 -12.38
N LYS B 322 -41.85 38.46 -11.32
CA LYS B 322 -42.42 37.53 -10.35
C LYS B 322 -43.12 36.43 -11.13
N PRO B 323 -42.77 35.14 -10.94
CA PRO B 323 -43.37 34.04 -11.70
C PRO B 323 -44.88 33.92 -11.55
N SER B 324 -45.55 33.56 -12.65
CA SER B 324 -46.98 33.30 -12.61
C SER B 324 -47.18 31.82 -12.30
N LEU B 325 -47.68 31.53 -11.09
CA LEU B 325 -47.76 30.14 -10.66
C LEU B 325 -49.22 29.66 -10.67
N ARG B 326 -49.42 28.34 -10.85
CA ARG B 326 -50.75 27.76 -10.71
C ARG B 326 -50.85 27.03 -9.37
N TYR B 327 -51.99 27.24 -8.71
CA TYR B 327 -52.32 26.60 -7.45
C TYR B 327 -53.60 25.80 -7.63
N ARG B 328 -53.58 24.54 -7.18
CA ARG B 328 -54.77 23.71 -7.16
C ARG B 328 -54.77 22.89 -5.87
N GLU B 329 -55.95 22.45 -5.44
CA GLU B 329 -56.13 21.59 -4.28
C GLU B 329 -55.62 20.21 -4.65
N ALA B 330 -54.97 19.52 -3.70
CA ALA B 330 -54.60 18.13 -3.89
C ALA B 330 -55.84 17.26 -3.84
N SER B 331 -55.91 16.25 -4.74
CA SER B 331 -57.04 15.37 -4.95
C SER B 331 -56.59 13.91 -4.88
N LYS C 28 -12.38 5.00 28.91
CA LYS C 28 -12.53 3.86 27.94
C LYS C 28 -13.55 2.85 28.49
N ASP C 29 -13.88 2.95 29.78
CA ASP C 29 -14.73 2.01 30.48
C ASP C 29 -16.18 2.08 29.99
N GLN C 30 -16.53 3.16 29.27
CA GLN C 30 -17.87 3.32 28.73
C GLN C 30 -18.02 2.58 27.39
N LEU C 31 -16.89 2.23 26.76
CA LEU C 31 -16.87 1.82 25.36
C LEU C 31 -17.53 0.45 25.17
N PRO C 32 -17.26 -0.57 26.02
CA PRO C 32 -17.89 -1.88 25.84
C PRO C 32 -19.42 -1.81 25.82
N GLU C 33 -20.00 -0.86 26.57
CA GLU C 33 -21.45 -0.72 26.66
C GLU C 33 -22.00 -0.13 25.36
N ILE C 34 -21.33 0.91 24.88
CA ILE C 34 -21.69 1.55 23.62
C ILE C 34 -21.62 0.48 22.52
N THR C 35 -20.58 -0.36 22.55
CA THR C 35 -20.42 -1.44 21.59
C THR C 35 -21.62 -2.36 21.64
N ASP C 36 -22.02 -2.76 22.86
CA ASP C 36 -23.15 -3.68 23.06
C ASP C 36 -24.45 -3.07 22.56
N ARG C 37 -24.66 -1.77 22.80
CA ARG C 37 -25.89 -1.16 22.36
C ARG C 37 -25.94 -1.08 20.83
N ILE C 38 -24.78 -0.93 20.18
CA ILE C 38 -24.76 -0.89 18.73
C ILE C 38 -25.12 -2.27 18.20
N VAL C 39 -24.55 -3.31 18.81
CA VAL C 39 -24.80 -4.67 18.36
C VAL C 39 -26.28 -5.02 18.57
N GLU C 40 -26.83 -4.55 19.69
CA GLU C 40 -28.24 -4.70 19.99
C GLU C 40 -29.06 -4.08 18.86
N SER C 41 -28.67 -2.88 18.41
CA SER C 41 -29.46 -2.21 17.39
C SER C 41 -29.43 -2.97 16.05
N TYR C 42 -28.45 -3.86 15.87
CA TYR C 42 -28.43 -4.70 14.67
C TYR C 42 -29.61 -5.69 14.68
N ARG C 43 -29.89 -6.24 15.87
CA ARG C 43 -31.07 -7.08 16.06
C ARG C 43 -32.38 -6.31 15.82
N ASP C 44 -32.45 -5.06 16.32
CA ASP C 44 -33.66 -4.26 16.27
C ASP C 44 -33.95 -3.72 14.86
N PHE C 45 -32.92 -3.30 14.12
CA PHE C 45 -33.13 -2.67 12.82
C PHE C 45 -32.31 -3.42 11.76
N ALA C 46 -32.89 -4.52 11.24
CA ALA C 46 -32.13 -5.52 10.51
C ALA C 46 -32.08 -5.20 9.02
N THR C 47 -32.78 -4.13 8.62
CA THR C 47 -32.87 -3.83 7.19
C THR C 47 -31.61 -3.12 6.69
N THR C 48 -30.76 -2.58 7.57
CA THR C 48 -29.66 -1.73 7.10
C THR C 48 -28.31 -2.40 7.37
N HIS C 49 -28.36 -3.69 7.70
CA HIS C 49 -27.13 -4.48 7.74
C HIS C 49 -27.31 -5.73 6.89
N HIS C 50 -26.19 -6.35 6.50
CA HIS C 50 -26.19 -7.68 5.92
C HIS C 50 -25.21 -8.55 6.70
N LEU C 51 -25.61 -9.01 7.89
CA LEU C 51 -24.75 -9.86 8.70
C LEU C 51 -25.16 -11.30 8.47
N GLY C 52 -24.20 -12.18 8.12
CA GLY C 52 -24.49 -13.58 7.81
C GLY C 52 -23.33 -14.25 7.09
N HIS C 53 -23.56 -15.42 6.48
CA HIS C 53 -22.42 -16.06 5.84
C HIS C 53 -22.37 -15.90 4.30
N CYS C 54 -23.00 -14.86 3.74
CA CYS C 54 -23.37 -14.72 2.34
C CYS C 54 -22.88 -13.40 1.78
N PRO C 55 -21.58 -13.29 1.46
CA PRO C 55 -21.03 -11.99 1.07
C PRO C 55 -21.90 -11.46 -0.06
N LEU C 56 -22.46 -10.31 0.19
CA LEU C 56 -22.92 -9.51 -0.94
C LEU C 56 -21.75 -9.23 -1.90
N PRO C 57 -21.99 -8.64 -3.10
CA PRO C 57 -20.92 -8.11 -3.94
C PRO C 57 -20.15 -7.01 -3.21
N SER C 58 -18.88 -6.78 -3.59
CA SER C 58 -18.07 -5.76 -2.95
C SER C 58 -17.99 -4.52 -3.85
N SER C 59 -18.33 -3.34 -3.30
CA SER C 59 -18.17 -2.09 -4.03
C SER C 59 -16.77 -1.93 -4.64
N GLU C 60 -15.75 -2.27 -3.84
CA GLU C 60 -14.36 -2.10 -4.18
C GLU C 60 -13.97 -3.05 -5.32
N ALA C 61 -14.46 -4.30 -5.29
CA ALA C 61 -14.23 -5.28 -6.34
C ALA C 61 -14.88 -4.79 -7.65
N VAL C 62 -16.04 -4.16 -7.54
CA VAL C 62 -16.78 -3.69 -8.69
C VAL C 62 -16.05 -2.51 -9.33
N TYR C 63 -15.53 -1.63 -8.47
CA TYR C 63 -14.79 -0.48 -8.95
CA TYR C 63 -14.78 -0.47 -8.92
C TYR C 63 -13.53 -0.96 -9.64
N GLU C 64 -12.83 -1.94 -9.05
CA GLU C 64 -11.61 -2.48 -9.63
C GLU C 64 -11.88 -3.14 -10.98
N ILE C 65 -12.95 -3.95 -11.09
CA ILE C 65 -13.40 -4.52 -12.36
C ILE C 65 -13.60 -3.41 -13.38
N ALA C 66 -14.26 -2.32 -12.98
CA ALA C 66 -14.47 -1.19 -13.87
C ALA C 66 -13.13 -0.57 -14.33
N GLN C 67 -12.14 -0.45 -13.42
CA GLN C 67 -10.82 0.05 -13.80
C GLN C 67 -10.18 -0.82 -14.88
N ASP C 68 -10.21 -2.14 -14.66
CA ASP C 68 -9.63 -3.09 -15.59
C ASP C 68 -10.31 -3.00 -16.96
N LEU C 69 -11.64 -2.91 -16.96
CA LEU C 69 -12.39 -2.85 -18.21
C LEU C 69 -12.01 -1.58 -18.99
N GLN C 70 -11.85 -0.47 -18.24
CA GLN C 70 -11.45 0.79 -18.84
C GLN C 70 -10.06 0.71 -19.46
N GLU C 71 -9.15 -0.03 -18.79
CA GLU C 71 -7.81 -0.23 -19.35
C GLU C 71 -7.87 -0.95 -20.70
N ILE C 72 -8.78 -1.95 -20.81
CA ILE C 72 -8.98 -2.68 -22.04
C ILE C 72 -9.54 -1.75 -23.12
N LEU C 73 -10.42 -0.83 -22.74
CA LEU C 73 -11.18 -0.06 -23.73
C LEU C 73 -10.32 1.08 -24.28
N PHE C 74 -9.44 1.65 -23.43
CA PHE C 74 -8.70 2.85 -23.80
C PHE C 74 -7.23 2.69 -23.39
N PRO C 75 -6.49 1.66 -23.85
CA PRO C 75 -5.10 1.47 -23.43
C PRO C 75 -4.22 2.62 -23.88
N GLY C 76 -3.36 3.08 -22.95
CA GLY C 76 -2.50 4.23 -23.16
C GLY C 76 -3.06 5.52 -22.56
N TYR C 77 -4.34 5.50 -22.14
CA TYR C 77 -5.02 6.68 -21.62
C TYR C 77 -5.37 6.51 -20.13
N ARG C 78 -5.00 5.37 -19.55
CA ARG C 78 -5.44 5.06 -18.19
C ARG C 78 -4.20 4.96 -17.31
N ARG C 79 -4.06 3.86 -16.54
CA ARG C 79 -2.95 3.66 -15.61
C ARG C 79 -1.61 3.38 -16.29
N ARG C 80 -1.51 2.51 -17.32
CA ARG C 80 -0.20 2.20 -17.88
C ARG C 80 0.12 3.09 -19.10
N GLN C 81 1.40 3.52 -19.22
CA GLN C 81 1.82 4.42 -20.31
C GLN C 81 2.92 3.80 -21.19
N ASN C 82 3.23 2.52 -20.95
CA ASN C 82 4.32 1.87 -21.65
C ASN C 82 3.76 0.75 -22.52
N LEU C 83 2.49 0.88 -22.95
CA LEU C 83 1.83 -0.11 -23.78
C LEU C 83 2.11 0.20 -25.24
N HIS C 84 2.51 -0.84 -25.97
CA HIS C 84 2.78 -0.76 -27.40
C HIS C 84 2.30 -2.08 -28.00
N MET C 85 2.32 -2.17 -29.33
CA MET C 85 1.74 -3.34 -30.00
C MET C 85 2.48 -4.63 -29.60
N GLY C 86 3.71 -4.51 -29.10
CA GLY C 86 4.50 -5.68 -28.77
C GLY C 86 4.21 -6.23 -27.38
N ASN C 87 3.57 -5.44 -26.50
CA ASN C 87 3.29 -5.96 -25.17
C ASN C 87 1.79 -5.92 -24.81
N VAL C 88 0.97 -5.31 -25.67
CA VAL C 88 -0.41 -5.05 -25.27
C VAL C 88 -1.20 -6.36 -25.12
N THR C 89 -0.83 -7.42 -25.85
CA THR C 89 -1.50 -8.71 -25.73
C THR C 89 -1.30 -9.25 -24.32
N TYR C 90 -0.11 -9.01 -23.75
CA TYR C 90 0.16 -9.52 -22.40
C TYR C 90 -0.74 -8.80 -21.39
N HIS C 91 -0.84 -7.48 -21.54
CA HIS C 91 -1.66 -6.64 -20.68
C HIS C 91 -3.13 -7.06 -20.75
N VAL C 92 -3.66 -7.11 -21.98
CA VAL C 92 -5.05 -7.48 -22.20
C VAL C 92 -5.34 -8.92 -21.74
N GLY C 93 -4.47 -9.83 -22.14
CA GLY C 93 -4.64 -11.25 -21.86
C GLY C 93 -4.78 -11.48 -20.35
N ASP C 94 -3.90 -10.83 -19.59
CA ASP C 94 -3.85 -10.92 -18.15
C ASP C 94 -5.13 -10.36 -17.51
N LEU C 95 -5.56 -9.17 -17.96
CA LEU C 95 -6.77 -8.56 -17.44
C LEU C 95 -8.00 -9.41 -17.78
N VAL C 96 -8.11 -9.92 -19.01
CA VAL C 96 -9.23 -10.76 -19.40
C VAL C 96 -9.29 -12.00 -18.51
N ASP C 97 -8.15 -12.64 -18.28
CA ASP C 97 -8.06 -13.84 -17.44
C ASP C 97 -8.59 -13.54 -16.03
N SER C 98 -8.13 -12.43 -15.45
CA SER C 98 -8.45 -12.06 -14.10
C SER C 98 -9.92 -11.64 -13.99
N LEU C 99 -10.39 -10.87 -14.99
CA LEU C 99 -11.75 -10.35 -15.02
C LEU C 99 -12.72 -11.53 -15.07
N HIS C 100 -12.36 -12.61 -15.80
CA HIS C 100 -13.19 -13.81 -15.84
C HIS C 100 -13.50 -14.29 -14.42
N ASP C 101 -12.46 -14.37 -13.59
CA ASP C 101 -12.59 -14.90 -12.22
C ASP C 101 -13.39 -13.94 -11.38
N ARG C 102 -13.05 -12.64 -11.44
CA ARG C 102 -13.58 -11.66 -10.50
C ARG C 102 -15.04 -11.32 -10.86
N LEU C 103 -15.34 -11.18 -12.15
CA LEU C 103 -16.70 -10.91 -12.56
C LEU C 103 -17.58 -12.11 -12.23
N THR C 104 -17.06 -13.33 -12.43
CA THR C 104 -17.83 -14.52 -12.11
C THR C 104 -18.26 -14.46 -10.65
N GLN C 105 -17.30 -14.16 -9.78
CA GLN C 105 -17.51 -14.13 -8.34
C GLN C 105 -18.54 -13.06 -8.00
N GLN C 106 -18.35 -11.82 -8.51
CA GLN C 106 -19.25 -10.72 -8.15
C GLN C 106 -20.66 -10.96 -8.68
N ILE C 107 -20.79 -11.36 -9.95
CA ILE C 107 -22.09 -11.58 -10.56
C ILE C 107 -22.80 -12.71 -9.82
N ALA C 108 -22.07 -13.78 -9.48
CA ALA C 108 -22.69 -14.90 -8.76
C ALA C 108 -23.26 -14.42 -7.44
N ARG C 109 -22.49 -13.60 -6.71
CA ARG C 109 -22.97 -13.10 -5.43
C ARG C 109 -24.20 -12.21 -5.60
N ALA C 110 -24.21 -11.40 -6.68
CA ALA C 110 -25.36 -10.56 -6.97
C ALA C 110 -26.58 -11.45 -7.27
N LEU C 111 -26.41 -12.47 -8.13
CA LEU C 111 -27.55 -13.29 -8.56
C LEU C 111 -28.11 -14.02 -7.34
N ARG C 112 -27.22 -14.62 -6.55
CA ARG C 112 -27.63 -15.38 -5.38
C ARG C 112 -28.39 -14.49 -4.41
N HIS C 113 -27.81 -13.33 -4.07
CA HIS C 113 -28.48 -12.48 -3.09
C HIS C 113 -29.84 -12.00 -3.61
N ASP C 114 -29.91 -11.55 -4.87
CA ASP C 114 -31.15 -11.00 -5.39
C ASP C 114 -32.24 -12.08 -5.49
N TYR C 115 -31.87 -13.30 -5.83
CA TYR C 115 -32.85 -14.37 -5.99
C TYR C 115 -33.40 -14.69 -4.60
N ARG C 116 -32.50 -14.91 -3.62
CA ARG C 116 -32.86 -15.20 -2.24
C ARG C 116 -33.80 -14.10 -1.72
N ARG C 117 -33.47 -12.83 -2.00
CA ARG C 117 -34.24 -11.71 -1.48
C ARG C 117 -35.62 -11.71 -2.12
N GLN C 118 -35.66 -11.87 -3.45
CA GLN C 118 -36.93 -11.84 -4.14
C GLN C 118 -37.85 -12.93 -3.60
N HIS C 119 -37.30 -14.08 -3.24
CA HIS C 119 -38.13 -15.22 -2.89
C HIS C 119 -38.18 -15.47 -1.39
N GLY C 120 -37.69 -14.55 -0.56
CA GLY C 120 -37.78 -14.71 0.89
C GLY C 120 -37.03 -15.92 1.42
N ILE C 121 -35.94 -16.33 0.74
CA ILE C 121 -35.05 -17.41 1.16
C ILE C 121 -33.94 -16.81 2.03
N SER C 122 -33.64 -17.45 3.15
CA SER C 122 -32.57 -16.99 4.03
C SER C 122 -31.27 -17.69 3.66
N CYS C 123 -30.20 -17.34 4.36
CA CYS C 123 -28.86 -17.69 3.92
C CYS C 123 -28.51 -19.18 4.06
N ALA C 124 -28.91 -19.86 5.14
CA ALA C 124 -28.48 -21.25 5.31
C ALA C 124 -26.95 -21.36 5.40
N ASP C 125 -26.43 -22.46 5.99
CA ASP C 125 -25.07 -22.43 6.53
C ASP C 125 -24.13 -23.33 5.74
N GLU C 126 -24.24 -23.27 4.41
CA GLU C 126 -23.42 -24.04 3.49
C GLU C 126 -22.78 -23.09 2.49
N VAL C 127 -21.50 -23.33 2.16
CA VAL C 127 -20.90 -22.62 1.05
C VAL C 127 -21.48 -23.19 -0.23
N SER C 128 -21.89 -22.27 -1.12
CA SER C 128 -22.84 -22.54 -2.19
C SER C 128 -22.19 -22.16 -3.53
N HIS C 129 -22.33 -23.04 -4.52
CA HIS C 129 -21.93 -22.73 -5.88
C HIS C 129 -23.09 -22.15 -6.68
N ASP C 130 -24.16 -21.71 -6.00
CA ASP C 130 -25.43 -21.42 -6.66
C ASP C 130 -25.23 -20.25 -7.60
N PHE C 131 -25.72 -20.40 -8.84
CA PHE C 131 -25.68 -19.34 -9.86
C PHE C 131 -24.28 -19.15 -10.44
N GLU C 132 -23.28 -19.88 -9.93
CA GLU C 132 -21.89 -19.71 -10.34
C GLU C 132 -21.72 -19.93 -11.85
N ALA C 133 -22.25 -21.06 -12.39
CA ALA C 133 -22.04 -21.37 -13.80
C ALA C 133 -22.76 -20.32 -14.64
N LEU C 134 -23.92 -19.84 -14.16
CA LEU C 134 -24.69 -18.83 -14.86
C LEU C 134 -23.94 -17.51 -14.85
N ALA C 135 -23.34 -17.18 -13.70
CA ALA C 135 -22.50 -15.98 -13.59
C ALA C 135 -21.33 -16.03 -14.57
N GLN C 136 -20.70 -17.21 -14.70
CA GLN C 136 -19.58 -17.39 -15.61
C GLN C 136 -20.03 -17.14 -17.05
N ALA C 137 -21.21 -17.67 -17.39
CA ALA C 137 -21.77 -17.52 -18.71
C ALA C 137 -21.95 -16.03 -19.04
N LYS C 138 -22.52 -15.30 -18.10
CA LYS C 138 -22.80 -13.88 -18.32
C LYS C 138 -21.48 -13.12 -18.46
N THR C 139 -20.52 -13.50 -17.62
CA THR C 139 -19.19 -12.88 -17.63
C THR C 139 -18.54 -13.07 -18.99
N ILE C 140 -18.62 -14.28 -19.54
CA ILE C 140 -17.99 -14.53 -20.82
C ILE C 140 -18.68 -13.72 -21.90
N THR C 141 -20.02 -13.65 -21.86
CA THR C 141 -20.73 -12.81 -22.82
C THR C 141 -20.24 -11.37 -22.75
N LEU C 142 -20.10 -10.82 -21.53
CA LEU C 142 -19.60 -9.45 -21.44
C LEU C 142 -18.23 -9.31 -22.11
N LEU C 143 -17.30 -10.24 -21.79
CA LEU C 143 -15.94 -10.11 -22.29
C LEU C 143 -15.94 -10.23 -23.80
N GLU C 144 -16.77 -11.15 -24.34
CA GLU C 144 -16.92 -11.33 -25.78
C GLU C 144 -17.38 -10.05 -26.48
N LEU C 145 -18.11 -9.17 -25.80
CA LEU C 145 -18.58 -8.05 -26.60
C LEU C 145 -17.71 -6.80 -26.45
N LEU C 146 -16.53 -6.93 -25.81
CA LEU C 146 -15.67 -5.77 -25.60
C LEU C 146 -15.21 -5.18 -26.94
N PRO C 147 -14.87 -5.99 -27.98
CA PRO C 147 -14.56 -5.43 -29.31
C PRO C 147 -15.70 -4.61 -29.88
N ARG C 148 -16.93 -5.11 -29.76
CA ARG C 148 -18.07 -4.35 -30.24
C ARG C 148 -18.22 -3.04 -29.43
N LEU C 149 -18.02 -3.11 -28.09
CA LEU C 149 -18.05 -1.90 -27.26
C LEU C 149 -17.03 -0.86 -27.73
N ARG C 150 -15.82 -1.30 -28.09
CA ARG C 150 -14.80 -0.37 -28.57
C ARG C 150 -15.27 0.35 -29.84
N ARG C 151 -15.97 -0.40 -30.70
CA ARG C 151 -16.50 0.14 -31.94
C ARG C 151 -17.52 1.24 -31.64
N THR C 152 -18.47 0.96 -30.73
CA THR C 152 -19.43 1.96 -30.28
C THR C 152 -18.73 3.16 -29.65
N LEU C 153 -17.73 2.92 -28.80
CA LEU C 153 -17.12 4.06 -28.12
C LEU C 153 -16.31 4.90 -29.11
N ALA C 154 -15.80 4.30 -30.19
CA ALA C 154 -15.06 5.10 -31.16
C ALA C 154 -15.99 6.12 -31.80
N LEU C 155 -17.26 5.73 -31.93
CA LEU C 155 -18.25 6.67 -32.45
C LEU C 155 -18.57 7.75 -31.42
N ASP C 156 -18.63 7.38 -30.13
CA ASP C 156 -18.84 8.39 -29.11
C ASP C 156 -17.69 9.40 -29.08
N VAL C 157 -16.45 8.92 -29.27
CA VAL C 157 -15.32 9.82 -29.18
C VAL C 157 -15.38 10.81 -30.34
N GLN C 158 -15.70 10.29 -31.54
CA GLN C 158 -15.89 11.16 -32.71
C GLN C 158 -17.02 12.14 -32.45
N ALA C 159 -18.12 11.69 -31.80
CA ALA C 159 -19.24 12.59 -31.55
C ALA C 159 -18.84 13.77 -30.65
N ALA C 160 -17.93 13.48 -29.69
CA ALA C 160 -17.45 14.54 -28.81
C ALA C 160 -16.64 15.55 -29.61
N PHE C 161 -15.77 15.02 -30.47
CA PHE C 161 -14.95 15.86 -31.33
C PHE C 161 -15.87 16.72 -32.22
N ASP C 162 -16.91 16.11 -32.84
CA ASP C 162 -17.83 16.82 -33.72
C ASP C 162 -18.66 17.85 -32.96
N GLY C 163 -19.09 17.48 -31.75
CA GLY C 163 -20.03 18.28 -30.96
C GLY C 163 -19.35 19.42 -30.20
N ASP C 164 -18.01 19.37 -30.06
CA ASP C 164 -17.31 20.47 -29.41
C ASP C 164 -16.28 21.04 -30.38
N PRO C 165 -16.61 22.11 -31.13
CA PRO C 165 -15.70 22.63 -32.15
C PRO C 165 -14.41 23.20 -31.55
N ALA C 166 -14.44 23.56 -30.27
CA ALA C 166 -13.23 24.09 -29.64
C ALA C 166 -12.33 22.96 -29.14
N ALA C 167 -12.68 21.70 -29.40
CA ALA C 167 -11.91 20.62 -28.77
C ALA C 167 -10.49 20.58 -29.32
N GLY C 168 -9.49 20.55 -28.43
CA GLY C 168 -8.07 20.50 -28.75
C GLY C 168 -7.65 19.31 -29.61
N SER C 169 -8.00 18.09 -29.15
CA SER C 169 -7.60 16.86 -29.83
C SER C 169 -8.52 15.74 -29.35
N LEU C 170 -8.49 14.59 -30.06
CA LEU C 170 -9.17 13.41 -29.52
C LEU C 170 -8.55 13.09 -28.16
N ASP C 171 -7.26 13.36 -27.99
CA ASP C 171 -6.55 12.91 -26.79
C ASP C 171 -7.12 13.61 -25.57
N GLU C 172 -7.35 14.91 -25.71
CA GLU C 172 -7.88 15.66 -24.58
C GLU C 172 -9.26 15.14 -24.19
N ILE C 173 -10.10 14.89 -25.22
CA ILE C 173 -11.42 14.30 -25.04
C ILE C 173 -11.33 13.00 -24.24
N ILE C 174 -10.45 12.11 -24.70
CA ILE C 174 -10.37 10.79 -24.09
C ILE C 174 -9.86 10.93 -22.66
N PHE C 175 -8.81 11.75 -22.50
CA PHE C 175 -8.21 11.93 -21.20
C PHE C 175 -9.22 12.44 -20.18
N CYS C 176 -10.05 13.43 -20.53
CA CYS C 176 -10.72 14.07 -19.41
C CYS C 176 -12.14 14.58 -19.68
N TYR C 177 -12.72 14.37 -20.86
CA TYR C 177 -14.09 14.84 -21.06
C TYR C 177 -15.02 13.97 -20.22
N PRO C 178 -15.76 14.57 -19.26
CA PRO C 178 -16.51 13.75 -18.30
C PRO C 178 -17.70 13.04 -18.97
N GLY C 179 -18.26 13.67 -20.02
CA GLY C 179 -19.31 13.04 -20.80
C GLY C 179 -18.85 11.67 -21.30
N LEU C 180 -17.57 11.59 -21.74
CA LEU C 180 -17.12 10.35 -22.35
C LEU C 180 -16.97 9.29 -21.25
N HIS C 181 -16.50 9.72 -20.08
CA HIS C 181 -16.30 8.76 -19.00
C HIS C 181 -17.64 8.20 -18.53
N ALA C 182 -18.65 9.08 -18.38
CA ALA C 182 -19.96 8.66 -17.89
C ALA C 182 -20.62 7.69 -18.88
N VAL C 183 -20.43 7.97 -20.17
CA VAL C 183 -21.05 7.17 -21.24
C VAL C 183 -20.37 5.80 -21.33
N THR C 184 -19.05 5.77 -21.15
CA THR C 184 -18.27 4.53 -21.15
C THR C 184 -18.76 3.63 -20.02
N ILE C 185 -18.85 4.19 -18.79
CA ILE C 185 -19.34 3.41 -17.66
C ILE C 185 -20.76 2.93 -17.94
N TYR C 186 -21.62 3.84 -18.42
CA TYR C 186 -23.02 3.52 -18.67
C TYR C 186 -23.11 2.36 -19.68
N ARG C 187 -22.30 2.40 -20.73
CA ARG C 187 -22.39 1.35 -21.73
C ARG C 187 -22.03 -0.01 -21.14
N LEU C 188 -21.01 -0.06 -20.23
CA LEU C 188 -20.66 -1.31 -19.58
C LEU C 188 -21.81 -1.75 -18.67
N ALA C 189 -22.36 -0.81 -17.89
CA ALA C 189 -23.43 -1.11 -16.95
C ALA C 189 -24.65 -1.65 -17.71
N HIS C 190 -24.92 -1.06 -18.88
CA HIS C 190 -26.10 -1.36 -19.67
C HIS C 190 -26.03 -2.78 -20.21
N GLU C 191 -24.86 -3.24 -20.65
CA GLU C 191 -24.72 -4.63 -21.07
C GLU C 191 -25.01 -5.56 -19.89
N LEU C 192 -24.55 -5.20 -18.68
CA LEU C 192 -24.82 -6.04 -17.53
C LEU C 192 -26.31 -6.05 -17.19
N TYR C 193 -26.96 -4.90 -17.37
CA TYR C 193 -28.40 -4.77 -17.19
C TYR C 193 -29.14 -5.69 -18.17
N LEU C 194 -28.75 -5.67 -19.46
CA LEU C 194 -29.38 -6.55 -20.45
C LEU C 194 -29.20 -8.03 -20.07
N LEU C 195 -28.13 -8.37 -19.33
CA LEU C 195 -27.88 -9.75 -18.92
C LEU C 195 -28.60 -10.10 -17.61
N ASP C 196 -29.46 -9.20 -17.12
CA ASP C 196 -30.19 -9.39 -15.88
C ASP C 196 -29.25 -9.55 -14.68
N VAL C 197 -28.13 -8.81 -14.67
CA VAL C 197 -27.26 -8.82 -13.51
C VAL C 197 -27.79 -7.81 -12.49
N PRO C 198 -28.25 -8.23 -11.29
CA PRO C 198 -28.71 -7.30 -10.27
C PRO C 198 -27.57 -6.47 -9.65
N LEU C 199 -27.90 -5.27 -9.17
CA LEU C 199 -27.08 -4.46 -8.25
C LEU C 199 -25.91 -3.78 -8.96
N ILE C 200 -25.10 -4.60 -9.63
CA ILE C 200 -23.85 -4.15 -10.21
C ILE C 200 -24.06 -3.02 -11.21
N PRO C 201 -25.06 -3.06 -12.12
CA PRO C 201 -25.22 -1.97 -13.09
C PRO C 201 -25.40 -0.59 -12.45
N ARG C 202 -26.25 -0.52 -11.41
CA ARG C 202 -26.53 0.73 -10.69
C ARG C 202 -25.30 1.16 -9.89
N MET C 203 -24.55 0.18 -9.37
CA MET C 203 -23.31 0.46 -8.66
C MET C 203 -22.35 1.18 -9.61
N LEU C 204 -22.31 0.72 -10.88
CA LEU C 204 -21.42 1.33 -11.87
C LEU C 204 -21.88 2.74 -12.26
N THR C 205 -23.17 2.91 -12.61
CA THR C 205 -23.64 4.22 -13.06
C THR C 205 -23.58 5.24 -11.92
N GLU C 206 -23.85 4.83 -10.68
CA GLU C 206 -23.76 5.75 -9.55
C GLU C 206 -22.30 6.13 -9.27
N TRP C 207 -21.38 5.20 -9.47
CA TRP C 207 -19.98 5.54 -9.42
C TRP C 207 -19.65 6.65 -10.43
N ALA C 208 -20.09 6.51 -11.69
CA ALA C 208 -19.83 7.54 -12.69
C ALA C 208 -20.55 8.83 -12.32
N HIS C 209 -21.80 8.70 -11.82
CA HIS C 209 -22.59 9.84 -11.37
C HIS C 209 -21.78 10.66 -10.36
N SER C 210 -21.15 9.93 -9.44
CA SER C 210 -20.40 10.52 -8.35
C SER C 210 -19.18 11.27 -8.87
N GLN C 211 -18.57 10.76 -9.95
CA GLN C 211 -17.36 11.34 -10.52
C GLN C 211 -17.66 12.48 -11.49
N THR C 212 -18.90 12.61 -12.01
CA THR C 212 -19.14 13.52 -13.14
C THR C 212 -20.38 14.39 -12.92
N GLY C 213 -21.18 14.07 -11.91
CA GLY C 213 -22.48 14.76 -11.85
C GLY C 213 -23.47 14.37 -12.95
N ILE C 214 -23.13 13.35 -13.78
CA ILE C 214 -24.03 12.85 -14.81
C ILE C 214 -24.69 11.58 -14.30
N ASP C 215 -26.02 11.55 -14.31
CA ASP C 215 -26.79 10.50 -13.68
C ASP C 215 -27.56 9.74 -14.77
N ILE C 216 -27.02 8.62 -15.25
CA ILE C 216 -27.69 7.84 -16.28
C ILE C 216 -28.16 6.52 -15.67
N HIS C 217 -29.46 6.25 -15.70
CA HIS C 217 -29.94 4.96 -15.22
C HIS C 217 -29.38 3.87 -16.15
N PRO C 218 -28.90 2.70 -15.65
CA PRO C 218 -28.35 1.66 -16.53
C PRO C 218 -29.34 1.04 -17.52
N GLY C 219 -30.65 1.22 -17.26
CA GLY C 219 -31.71 0.68 -18.08
C GLY C 219 -31.96 1.54 -19.33
N ALA C 220 -31.42 2.77 -19.34
CA ALA C 220 -31.64 3.65 -20.49
C ALA C 220 -31.06 3.01 -21.74
N THR C 221 -31.71 3.31 -22.86
CA THR C 221 -31.30 2.86 -24.18
C THR C 221 -30.71 4.06 -24.90
N ILE C 222 -29.45 3.93 -25.38
CA ILE C 222 -28.78 5.06 -26.00
C ILE C 222 -28.01 4.59 -27.25
N GLY C 223 -28.29 5.21 -28.40
CA GLY C 223 -27.71 4.73 -29.65
C GLY C 223 -26.30 5.27 -29.81
N HIS C 224 -25.74 5.21 -31.03
CA HIS C 224 -24.30 5.46 -31.15
C HIS C 224 -24.07 6.95 -31.32
N SER C 225 -22.82 7.39 -31.33
CA SER C 225 -22.47 8.79 -31.53
C SER C 225 -23.17 9.71 -30.53
N PHE C 226 -23.20 9.30 -29.26
CA PHE C 226 -23.82 10.09 -28.19
C PHE C 226 -22.77 10.99 -27.56
N PHE C 227 -23.14 12.22 -27.21
CA PHE C 227 -22.18 13.12 -26.58
C PHE C 227 -22.88 13.96 -25.53
N ILE C 228 -22.33 13.98 -24.30
CA ILE C 228 -22.74 14.94 -23.28
C ILE C 228 -21.59 15.93 -23.07
N ASP C 229 -21.85 17.23 -23.32
CA ASP C 229 -20.86 18.26 -23.07
C ASP C 229 -21.13 18.91 -21.71
N HIS C 230 -20.08 19.13 -20.91
CA HIS C 230 -20.15 19.72 -19.57
C HIS C 230 -20.80 18.73 -18.60
N GLY C 231 -22.13 18.52 -18.73
CA GLY C 231 -22.78 17.34 -18.18
C GLY C 231 -23.29 17.46 -16.74
N THR C 232 -22.71 18.33 -15.89
CA THR C 232 -23.15 18.33 -14.49
C THR C 232 -24.66 18.50 -14.43
N GLY C 233 -25.33 17.61 -13.69
CA GLY C 233 -26.76 17.76 -13.50
C GLY C 233 -27.61 17.07 -14.56
N VAL C 234 -27.01 16.33 -15.49
CA VAL C 234 -27.79 15.55 -16.43
C VAL C 234 -28.43 14.37 -15.69
N VAL C 235 -29.73 14.19 -15.88
CA VAL C 235 -30.45 13.01 -15.40
C VAL C 235 -31.16 12.35 -16.59
N ILE C 236 -30.92 11.04 -16.77
CA ILE C 236 -31.56 10.25 -17.81
C ILE C 236 -32.22 9.03 -17.16
N GLY C 237 -33.54 8.89 -17.34
CA GLY C 237 -34.32 7.91 -16.60
C GLY C 237 -34.26 6.50 -17.19
N GLU C 238 -34.76 5.52 -16.43
CA GLU C 238 -34.62 4.10 -16.73
C GLU C 238 -35.21 3.73 -18.09
N THR C 239 -36.35 4.35 -18.42
CA THR C 239 -37.11 3.94 -19.61
C THR C 239 -36.85 4.91 -20.75
N CYS C 240 -35.94 5.86 -20.55
CA CYS C 240 -35.60 6.79 -21.61
C CYS C 240 -35.04 6.04 -22.82
N GLU C 241 -35.33 6.54 -24.04
CA GLU C 241 -34.81 5.95 -25.26
C GLU C 241 -34.20 7.04 -26.11
N ILE C 242 -32.90 6.94 -26.40
CA ILE C 242 -32.17 7.96 -27.15
C ILE C 242 -31.61 7.29 -28.39
N ALA C 243 -31.82 7.94 -29.55
CA ALA C 243 -31.37 7.34 -30.81
C ALA C 243 -29.91 7.74 -31.07
N ASN C 244 -29.52 7.92 -32.34
CA ASN C 244 -28.14 8.12 -32.70
C ASN C 244 -27.84 9.60 -32.88
N HIS C 245 -26.55 9.99 -32.74
CA HIS C 245 -26.11 11.34 -33.05
C HIS C 245 -26.80 12.38 -32.16
N VAL C 246 -27.05 12.03 -30.89
CA VAL C 246 -27.70 12.98 -30.00
C VAL C 246 -26.66 13.70 -29.14
N LYS C 247 -26.88 14.99 -28.88
CA LYS C 247 -25.99 15.78 -28.03
C LYS C 247 -26.78 16.48 -26.90
N LEU C 248 -26.33 16.33 -25.64
CA LEU C 248 -26.94 16.96 -24.47
C LEU C 248 -25.91 17.86 -23.76
N TYR C 249 -26.42 18.84 -23.01
CA TYR C 249 -25.59 19.77 -22.25
C TYR C 249 -25.84 19.63 -20.75
N GLN C 250 -25.23 20.50 -19.94
CA GLN C 250 -25.34 20.41 -18.50
C GLN C 250 -26.79 20.68 -18.09
N GLY C 251 -27.22 20.04 -16.98
CA GLY C 251 -28.49 20.32 -16.34
C GLY C 251 -29.71 19.78 -17.10
N VAL C 252 -29.52 18.97 -18.14
CA VAL C 252 -30.67 18.43 -18.87
C VAL C 252 -31.31 17.30 -18.06
N THR C 253 -32.64 17.37 -17.87
CA THR C 253 -33.40 16.24 -17.32
C THR C 253 -34.24 15.58 -18.41
N LEU C 254 -34.08 14.27 -18.59
CA LEU C 254 -34.99 13.46 -19.39
C LEU C 254 -35.69 12.51 -18.42
N GLY C 255 -36.85 12.97 -17.94
CA GLY C 255 -37.44 12.40 -16.73
C GLY C 255 -38.92 12.07 -16.86
N ALA C 256 -39.53 11.83 -15.72
CA ALA C 256 -40.89 11.38 -15.55
C ALA C 256 -41.77 12.56 -15.16
N LEU C 257 -43.07 12.46 -15.49
CA LEU C 257 -44.09 13.43 -15.07
C LEU C 257 -44.33 13.33 -13.57
N SER C 258 -44.58 14.49 -12.94
CA SER C 258 -44.91 14.64 -11.53
C SER C 258 -46.23 13.92 -11.22
N PHE C 259 -47.16 13.97 -12.19
CA PHE C 259 -48.51 13.46 -12.00
C PHE C 259 -48.79 12.35 -12.99
N PRO C 260 -48.27 11.12 -12.75
CA PRO C 260 -48.77 9.92 -13.43
C PRO C 260 -49.94 9.35 -12.61
N HIS C 271 -42.73 -0.23 -17.93
CA HIS C 271 -43.75 0.81 -18.26
C HIS C 271 -43.04 2.14 -18.56
N LYS C 272 -43.29 2.68 -19.76
CA LYS C 272 -42.45 3.75 -20.26
C LYS C 272 -42.90 5.07 -19.63
N ARG C 273 -42.00 5.71 -18.85
CA ARG C 273 -42.34 6.93 -18.14
C ARG C 273 -41.40 8.06 -18.53
N HIS C 274 -40.40 7.76 -19.38
CA HIS C 274 -39.36 8.71 -19.73
C HIS C 274 -39.37 8.93 -21.24
N PRO C 275 -38.85 10.07 -21.74
CA PRO C 275 -38.99 10.43 -23.16
C PRO C 275 -38.23 9.55 -24.15
N THR C 276 -38.63 9.68 -25.42
CA THR C 276 -37.89 9.17 -26.57
C THR C 276 -37.28 10.35 -27.29
N ILE C 277 -35.95 10.30 -27.51
CA ILE C 277 -35.23 11.32 -28.28
C ILE C 277 -34.75 10.68 -29.57
N GLU C 278 -35.16 11.25 -30.71
CA GLU C 278 -34.83 10.69 -32.02
C GLU C 278 -33.47 11.17 -32.49
N ASP C 279 -33.04 10.73 -33.68
CA ASP C 279 -31.69 10.95 -34.19
C ASP C 279 -31.41 12.44 -34.31
N HIS C 280 -30.13 12.82 -34.12
CA HIS C 280 -29.63 14.14 -34.44
C HIS C 280 -30.22 15.25 -33.58
N VAL C 281 -30.86 14.91 -32.46
CA VAL C 281 -31.42 15.94 -31.60
C VAL C 281 -30.29 16.59 -30.78
N VAL C 282 -30.36 17.91 -30.58
CA VAL C 282 -29.49 18.61 -29.64
C VAL C 282 -30.37 19.19 -28.53
N ILE C 283 -30.02 18.96 -27.25
CA ILE C 283 -30.76 19.51 -26.13
C ILE C 283 -29.81 20.34 -25.29
N TYR C 284 -30.05 21.66 -25.23
CA TYR C 284 -29.14 22.62 -24.65
C TYR C 284 -29.34 22.71 -23.13
N ALA C 285 -28.51 23.54 -22.48
CA ALA C 285 -28.31 23.52 -21.04
C ALA C 285 -29.65 23.72 -20.33
N ASN C 286 -29.92 22.90 -19.31
CA ASN C 286 -30.99 23.16 -18.35
C ASN C 286 -32.37 22.92 -18.95
N ALA C 287 -32.46 22.28 -20.12
CA ALA C 287 -33.76 21.85 -20.61
C ALA C 287 -34.31 20.70 -19.76
N THR C 288 -35.63 20.58 -19.70
CA THR C 288 -36.33 19.52 -19.00
C THR C 288 -37.36 18.92 -19.97
N VAL C 289 -37.26 17.60 -20.21
CA VAL C 289 -38.15 16.90 -21.14
C VAL C 289 -38.75 15.71 -20.39
N LEU C 290 -40.07 15.73 -20.14
CA LEU C 290 -40.71 14.74 -19.28
C LEU C 290 -41.82 13.96 -19.99
N GLY C 291 -42.02 12.70 -19.56
CA GLY C 291 -43.17 11.90 -19.97
C GLY C 291 -42.80 10.74 -20.90
N GLY C 292 -43.44 9.58 -20.67
CA GLY C 292 -43.25 8.36 -21.43
C GLY C 292 -43.74 8.50 -22.87
N GLU C 293 -44.62 9.49 -23.11
CA GLU C 293 -45.22 9.58 -24.43
C GLU C 293 -44.63 10.77 -25.18
N THR C 294 -43.73 11.49 -24.52
CA THR C 294 -43.02 12.61 -25.14
C THR C 294 -41.95 12.07 -26.08
N VAL C 295 -42.09 12.39 -27.37
CA VAL C 295 -41.16 11.99 -28.42
C VAL C 295 -40.60 13.28 -28.98
N ILE C 296 -39.27 13.45 -28.92
CA ILE C 296 -38.61 14.57 -29.57
C ILE C 296 -38.11 14.11 -30.93
N GLY C 297 -38.63 14.74 -31.99
CA GLY C 297 -38.47 14.23 -33.33
C GLY C 297 -37.09 14.49 -33.92
N SER C 298 -36.75 13.65 -34.89
CA SER C 298 -35.49 13.68 -35.60
C SER C 298 -35.05 15.12 -35.88
N HIS C 299 -33.80 15.49 -35.58
CA HIS C 299 -33.26 16.79 -35.99
C HIS C 299 -33.88 17.99 -35.27
N ALA C 300 -34.70 17.76 -34.23
CA ALA C 300 -35.17 18.86 -33.41
C ALA C 300 -34.03 19.48 -32.60
N VAL C 301 -34.25 20.70 -32.12
CA VAL C 301 -33.32 21.38 -31.23
C VAL C 301 -34.15 21.89 -30.05
N ILE C 302 -33.82 21.47 -28.83
CA ILE C 302 -34.49 21.93 -27.62
C ILE C 302 -33.60 22.99 -26.95
N GLY C 303 -34.08 24.25 -26.96
CA GLY C 303 -33.26 25.37 -26.54
C GLY C 303 -33.01 25.35 -25.03
N SER C 304 -32.00 26.09 -24.61
CA SER C 304 -31.65 26.21 -23.22
C SER C 304 -32.88 26.57 -22.37
N SER C 305 -33.07 25.91 -21.20
CA SER C 305 -34.10 26.19 -20.20
C SER C 305 -35.52 25.89 -20.68
N VAL C 306 -35.65 25.20 -21.83
CA VAL C 306 -36.95 24.80 -22.32
C VAL C 306 -37.48 23.66 -21.46
N SER C 307 -38.76 23.75 -21.10
CA SER C 307 -39.41 22.74 -20.31
C SER C 307 -40.61 22.16 -21.08
N LEU C 308 -40.57 20.86 -21.45
CA LEU C 308 -41.54 20.25 -22.35
C LEU C 308 -42.08 18.97 -21.74
N SER C 309 -43.39 18.73 -21.90
CA SER C 309 -44.06 17.51 -21.47
C SER C 309 -44.91 16.92 -22.60
N HIS C 310 -44.61 17.27 -23.84
CA HIS C 310 -45.34 16.75 -25.00
C HIS C 310 -44.34 16.66 -26.15
N SER C 311 -44.72 15.86 -27.15
CA SER C 311 -43.90 15.62 -28.34
C SER C 311 -43.63 16.89 -29.14
N VAL C 312 -42.55 16.83 -29.90
CA VAL C 312 -42.09 17.90 -30.77
C VAL C 312 -41.85 17.23 -32.12
N PRO C 313 -42.32 17.83 -33.24
CA PRO C 313 -42.16 17.19 -34.56
C PRO C 313 -40.71 17.25 -34.99
N PRO C 314 -40.30 16.37 -35.94
CA PRO C 314 -38.97 16.46 -36.55
C PRO C 314 -38.65 17.88 -37.02
N ASN C 315 -37.37 18.26 -37.02
CA ASN C 315 -36.87 19.44 -37.69
C ASN C 315 -37.41 20.75 -37.09
N THR C 316 -37.83 20.69 -35.81
CA THR C 316 -38.36 21.85 -35.10
C THR C 316 -37.31 22.37 -34.11
N ILE C 317 -37.13 23.69 -34.07
CA ILE C 317 -36.31 24.34 -33.05
C ILE C 317 -37.24 24.95 -32.01
N VAL C 318 -37.13 24.51 -30.74
CA VAL C 318 -38.00 24.96 -29.65
C VAL C 318 -37.20 25.87 -28.73
N THR C 319 -37.68 27.12 -28.50
CA THR C 319 -36.99 28.03 -27.59
C THR C 319 -37.95 28.65 -26.58
N ILE C 320 -37.40 29.21 -25.48
CA ILE C 320 -38.22 29.88 -24.48
C ILE C 320 -38.63 31.23 -25.06
N GLU C 321 -39.78 31.75 -24.63
CA GLU C 321 -40.05 33.16 -24.85
C GLU C 321 -39.00 33.99 -24.11
N LYS C 322 -38.46 35.03 -24.77
CA LYS C 322 -37.59 35.98 -24.07
C LYS C 322 -38.23 36.33 -22.73
N PRO C 323 -37.51 36.15 -21.59
CA PRO C 323 -38.02 36.55 -20.26
C PRO C 323 -38.36 38.03 -20.14
N SER C 324 -39.38 38.32 -19.31
CA SER C 324 -39.59 39.69 -18.87
C SER C 324 -38.63 40.01 -17.73
N LEU C 325 -37.63 40.83 -18.04
CA LEU C 325 -36.69 41.23 -17.00
C LEU C 325 -37.05 42.64 -16.52
N ARG C 326 -36.87 42.85 -15.22
CA ARG C 326 -36.94 44.19 -14.65
C ARG C 326 -35.52 44.66 -14.34
N TYR C 327 -35.30 45.94 -14.65
CA TYR C 327 -34.03 46.63 -14.41
C TYR C 327 -34.26 47.80 -13.46
N ARG C 328 -33.40 47.93 -12.45
CA ARG C 328 -33.37 49.15 -11.67
C ARG C 328 -31.92 49.57 -11.43
N GLU C 329 -31.69 50.89 -11.31
CA GLU C 329 -30.40 51.43 -10.95
C GLU C 329 -30.21 51.20 -9.45
N ALA C 330 -29.00 50.83 -9.05
CA ALA C 330 -28.69 50.56 -7.66
C ALA C 330 -28.50 51.89 -6.91
N SER C 331 -28.70 51.82 -5.58
CA SER C 331 -28.27 52.78 -4.55
C SER C 331 -29.50 53.39 -3.86
N ASP D 24 20.98 23.74 -18.21
CA ASP D 24 20.04 22.58 -18.04
C ASP D 24 20.03 22.13 -16.58
N LEU D 25 20.97 21.24 -16.19
CA LEU D 25 21.20 20.94 -14.78
C LEU D 25 21.69 22.19 -14.04
N ARG D 26 22.33 23.10 -14.79
CA ARG D 26 22.72 24.41 -14.30
C ARG D 26 21.49 25.18 -13.81
N LEU D 27 20.35 25.06 -14.53
CA LEU D 27 19.10 25.74 -14.19
C LEU D 27 18.46 25.17 -12.91
N LYS D 28 18.79 23.91 -12.53
CA LYS D 28 18.37 23.32 -11.26
C LYS D 28 18.91 24.13 -10.09
N ASP D 29 19.97 24.90 -10.35
CA ASP D 29 20.63 25.71 -9.33
C ASP D 29 19.74 26.88 -8.93
N GLN D 30 18.71 27.17 -9.72
CA GLN D 30 17.75 28.18 -9.33
C GLN D 30 16.70 27.67 -8.34
N LEU D 31 16.58 26.33 -8.13
CA LEU D 31 15.44 25.81 -7.37
C LEU D 31 15.53 26.20 -5.90
N PRO D 32 16.73 26.14 -5.25
CA PRO D 32 16.87 26.65 -3.88
C PRO D 32 16.33 28.06 -3.64
N GLU D 33 16.53 28.94 -4.63
CA GLU D 33 16.10 30.33 -4.60
C GLU D 33 14.58 30.45 -4.70
N ILE D 34 13.99 29.71 -5.64
CA ILE D 34 12.54 29.61 -5.77
C ILE D 34 11.89 29.10 -4.47
N THR D 35 12.55 28.13 -3.81
CA THR D 35 12.13 27.60 -2.54
C THR D 35 12.09 28.73 -1.50
N ASP D 36 13.16 29.53 -1.47
CA ASP D 36 13.26 30.64 -0.53
C ASP D 36 12.21 31.72 -0.81
N ARG D 37 11.93 32.03 -2.08
CA ARG D 37 10.88 33.00 -2.41
C ARG D 37 9.56 32.52 -1.80
N ILE D 38 9.31 31.20 -1.89
CA ILE D 38 8.04 30.69 -1.38
C ILE D 38 7.99 30.78 0.15
N VAL D 39 9.08 30.40 0.82
CA VAL D 39 9.13 30.45 2.29
C VAL D 39 8.97 31.90 2.73
N GLU D 40 9.67 32.82 2.06
CA GLU D 40 9.55 34.24 2.36
C GLU D 40 8.07 34.68 2.25
N SER D 41 7.36 34.19 1.22
CA SER D 41 5.97 34.61 1.01
C SER D 41 5.07 34.12 2.15
N TYR D 42 5.53 33.13 2.92
CA TYR D 42 4.75 32.65 4.07
C TYR D 42 4.77 33.71 5.18
N ARG D 43 5.91 34.43 5.32
CA ARG D 43 6.06 35.58 6.20
C ARG D 43 5.15 36.75 5.76
N ASP D 44 5.04 37.00 4.45
CA ASP D 44 4.30 38.14 3.93
C ASP D 44 2.79 37.90 3.91
N PHE D 45 2.36 36.67 3.61
CA PHE D 45 0.94 36.38 3.47
C PHE D 45 0.59 35.19 4.33
N ALA D 46 0.24 35.49 5.58
CA ALA D 46 0.10 34.45 6.59
C ALA D 46 -1.30 33.82 6.58
N THR D 47 -2.19 34.21 5.67
CA THR D 47 -3.60 33.91 5.95
C THR D 47 -3.99 32.58 5.32
N THR D 48 -3.18 32.12 4.34
CA THR D 48 -3.50 30.87 3.68
C THR D 48 -2.61 29.70 4.12
N HIS D 49 -1.84 29.90 5.20
CA HIS D 49 -1.03 28.83 5.79
C HIS D 49 -1.32 28.73 7.29
N HIS D 50 -0.97 27.61 7.91
CA HIS D 50 -1.09 27.45 9.36
C HIS D 50 0.20 26.78 9.84
N LEU D 51 1.28 27.57 9.90
CA LEU D 51 2.59 27.10 10.31
C LEU D 51 2.76 27.43 11.79
N GLY D 52 3.26 26.47 12.57
CA GLY D 52 3.38 26.61 14.01
C GLY D 52 3.35 25.24 14.68
N HIS D 53 3.27 25.19 16.00
CA HIS D 53 3.40 23.90 16.67
C HIS D 53 2.06 23.31 17.14
N CYS D 54 0.93 23.77 16.54
CA CYS D 54 -0.47 23.50 16.90
C CYS D 54 -1.19 22.88 15.72
N PRO D 55 -1.08 21.57 15.53
CA PRO D 55 -1.67 20.97 14.33
C PRO D 55 -3.16 21.31 14.29
N LEU D 56 -3.62 21.77 13.15
CA LEU D 56 -5.06 21.72 12.91
C LEU D 56 -5.56 20.27 12.73
N PRO D 57 -6.89 20.06 12.60
CA PRO D 57 -7.46 18.78 12.16
C PRO D 57 -7.00 18.39 10.75
N SER D 58 -7.05 17.10 10.48
CA SER D 58 -6.57 16.55 9.23
C SER D 58 -7.78 16.14 8.39
N SER D 59 -7.87 16.65 7.16
CA SER D 59 -8.90 16.22 6.22
C SER D 59 -8.97 14.70 6.10
N GLU D 60 -7.79 14.06 5.98
CA GLU D 60 -7.69 12.63 5.79
C GLU D 60 -8.24 11.89 7.02
N ALA D 61 -7.93 12.40 8.22
CA ALA D 61 -8.38 11.72 9.43
C ALA D 61 -9.89 11.83 9.53
N VAL D 62 -10.44 12.96 9.09
CA VAL D 62 -11.87 13.16 9.18
C VAL D 62 -12.56 12.21 8.20
N TYR D 63 -11.99 12.08 6.99
N TYR D 63 -12.00 12.09 6.99
CA TYR D 63 -12.55 11.17 6.01
CA TYR D 63 -12.52 11.16 5.99
C TYR D 63 -12.52 9.73 6.55
C TYR D 63 -12.52 9.73 6.55
N GLU D 64 -11.38 9.33 7.14
CA GLU D 64 -11.23 8.01 7.76
C GLU D 64 -12.26 7.76 8.86
N ILE D 65 -12.44 8.73 9.77
CA ILE D 65 -13.45 8.65 10.81
C ILE D 65 -14.82 8.41 10.16
N ALA D 66 -15.10 9.13 9.08
CA ALA D 66 -16.38 8.99 8.40
C ALA D 66 -16.53 7.57 7.85
N GLN D 67 -15.44 6.99 7.31
CA GLN D 67 -15.53 5.63 6.78
C GLN D 67 -15.90 4.67 7.91
N ASP D 68 -15.25 4.82 9.07
CA ASP D 68 -15.48 3.93 10.20
C ASP D 68 -16.89 4.05 10.76
N LEU D 69 -17.40 5.29 10.85
CA LEU D 69 -18.77 5.56 11.29
C LEU D 69 -19.76 4.85 10.38
N GLN D 70 -19.53 4.98 9.07
CA GLN D 70 -20.39 4.31 8.09
C GLN D 70 -20.31 2.78 8.22
N GLU D 71 -19.11 2.24 8.51
CA GLU D 71 -19.00 0.80 8.71
C GLU D 71 -19.89 0.33 9.85
N ILE D 72 -19.96 1.12 10.92
CA ILE D 72 -20.79 0.78 12.06
C ILE D 72 -22.27 0.87 11.67
N LEU D 73 -22.64 1.89 10.90
CA LEU D 73 -24.05 2.14 10.60
C LEU D 73 -24.58 1.13 9.59
N PHE D 74 -23.72 0.68 8.64
CA PHE D 74 -24.16 -0.16 7.53
C PHE D 74 -23.22 -1.34 7.32
N PRO D 75 -23.04 -2.22 8.33
CA PRO D 75 -22.07 -3.31 8.22
C PRO D 75 -22.57 -4.34 7.21
N GLY D 76 -21.62 -4.82 6.39
CA GLY D 76 -21.92 -5.72 5.29
C GLY D 76 -22.04 -5.01 3.95
N TYR D 77 -22.17 -3.67 3.97
CA TYR D 77 -22.38 -2.90 2.75
C TYR D 77 -21.19 -1.99 2.41
N ARG D 78 -20.13 -2.07 3.21
CA ARG D 78 -19.01 -1.14 3.09
C ARG D 78 -17.76 -1.95 2.77
N ARG D 79 -16.70 -1.79 3.56
CA ARG D 79 -15.43 -2.42 3.24
C ARG D 79 -15.40 -3.93 3.51
N ARG D 80 -15.88 -4.39 4.68
CA ARG D 80 -15.83 -5.82 4.98
C ARG D 80 -17.11 -6.52 4.54
N GLN D 81 -16.95 -7.75 3.98
CA GLN D 81 -18.05 -8.58 3.48
C GLN D 81 -18.15 -9.91 4.22
N ASN D 82 -17.42 -10.08 5.32
CA ASN D 82 -17.40 -11.35 6.02
C ASN D 82 -17.90 -11.15 7.46
N LEU D 83 -18.82 -10.19 7.65
CA LEU D 83 -19.36 -9.92 8.97
C LEU D 83 -20.63 -10.73 9.21
N HIS D 84 -20.67 -11.38 10.37
CA HIS D 84 -21.80 -12.16 10.85
C HIS D 84 -21.96 -11.92 12.35
N MET D 85 -23.07 -12.38 12.93
CA MET D 85 -23.37 -12.12 14.33
C MET D 85 -22.26 -12.68 15.25
N GLY D 86 -21.47 -13.61 14.74
CA GLY D 86 -20.43 -14.23 15.55
C GLY D 86 -19.13 -13.43 15.60
N ASN D 87 -18.97 -12.45 14.69
CA ASN D 87 -17.72 -11.68 14.70
C ASN D 87 -17.98 -10.16 14.77
N VAL D 88 -19.25 -9.74 14.65
CA VAL D 88 -19.55 -8.32 14.48
C VAL D 88 -19.23 -7.54 15.76
N THR D 89 -19.20 -8.21 16.92
CA THR D 89 -18.85 -7.55 18.17
C THR D 89 -17.41 -7.08 18.12
N TYR D 90 -16.56 -7.92 17.53
CA TYR D 90 -15.14 -7.64 17.44
C TYR D 90 -14.93 -6.47 16.49
N HIS D 91 -15.66 -6.48 15.38
CA HIS D 91 -15.56 -5.44 14.37
C HIS D 91 -15.96 -4.08 14.97
N VAL D 92 -17.17 -4.03 15.55
CA VAL D 92 -17.72 -2.83 16.15
C VAL D 92 -16.84 -2.35 17.30
N GLY D 93 -16.42 -3.30 18.17
CA GLY D 93 -15.69 -3.00 19.38
C GLY D 93 -14.39 -2.29 19.05
N ASP D 94 -13.71 -2.81 18.02
CA ASP D 94 -12.46 -2.28 17.50
C ASP D 94 -12.67 -0.90 16.88
N LEU D 95 -13.71 -0.74 16.06
CA LEU D 95 -13.99 0.55 15.43
C LEU D 95 -14.36 1.62 16.46
N VAL D 96 -15.16 1.25 17.46
CA VAL D 96 -15.52 2.19 18.53
C VAL D 96 -14.26 2.64 19.27
N ASP D 97 -13.36 1.70 19.54
CA ASP D 97 -12.15 2.00 20.28
C ASP D 97 -11.28 2.98 19.47
N SER D 98 -11.11 2.67 18.19
CA SER D 98 -10.33 3.51 17.29
C SER D 98 -10.94 4.92 17.15
N LEU D 99 -12.26 4.94 16.96
CA LEU D 99 -12.99 6.20 16.74
C LEU D 99 -12.86 7.09 17.98
N HIS D 100 -12.99 6.50 19.15
CA HIS D 100 -12.85 7.21 20.39
C HIS D 100 -11.54 7.99 20.39
N ASP D 101 -10.43 7.34 20.01
CA ASP D 101 -9.12 7.98 20.04
C ASP D 101 -8.99 9.03 18.93
N ARG D 102 -9.43 8.69 17.71
CA ARG D 102 -9.26 9.56 16.57
C ARG D 102 -10.21 10.76 16.61
N LEU D 103 -11.51 10.55 16.87
CA LEU D 103 -12.43 11.65 17.04
C LEU D 103 -11.97 12.56 18.18
N THR D 104 -11.50 11.98 19.29
CA THR D 104 -11.08 12.82 20.40
C THR D 104 -9.99 13.76 19.89
N GLN D 105 -9.03 13.19 19.18
CA GLN D 105 -7.89 13.94 18.69
C GLN D 105 -8.33 15.06 17.75
N GLN D 106 -9.14 14.70 16.74
CA GLN D 106 -9.58 15.66 15.75
C GLN D 106 -10.44 16.76 16.39
N ILE D 107 -11.40 16.39 17.25
CA ILE D 107 -12.24 17.40 17.89
C ILE D 107 -11.38 18.35 18.75
N ALA D 108 -10.46 17.79 19.55
CA ALA D 108 -9.62 18.59 20.45
C ALA D 108 -8.86 19.65 19.65
N ARG D 109 -8.38 19.24 18.45
CA ARG D 109 -7.56 20.15 17.64
C ARG D 109 -8.43 21.29 17.12
N ALA D 110 -9.68 20.94 16.78
CA ALA D 110 -10.65 21.92 16.30
C ALA D 110 -10.98 22.89 17.44
N LEU D 111 -11.29 22.35 18.63
CA LEU D 111 -11.64 23.21 19.75
C LEU D 111 -10.49 24.16 20.06
N ARG D 112 -9.25 23.63 20.10
CA ARG D 112 -8.12 24.42 20.56
C ARG D 112 -7.87 25.55 19.58
N HIS D 113 -7.91 25.21 18.29
CA HIS D 113 -7.71 26.20 17.26
C HIS D 113 -8.77 27.29 17.34
N ASP D 114 -10.02 26.90 17.53
CA ASP D 114 -11.12 27.86 17.52
C ASP D 114 -11.03 28.77 18.74
N TYR D 115 -10.60 28.22 19.90
CA TYR D 115 -10.35 29.02 21.10
C TYR D 115 -9.31 30.09 20.80
N ARG D 116 -8.13 29.66 20.35
CA ARG D 116 -7.01 30.54 20.04
C ARG D 116 -7.43 31.63 19.05
N ARG D 117 -8.18 31.25 18.01
CA ARG D 117 -8.65 32.20 17.01
C ARG D 117 -9.64 33.20 17.60
N GLN D 118 -10.61 32.72 18.38
CA GLN D 118 -11.63 33.62 18.90
C GLN D 118 -11.03 34.61 19.91
N HIS D 119 -9.96 34.21 20.61
CA HIS D 119 -9.40 35.05 21.67
C HIS D 119 -8.12 35.75 21.22
N GLY D 120 -7.73 35.56 19.95
CA GLY D 120 -6.49 36.15 19.46
C GLY D 120 -5.26 35.67 20.24
N ILE D 121 -5.30 34.46 20.79
CA ILE D 121 -4.29 33.99 21.71
C ILE D 121 -3.00 33.70 20.94
N SER D 122 -2.99 32.69 20.07
CA SER D 122 -1.79 32.37 19.31
C SER D 122 -1.05 31.23 19.98
N CYS D 123 -0.15 30.66 19.20
CA CYS D 123 0.20 29.29 19.46
C CYS D 123 1.35 29.18 20.45
N ALA D 124 2.22 30.20 20.51
CA ALA D 124 3.29 30.25 21.51
C ALA D 124 2.68 30.20 22.92
N ASP D 125 1.81 31.19 23.21
CA ASP D 125 1.06 31.27 24.46
C ASP D 125 0.30 29.95 24.66
N GLU D 126 0.79 29.14 25.61
CA GLU D 126 0.18 27.87 25.97
C GLU D 126 -1.32 28.03 26.23
N VAL D 127 -2.12 27.17 25.60
CA VAL D 127 -3.49 26.96 26.06
C VAL D 127 -3.40 26.22 27.40
N SER D 128 -4.16 26.71 28.40
CA SER D 128 -4.20 26.11 29.73
C SER D 128 -5.50 25.32 29.93
N HIS D 129 -6.31 25.22 28.87
CA HIS D 129 -7.65 24.65 28.88
C HIS D 129 -7.59 23.18 28.45
N ASP D 130 -8.46 22.33 29.03
CA ASP D 130 -8.43 20.90 28.77
C ASP D 130 -9.43 20.53 27.66
N PHE D 131 -8.96 20.78 26.42
CA PHE D 131 -9.78 20.53 25.25
C PHE D 131 -9.88 19.03 24.98
N GLU D 132 -8.86 18.26 25.41
CA GLU D 132 -8.85 16.81 25.23
C GLU D 132 -10.03 16.19 25.98
N ALA D 133 -10.22 16.57 27.25
CA ALA D 133 -11.29 15.99 28.05
C ALA D 133 -12.63 16.37 27.42
N LEU D 134 -12.77 17.64 27.00
CA LEU D 134 -14.02 18.07 26.42
C LEU D 134 -14.28 17.34 25.08
N ALA D 135 -13.20 17.12 24.31
CA ALA D 135 -13.31 16.45 23.02
C ALA D 135 -13.77 15.01 23.24
N GLN D 136 -13.22 14.38 24.27
CA GLN D 136 -13.58 13.00 24.60
C GLN D 136 -15.06 12.93 25.00
N ALA D 137 -15.51 13.92 25.77
CA ALA D 137 -16.92 13.95 26.17
C ALA D 137 -17.82 14.05 24.92
N LYS D 138 -17.46 14.91 23.98
CA LYS D 138 -18.26 15.09 22.77
C LYS D 138 -18.25 13.82 21.93
N THR D 139 -17.06 13.21 21.84
CA THR D 139 -16.89 11.93 21.15
C THR D 139 -17.80 10.84 21.73
N ILE D 140 -17.80 10.69 23.06
CA ILE D 140 -18.67 9.71 23.70
C ILE D 140 -20.14 9.99 23.36
N THR D 141 -20.57 11.27 23.41
CA THR D 141 -21.96 11.59 23.08
C THR D 141 -22.29 11.11 21.68
N LEU D 142 -21.41 11.37 20.69
CA LEU D 142 -21.71 10.94 19.34
C LEU D 142 -21.83 9.41 19.28
N LEU D 143 -20.90 8.71 19.93
CA LEU D 143 -20.87 7.25 19.87
C LEU D 143 -22.15 6.67 20.47
N GLU D 144 -22.61 7.29 21.57
CA GLU D 144 -23.79 6.83 22.32
C GLU D 144 -25.05 6.98 21.47
N LEU D 145 -25.04 7.91 20.52
CA LEU D 145 -26.28 8.07 19.77
C LEU D 145 -26.29 7.29 18.45
N LEU D 146 -25.28 6.44 18.18
CA LEU D 146 -25.24 5.74 16.90
C LEU D 146 -26.45 4.79 16.78
N PRO D 147 -26.86 4.06 17.84
CA PRO D 147 -28.07 3.22 17.78
C PRO D 147 -29.30 4.01 17.33
N ARG D 148 -29.47 5.19 17.91
CA ARG D 148 -30.58 6.06 17.54
C ARG D 148 -30.45 6.47 16.07
N LEU D 149 -29.24 6.85 15.62
CA LEU D 149 -29.02 7.28 14.24
C LEU D 149 -29.37 6.14 13.27
N ARG D 150 -29.10 4.89 13.67
CA ARG D 150 -29.46 3.74 12.86
C ARG D 150 -30.97 3.63 12.68
N ARG D 151 -31.70 3.93 13.76
CA ARG D 151 -33.16 3.94 13.72
C ARG D 151 -33.63 4.94 12.67
N THR D 152 -33.10 6.16 12.74
CA THR D 152 -33.44 7.21 11.79
C THR D 152 -33.06 6.79 10.38
N LEU D 153 -31.84 6.25 10.19
CA LEU D 153 -31.38 5.95 8.83
C LEU D 153 -32.18 4.81 8.23
N ALA D 154 -32.68 3.88 9.09
CA ALA D 154 -33.53 2.79 8.61
C ALA D 154 -34.78 3.37 7.95
N LEU D 155 -35.31 4.43 8.54
CA LEU D 155 -36.48 5.10 7.99
C LEU D 155 -36.15 5.83 6.68
N ASP D 156 -34.96 6.45 6.60
CA ASP D 156 -34.52 7.09 5.37
C ASP D 156 -34.43 6.06 4.24
N VAL D 157 -33.85 4.88 4.52
CA VAL D 157 -33.66 3.87 3.49
C VAL D 157 -35.05 3.46 2.98
N GLN D 158 -35.99 3.26 3.90
CA GLN D 158 -37.35 2.88 3.50
C GLN D 158 -37.99 3.99 2.66
N ALA D 159 -37.72 5.25 3.01
CA ALA D 159 -38.29 6.37 2.30
C ALA D 159 -37.78 6.38 0.86
N ALA D 160 -36.51 5.98 0.67
CA ALA D 160 -35.95 5.93 -0.67
C ALA D 160 -36.66 4.84 -1.47
N PHE D 161 -36.91 3.69 -0.82
CA PHE D 161 -37.65 2.61 -1.46
C PHE D 161 -39.06 3.07 -1.85
N ASP D 162 -39.77 3.69 -0.91
CA ASP D 162 -41.13 4.14 -1.12
C ASP D 162 -41.17 5.27 -2.14
N GLY D 163 -40.12 6.12 -2.17
CA GLY D 163 -40.13 7.31 -2.99
C GLY D 163 -39.67 7.07 -4.43
N ASP D 164 -39.04 5.91 -4.67
CA ASP D 164 -38.55 5.62 -6.01
C ASP D 164 -39.23 4.35 -6.51
N PRO D 165 -40.22 4.48 -7.44
CA PRO D 165 -41.01 3.34 -7.91
C PRO D 165 -40.10 2.24 -8.49
N ALA D 166 -39.05 2.67 -9.18
CA ALA D 166 -38.17 1.80 -9.94
C ALA D 166 -37.13 1.13 -9.05
N ALA D 167 -37.10 1.42 -7.74
CA ALA D 167 -36.00 0.97 -6.89
C ALA D 167 -35.99 -0.55 -6.83
N GLY D 168 -34.81 -1.15 -7.02
CA GLY D 168 -34.64 -2.59 -7.06
C GLY D 168 -34.85 -3.26 -5.70
N SER D 169 -34.23 -2.71 -4.66
CA SER D 169 -34.23 -3.30 -3.32
C SER D 169 -33.66 -2.28 -2.33
N LEU D 170 -33.87 -2.55 -1.03
CA LEU D 170 -33.20 -1.78 0.00
C LEU D 170 -31.68 -1.88 -0.20
N ASP D 171 -31.21 -3.05 -0.67
CA ASP D 171 -29.78 -3.30 -0.78
C ASP D 171 -29.13 -2.37 -1.81
N GLU D 172 -29.78 -2.23 -2.97
CA GLU D 172 -29.29 -1.35 -4.02
C GLU D 172 -29.21 0.09 -3.52
N ILE D 173 -30.27 0.51 -2.81
CA ILE D 173 -30.34 1.83 -2.21
C ILE D 173 -29.15 2.04 -1.28
N ILE D 174 -28.90 1.08 -0.38
CA ILE D 174 -27.86 1.22 0.63
C ILE D 174 -26.50 1.28 -0.06
N PHE D 175 -26.32 0.39 -1.05
CA PHE D 175 -25.07 0.31 -1.80
C PHE D 175 -24.76 1.63 -2.51
N CYS D 176 -25.72 2.24 -3.19
CA CYS D 176 -25.26 3.24 -4.13
C CYS D 176 -26.18 4.45 -4.36
N TYR D 177 -27.32 4.56 -3.63
CA TYR D 177 -28.13 5.76 -3.79
C TYR D 177 -27.39 6.95 -3.19
N PRO D 178 -27.07 8.00 -3.98
CA PRO D 178 -26.23 9.11 -3.48
C PRO D 178 -27.00 9.92 -2.42
N GLY D 179 -28.32 10.00 -2.55
CA GLY D 179 -29.14 10.69 -1.57
C GLY D 179 -28.92 10.07 -0.18
N LEU D 180 -28.88 8.74 -0.10
CA LEU D 180 -28.74 8.13 1.20
C LEU D 180 -27.35 8.43 1.78
N HIS D 181 -26.32 8.43 0.91
CA HIS D 181 -24.95 8.68 1.34
C HIS D 181 -24.82 10.11 1.88
N ALA D 182 -25.31 11.10 1.12
CA ALA D 182 -25.22 12.49 1.56
C ALA D 182 -25.95 12.69 2.89
N VAL D 183 -27.13 12.07 3.03
CA VAL D 183 -27.92 12.22 4.26
C VAL D 183 -27.26 11.53 5.45
N THR D 184 -26.66 10.33 5.24
CA THR D 184 -25.91 9.66 6.29
C THR D 184 -24.81 10.58 6.83
N ILE D 185 -24.00 11.17 5.95
CA ILE D 185 -22.93 12.05 6.36
C ILE D 185 -23.51 13.28 7.05
N TYR D 186 -24.55 13.87 6.44
CA TYR D 186 -25.22 15.01 7.05
C TYR D 186 -25.67 14.72 8.51
N ARG D 187 -26.27 13.55 8.75
CA ARG D 187 -26.81 13.25 10.06
C ARG D 187 -25.69 13.17 11.10
N LEU D 188 -24.54 12.59 10.69
CA LEU D 188 -23.36 12.56 11.54
C LEU D 188 -22.85 13.99 11.81
N ALA D 189 -22.69 14.77 10.73
CA ALA D 189 -22.18 16.14 10.84
C ALA D 189 -23.12 16.99 11.71
N HIS D 190 -24.43 16.75 11.59
CA HIS D 190 -25.44 17.50 12.34
C HIS D 190 -25.31 17.29 13.85
N GLU D 191 -25.06 16.05 14.28
CA GLU D 191 -24.87 15.82 15.69
C GLU D 191 -23.60 16.53 16.17
N LEU D 192 -22.56 16.59 15.35
CA LEU D 192 -21.33 17.27 15.75
C LEU D 192 -21.58 18.78 15.82
N TYR D 193 -22.42 19.25 14.88
CA TYR D 193 -22.82 20.66 14.87
C TYR D 193 -23.52 21.02 16.18
N LEU D 194 -24.47 20.18 16.62
CA LEU D 194 -25.25 20.42 17.83
C LEU D 194 -24.34 20.38 19.05
N LEU D 195 -23.20 19.69 18.96
CA LEU D 195 -22.22 19.62 20.05
C LEU D 195 -21.18 20.73 19.95
N ASP D 196 -21.43 21.75 19.10
CA ASP D 196 -20.52 22.89 18.98
C ASP D 196 -19.10 22.47 18.58
N VAL D 197 -18.95 21.46 17.72
CA VAL D 197 -17.63 21.13 17.20
C VAL D 197 -17.35 22.07 16.03
N PRO D 198 -16.30 22.91 16.09
CA PRO D 198 -15.89 23.70 14.92
C PRO D 198 -15.29 22.85 13.78
N LEU D 199 -15.37 23.36 12.54
CA LEU D 199 -14.66 22.86 11.35
C LEU D 199 -15.19 21.50 10.88
N ILE D 200 -15.24 20.50 11.77
CA ILE D 200 -15.43 19.13 11.37
C ILE D 200 -16.77 18.90 10.68
N PRO D 201 -17.90 19.43 11.20
CA PRO D 201 -19.20 19.19 10.55
C PRO D 201 -19.23 19.63 9.09
N ARG D 202 -18.64 20.80 8.78
CA ARG D 202 -18.61 21.33 7.42
C ARG D 202 -17.60 20.53 6.58
N MET D 203 -16.53 20.04 7.22
CA MET D 203 -15.60 19.18 6.49
C MET D 203 -16.34 17.91 6.03
N LEU D 204 -17.17 17.33 6.91
CA LEU D 204 -17.97 16.17 6.53
C LEU D 204 -18.95 16.49 5.40
N THR D 205 -19.81 17.52 5.55
CA THR D 205 -20.82 17.80 4.55
C THR D 205 -20.21 18.12 3.18
N GLU D 206 -19.06 18.80 3.19
CA GLU D 206 -18.41 19.17 1.94
C GLU D 206 -17.78 17.95 1.27
N TRP D 207 -17.34 16.97 2.07
CA TRP D 207 -16.88 15.74 1.49
C TRP D 207 -18.05 15.05 0.76
N ALA D 208 -19.21 14.94 1.42
CA ALA D 208 -20.39 14.36 0.82
C ALA D 208 -20.79 15.16 -0.44
N HIS D 209 -20.66 16.49 -0.36
CA HIS D 209 -21.03 17.38 -1.47
C HIS D 209 -20.16 17.05 -2.69
N SER D 210 -18.88 16.84 -2.39
CA SER D 210 -17.90 16.51 -3.41
C SER D 210 -18.24 15.18 -4.10
N GLN D 211 -18.77 14.22 -3.33
CA GLN D 211 -19.04 12.91 -3.86
C GLN D 211 -20.40 12.83 -4.57
N THR D 212 -21.37 13.73 -4.29
CA THR D 212 -22.76 13.55 -4.71
C THR D 212 -23.34 14.79 -5.41
N GLY D 213 -22.64 15.94 -5.36
CA GLY D 213 -23.32 17.14 -5.81
C GLY D 213 -24.45 17.62 -4.88
N ILE D 214 -24.64 16.99 -3.72
CA ILE D 214 -25.71 17.36 -2.78
C ILE D 214 -25.06 18.13 -1.62
N ASP D 215 -25.53 19.36 -1.40
CA ASP D 215 -24.82 20.34 -0.58
C ASP D 215 -25.71 20.71 0.62
N ILE D 216 -25.54 20.00 1.76
CA ILE D 216 -26.41 20.21 2.88
C ILE D 216 -25.60 20.89 3.96
N HIS D 217 -26.06 22.05 4.44
CA HIS D 217 -25.36 22.72 5.53
C HIS D 217 -25.52 21.86 6.80
N PRO D 218 -24.45 21.63 7.60
CA PRO D 218 -24.55 20.79 8.78
C PRO D 218 -25.55 21.26 9.84
N GLY D 219 -25.93 22.55 9.78
CA GLY D 219 -26.89 23.15 10.70
C GLY D 219 -28.35 22.84 10.35
N ALA D 220 -28.62 22.33 9.14
CA ALA D 220 -30.00 22.08 8.72
C ALA D 220 -30.62 21.06 9.67
N THR D 221 -31.94 21.19 9.84
CA THR D 221 -32.73 20.32 10.69
C THR D 221 -33.63 19.50 9.78
N ILE D 222 -33.52 18.16 9.86
CA ILE D 222 -34.20 17.33 8.88
C ILE D 222 -34.80 16.16 9.63
N GLY D 223 -36.11 15.94 9.47
CA GLY D 223 -36.78 14.85 10.18
C GLY D 223 -36.56 13.52 9.50
N HIS D 224 -37.22 12.47 10.01
CA HIS D 224 -36.96 11.12 9.53
C HIS D 224 -37.66 10.89 8.19
N SER D 225 -37.35 9.74 7.56
CA SER D 225 -37.96 9.34 6.31
C SER D 225 -37.74 10.42 5.25
N PHE D 226 -36.54 10.98 5.20
CA PHE D 226 -36.18 11.99 4.22
C PHE D 226 -35.57 11.27 3.03
N PHE D 227 -35.84 11.75 1.81
CA PHE D 227 -35.24 11.14 0.63
C PHE D 227 -34.89 12.21 -0.40
N ILE D 228 -33.63 12.22 -0.85
CA ILE D 228 -33.23 12.96 -2.05
C ILE D 228 -32.99 11.98 -3.22
N ASP D 229 -33.79 12.17 -4.29
CA ASP D 229 -33.67 11.35 -5.49
C ASP D 229 -32.82 12.10 -6.51
N HIS D 230 -31.82 11.40 -7.09
CA HIS D 230 -30.92 11.96 -8.08
C HIS D 230 -29.94 12.93 -7.42
N GLY D 231 -30.43 14.13 -7.04
CA GLY D 231 -29.78 14.91 -5.99
C GLY D 231 -28.75 15.92 -6.48
N THR D 232 -28.12 15.71 -7.64
CA THR D 232 -27.07 16.64 -8.05
C THR D 232 -27.64 18.05 -8.07
N GLY D 233 -26.97 18.98 -7.38
CA GLY D 233 -27.39 20.36 -7.47
C GLY D 233 -28.33 20.79 -6.33
N VAL D 234 -28.62 19.87 -5.40
CA VAL D 234 -29.44 20.19 -4.24
C VAL D 234 -28.61 21.08 -3.29
N VAL D 235 -29.22 22.18 -2.84
CA VAL D 235 -28.62 23.04 -1.82
C VAL D 235 -29.63 23.24 -0.69
N ILE D 236 -29.22 22.93 0.55
CA ILE D 236 -30.07 23.15 1.71
C ILE D 236 -29.30 23.99 2.75
N GLY D 237 -29.87 25.14 3.13
CA GLY D 237 -29.19 26.14 3.95
C GLY D 237 -29.24 25.80 5.44
N GLU D 238 -28.36 26.50 6.17
CA GLU D 238 -28.08 26.29 7.59
C GLU D 238 -29.35 26.29 8.45
N THR D 239 -30.29 27.21 8.19
CA THR D 239 -31.41 27.36 9.13
C THR D 239 -32.68 26.69 8.61
N CYS D 240 -32.51 25.93 7.52
CA CYS D 240 -33.66 25.27 6.92
C CYS D 240 -34.16 24.19 7.88
N GLU D 241 -35.49 24.01 7.94
CA GLU D 241 -36.11 23.05 8.82
C GLU D 241 -37.06 22.19 7.99
N ILE D 242 -36.78 20.89 7.97
CA ILE D 242 -37.53 19.97 7.15
C ILE D 242 -38.13 18.94 8.10
N ALA D 243 -39.44 18.71 7.99
CA ALA D 243 -40.14 17.72 8.79
C ALA D 243 -39.92 16.30 8.25
N ASN D 244 -40.84 15.39 8.60
CA ASN D 244 -40.79 13.99 8.24
C ASN D 244 -41.41 13.71 6.87
N HIS D 245 -40.96 12.62 6.24
CA HIS D 245 -41.54 12.10 5.01
C HIS D 245 -41.44 13.11 3.87
N VAL D 246 -40.33 13.84 3.78
CA VAL D 246 -40.16 14.81 2.71
C VAL D 246 -39.30 14.17 1.61
N LYS D 247 -39.53 14.59 0.35
CA LYS D 247 -38.80 14.08 -0.80
C LYS D 247 -38.41 15.26 -1.69
N LEU D 248 -37.12 15.30 -2.10
CA LEU D 248 -36.61 16.32 -3.00
C LEU D 248 -35.98 15.64 -4.21
N TYR D 249 -35.87 16.37 -5.32
CA TYR D 249 -35.24 15.95 -6.56
C TYR D 249 -33.98 16.77 -6.81
N GLN D 250 -33.32 16.49 -7.94
CA GLN D 250 -32.09 17.18 -8.30
C GLN D 250 -32.37 18.69 -8.49
N GLY D 251 -31.35 19.51 -8.22
CA GLY D 251 -31.38 20.94 -8.51
C GLY D 251 -32.27 21.76 -7.55
N VAL D 252 -32.79 21.14 -6.48
CA VAL D 252 -33.67 21.89 -5.60
C VAL D 252 -32.83 22.78 -4.68
N THR D 253 -33.18 24.07 -4.58
CA THR D 253 -32.53 24.98 -3.64
C THR D 253 -33.53 25.34 -2.53
N LEU D 254 -33.17 25.09 -1.27
CA LEU D 254 -33.87 25.67 -0.12
C LEU D 254 -32.92 26.70 0.52
N GLY D 255 -33.06 27.97 0.12
CA GLY D 255 -32.07 28.99 0.41
C GLY D 255 -32.63 30.29 0.96
N ALA D 256 -31.77 31.33 0.93
CA ALA D 256 -32.03 32.66 1.49
C ALA D 256 -32.42 33.62 0.37
N LEU D 257 -33.15 34.69 0.73
CA LEU D 257 -33.48 35.76 -0.19
C LEU D 257 -32.24 36.58 -0.55
N SER D 258 -32.13 36.95 -1.84
CA SER D 258 -31.03 37.71 -2.44
C SER D 258 -30.96 39.12 -1.84
N PHE D 259 -32.13 39.71 -1.56
CA PHE D 259 -32.22 41.07 -1.09
C PHE D 259 -32.97 41.09 0.25
N PRO D 260 -32.34 40.65 1.36
CA PRO D 260 -32.97 40.69 2.68
C PRO D 260 -32.61 41.99 3.43
N HIS D 271 -30.50 33.46 13.34
CA HIS D 271 -31.67 34.14 12.70
C HIS D 271 -32.11 33.38 11.44
N LYS D 272 -33.38 32.95 11.40
CA LYS D 272 -33.86 32.04 10.39
C LYS D 272 -33.94 32.73 9.02
N ARG D 273 -33.16 32.24 8.04
CA ARG D 273 -33.17 32.86 6.72
C ARG D 273 -33.52 31.86 5.62
N HIS D 274 -33.82 30.61 6.00
CA HIS D 274 -34.08 29.52 5.04
C HIS D 274 -35.46 28.94 5.37
N PRO D 275 -36.11 28.24 4.40
CA PRO D 275 -37.51 27.83 4.57
C PRO D 275 -37.77 26.73 5.56
N THR D 276 -39.05 26.54 5.90
CA THR D 276 -39.54 25.42 6.69
C THR D 276 -40.41 24.57 5.77
N ILE D 277 -40.12 23.26 5.72
CA ILE D 277 -40.87 22.34 4.90
C ILE D 277 -41.57 21.37 5.85
N GLU D 278 -42.90 21.32 5.76
CA GLU D 278 -43.70 20.48 6.63
C GLU D 278 -43.74 19.05 6.08
N ASP D 279 -44.45 18.15 6.78
CA ASP D 279 -44.38 16.73 6.48
C ASP D 279 -44.98 16.41 5.12
N HIS D 280 -44.47 15.34 4.53
CA HIS D 280 -45.06 14.70 3.36
C HIS D 280 -44.99 15.60 2.12
N VAL D 281 -44.20 16.68 2.16
CA VAL D 281 -43.99 17.52 0.99
C VAL D 281 -43.08 16.84 -0.03
N VAL D 282 -43.39 17.02 -1.32
CA VAL D 282 -42.52 16.63 -2.42
C VAL D 282 -42.15 17.87 -3.21
N ILE D 283 -40.84 18.03 -3.52
CA ILE D 283 -40.34 19.17 -4.28
C ILE D 283 -39.57 18.63 -5.48
N TYR D 284 -40.09 18.93 -6.68
CA TYR D 284 -39.59 18.33 -7.92
C TYR D 284 -38.38 19.10 -8.44
N ALA D 285 -37.82 18.61 -9.55
CA ALA D 285 -36.50 19.01 -10.00
C ALA D 285 -36.45 20.53 -10.23
N ASN D 286 -35.39 21.18 -9.74
CA ASN D 286 -35.03 22.54 -10.13
C ASN D 286 -35.95 23.57 -9.48
N ALA D 287 -36.72 23.16 -8.48
CA ALA D 287 -37.50 24.12 -7.73
C ALA D 287 -36.57 24.97 -6.85
N THR D 288 -37.00 26.18 -6.52
CA THR D 288 -36.28 27.08 -5.64
C THR D 288 -37.27 27.61 -4.58
N VAL D 289 -36.98 27.38 -3.29
CA VAL D 289 -37.83 27.86 -2.21
C VAL D 289 -36.96 28.71 -1.29
N LEU D 290 -37.30 30.00 -1.14
CA LEU D 290 -36.42 30.96 -0.46
C LEU D 290 -37.15 31.62 0.71
N GLY D 291 -36.36 31.92 1.75
CA GLY D 291 -36.77 32.87 2.76
C GLY D 291 -37.08 32.21 4.11
N GLY D 292 -36.69 32.92 5.18
CA GLY D 292 -36.82 32.44 6.55
C GLY D 292 -38.28 32.37 7.00
N GLU D 293 -39.16 33.11 6.33
CA GLU D 293 -40.56 33.06 6.72
C GLU D 293 -41.41 32.22 5.79
N THR D 294 -40.81 31.63 4.74
CA THR D 294 -41.54 30.76 3.83
C THR D 294 -41.78 29.40 4.50
N VAL D 295 -43.06 29.05 4.65
CA VAL D 295 -43.46 27.76 5.19
C VAL D 295 -44.20 27.05 4.07
N ILE D 296 -43.70 25.86 3.67
CA ILE D 296 -44.41 25.01 2.74
C ILE D 296 -45.20 23.99 3.54
N GLY D 297 -46.52 24.08 3.42
CA GLY D 297 -47.49 23.35 4.23
C GLY D 297 -47.55 21.85 3.93
N SER D 298 -47.93 21.12 4.98
CA SER D 298 -48.03 19.68 5.00
C SER D 298 -48.66 19.18 3.71
N HIS D 299 -48.06 18.16 3.09
CA HIS D 299 -48.61 17.47 1.93
C HIS D 299 -48.68 18.35 0.68
N ALA D 300 -48.07 19.54 0.67
CA ALA D 300 -47.96 20.36 -0.53
C ALA D 300 -47.05 19.66 -1.55
N VAL D 301 -47.19 20.05 -2.82
CA VAL D 301 -46.37 19.53 -3.91
C VAL D 301 -45.83 20.74 -4.67
N ILE D 302 -44.50 20.87 -4.71
CA ILE D 302 -43.86 21.97 -5.40
C ILE D 302 -43.33 21.44 -6.75
N GLY D 303 -43.86 21.97 -7.84
CA GLY D 303 -43.63 21.37 -9.13
C GLY D 303 -42.21 21.66 -9.63
N SER D 304 -41.85 20.96 -10.70
CA SER D 304 -40.60 21.17 -11.39
C SER D 304 -40.44 22.64 -11.73
N SER D 305 -39.27 23.21 -11.46
CA SER D 305 -38.91 24.56 -11.89
C SER D 305 -39.67 25.66 -11.15
N VAL D 306 -40.51 25.32 -10.16
CA VAL D 306 -41.23 26.34 -9.40
C VAL D 306 -40.27 27.14 -8.50
N SER D 307 -40.40 28.46 -8.55
CA SER D 307 -39.60 29.38 -7.75
C SER D 307 -40.52 30.18 -6.82
N LEU D 308 -40.36 30.02 -5.49
CA LEU D 308 -41.30 30.50 -4.47
C LEU D 308 -40.54 31.28 -3.39
N SER D 309 -41.03 32.46 -3.00
CA SER D 309 -40.53 33.16 -1.82
C SER D 309 -41.64 33.47 -0.82
N HIS D 310 -42.74 32.71 -0.81
CA HIS D 310 -43.83 32.94 0.13
C HIS D 310 -44.44 31.59 0.52
N SER D 311 -45.10 31.55 1.68
CA SER D 311 -45.71 30.35 2.23
C SER D 311 -46.79 29.79 1.30
N VAL D 312 -47.07 28.51 1.49
CA VAL D 312 -48.00 27.77 0.67
C VAL D 312 -48.79 26.92 1.64
N PRO D 313 -50.15 26.92 1.59
CA PRO D 313 -50.97 26.21 2.58
C PRO D 313 -50.87 24.71 2.39
N PRO D 314 -51.22 23.89 3.42
CA PRO D 314 -51.27 22.44 3.25
C PRO D 314 -52.05 22.02 2.00
N ASN D 315 -51.66 20.89 1.42
CA ASN D 315 -52.40 20.18 0.38
C ASN D 315 -52.52 20.98 -0.90
N THR D 316 -51.61 21.95 -1.10
CA THR D 316 -51.58 22.74 -2.32
C THR D 316 -50.56 22.17 -3.32
N ILE D 317 -51.00 22.04 -4.58
CA ILE D 317 -50.11 21.73 -5.68
C ILE D 317 -49.75 23.03 -6.41
N VAL D 318 -48.44 23.34 -6.42
CA VAL D 318 -47.91 24.55 -7.02
C VAL D 318 -47.15 24.16 -8.28
N THR D 319 -47.57 24.70 -9.43
CA THR D 319 -46.86 24.42 -10.68
C THR D 319 -46.59 25.74 -11.40
N ILE D 320 -45.63 25.72 -12.32
CA ILE D 320 -45.36 26.85 -13.20
C ILE D 320 -46.53 26.94 -14.18
N GLU D 321 -46.84 28.16 -14.62
CA GLU D 321 -47.73 28.39 -15.75
C GLU D 321 -47.15 27.66 -16.96
N LYS D 322 -48.00 26.97 -17.73
CA LYS D 322 -47.56 26.32 -18.96
C LYS D 322 -46.69 27.33 -19.72
N PRO D 323 -45.39 27.06 -19.99
CA PRO D 323 -44.52 28.06 -20.61
C PRO D 323 -44.92 28.39 -22.05
N SER D 324 -44.69 29.63 -22.46
CA SER D 324 -44.88 30.01 -23.85
C SER D 324 -43.60 29.70 -24.61
N LEU D 325 -43.67 28.69 -25.46
CA LEU D 325 -42.51 28.26 -26.23
C LEU D 325 -42.66 28.74 -27.67
N ARG D 326 -41.53 29.04 -28.32
CA ARG D 326 -41.49 29.38 -29.74
C ARG D 326 -41.00 28.15 -30.52
N TYR D 327 -41.72 27.82 -31.59
CA TYR D 327 -41.39 26.73 -32.49
C TYR D 327 -41.06 27.28 -33.87
N ARG D 328 -39.93 26.87 -34.43
CA ARG D 328 -39.58 27.27 -35.79
C ARG D 328 -39.00 26.05 -36.51
N GLU D 329 -39.08 26.05 -37.85
CA GLU D 329 -38.46 25.00 -38.65
C GLU D 329 -36.95 25.20 -38.63
N ALA D 330 -36.19 24.10 -38.63
CA ALA D 330 -34.74 24.16 -38.82
C ALA D 330 -34.39 24.38 -40.31
N SER D 331 -33.15 24.82 -40.58
CA SER D 331 -32.64 25.01 -41.93
C SER D 331 -31.54 23.99 -42.25
N LEU E 27 15.17 23.06 22.59
CA LEU E 27 14.03 23.25 21.65
C LEU E 27 14.40 22.74 20.25
N LYS E 28 13.36 22.62 19.42
CA LYS E 28 13.45 22.33 18.01
C LYS E 28 14.28 23.39 17.28
N ASP E 29 14.56 24.53 17.94
CA ASP E 29 15.37 25.61 17.40
C ASP E 29 16.83 25.17 17.16
N GLN E 30 17.26 24.07 17.80
CA GLN E 30 18.61 23.53 17.62
C GLN E 30 18.72 22.72 16.32
N LEU E 31 17.57 22.26 15.78
CA LEU E 31 17.53 21.28 14.72
C LEU E 31 18.16 21.80 13.42
N PRO E 32 17.85 23.05 12.97
CA PRO E 32 18.46 23.57 11.74
C PRO E 32 19.98 23.56 11.74
N GLU E 33 20.58 23.79 12.91
CA GLU E 33 22.03 23.83 13.09
C GLU E 33 22.63 22.41 13.00
N ILE E 34 21.99 21.45 13.67
CA ILE E 34 22.35 20.05 13.57
C ILE E 34 22.30 19.61 12.10
N THR E 35 21.26 20.05 11.39
CA THR E 35 21.13 19.75 9.96
C THR E 35 22.33 20.27 9.18
N ASP E 36 22.72 21.52 9.48
CA ASP E 36 23.80 22.20 8.79
C ASP E 36 25.13 21.53 9.05
N ARG E 37 25.34 21.06 10.31
CA ARG E 37 26.60 20.40 10.60
C ARG E 37 26.70 19.09 9.82
N ILE E 38 25.55 18.39 9.65
CA ILE E 38 25.55 17.13 8.92
C ILE E 38 25.89 17.42 7.45
N VAL E 39 25.30 18.47 6.89
CA VAL E 39 25.52 18.78 5.49
C VAL E 39 26.99 19.18 5.29
N GLU E 40 27.55 19.93 6.25
CA GLU E 40 28.98 20.27 6.23
C GLU E 40 29.81 18.98 6.19
N SER E 41 29.41 17.97 6.98
CA SER E 41 30.18 16.73 7.01
C SER E 41 30.18 15.99 5.66
N TYR E 42 29.25 16.34 4.76
CA TYR E 42 29.23 15.77 3.42
C TYR E 42 30.41 16.30 2.61
N ARG E 43 30.74 17.59 2.81
CA ARG E 43 31.95 18.20 2.26
C ARG E 43 33.23 17.57 2.84
N ASP E 44 33.25 17.31 4.15
CA ASP E 44 34.45 16.81 4.85
C ASP E 44 34.72 15.32 4.58
N PHE E 45 33.68 14.49 4.51
CA PHE E 45 33.86 13.06 4.33
C PHE E 45 33.04 12.60 3.12
N ALA E 46 33.65 12.76 1.94
CA ALA E 46 32.96 12.59 0.67
C ALA E 46 32.92 11.13 0.25
N THR E 47 33.58 10.24 0.99
CA THR E 47 33.73 8.87 0.54
C THR E 47 32.46 8.03 0.77
N THR E 48 31.61 8.45 1.72
CA THR E 48 30.45 7.67 2.10
C THR E 48 29.14 8.28 1.60
N HIS E 49 29.22 9.13 0.57
CA HIS E 49 28.00 9.63 -0.05
C HIS E 49 28.14 9.59 -1.56
N HIS E 50 27.00 9.63 -2.24
CA HIS E 50 26.99 9.78 -3.68
C HIS E 50 26.05 10.91 -4.06
N LEU E 51 26.51 12.16 -3.83
CA LEU E 51 25.69 13.32 -4.11
C LEU E 51 26.09 13.86 -5.48
N GLY E 52 25.10 14.11 -6.34
CA GLY E 52 25.42 14.49 -7.70
C GLY E 52 24.27 14.18 -8.63
N HIS E 53 24.54 14.24 -9.93
CA HIS E 53 23.46 14.10 -10.89
C HIS E 53 23.50 12.76 -11.62
N CYS E 54 24.19 11.74 -11.04
CA CYS E 54 24.60 10.48 -11.66
C CYS E 54 24.06 9.31 -10.83
N PRO E 55 22.77 9.02 -10.92
CA PRO E 55 22.20 8.03 -10.02
C PRO E 55 23.05 6.78 -10.17
N LEU E 56 23.52 6.28 -9.04
CA LEU E 56 23.98 4.90 -8.97
C LEU E 56 22.80 3.96 -9.26
N PRO E 57 23.01 2.64 -9.37
CA PRO E 57 21.92 1.67 -9.33
C PRO E 57 21.15 1.71 -8.01
N SER E 58 19.89 1.24 -8.04
CA SER E 58 19.06 1.27 -6.84
C SER E 58 18.98 -0.15 -6.27
N SER E 59 19.27 -0.29 -4.97
CA SER E 59 19.10 -1.54 -4.24
C SER E 59 17.72 -2.14 -4.44
N GLU E 60 16.69 -1.29 -4.26
CA GLU E 60 15.31 -1.68 -4.40
C GLU E 60 14.99 -2.14 -5.82
N ALA E 61 15.49 -1.41 -6.84
CA ALA E 61 15.23 -1.79 -8.23
C ALA E 61 15.87 -3.14 -8.55
N VAL E 62 17.02 -3.42 -7.92
CA VAL E 62 17.73 -4.66 -8.16
C VAL E 62 17.01 -5.81 -7.46
N TYR E 63 16.47 -5.55 -6.27
CA TYR E 63 15.68 -6.56 -5.56
CA TYR E 63 15.65 -6.50 -5.53
C TYR E 63 14.41 -6.87 -6.35
N GLU E 64 13.75 -5.84 -6.92
CA GLU E 64 12.54 -6.03 -7.72
C GLU E 64 12.84 -6.85 -8.97
N ILE E 65 13.96 -6.53 -9.64
CA ILE E 65 14.41 -7.30 -10.78
C ILE E 65 14.52 -8.77 -10.34
N ALA E 66 15.15 -8.99 -9.19
CA ALA E 66 15.40 -10.33 -8.71
C ALA E 66 14.08 -11.08 -8.52
N GLN E 67 13.05 -10.40 -8.01
CA GLN E 67 11.75 -11.01 -7.78
C GLN E 67 11.13 -11.45 -9.09
N ASP E 68 11.19 -10.56 -10.08
CA ASP E 68 10.61 -10.83 -11.38
C ASP E 68 11.31 -12.02 -12.04
N LEU E 69 12.65 -12.09 -11.95
CA LEU E 69 13.41 -13.19 -12.53
C LEU E 69 13.00 -14.51 -11.89
N GLN E 70 12.86 -14.51 -10.56
CA GLN E 70 12.41 -15.70 -9.85
C GLN E 70 10.99 -16.12 -10.24
N GLU E 71 10.10 -15.15 -10.55
CA GLU E 71 8.75 -15.50 -10.96
C GLU E 71 8.78 -16.21 -12.30
N ILE E 72 9.66 -15.75 -13.20
CA ILE E 72 9.86 -16.43 -14.47
C ILE E 72 10.40 -17.85 -14.24
N LEU E 73 11.33 -18.01 -13.27
CA LEU E 73 12.02 -19.29 -13.15
C LEU E 73 11.16 -20.36 -12.45
N PHE E 74 10.32 -19.93 -11.49
CA PHE E 74 9.55 -20.86 -10.69
C PHE E 74 8.08 -20.44 -10.64
N PRO E 75 7.36 -20.28 -11.77
CA PRO E 75 6.01 -19.69 -11.73
C PRO E 75 5.07 -20.66 -11.03
N GLY E 76 4.22 -20.12 -10.14
CA GLY E 76 3.32 -20.96 -9.34
C GLY E 76 3.81 -21.16 -7.91
N TYR E 77 5.06 -20.77 -7.63
CA TYR E 77 5.71 -20.98 -6.35
C TYR E 77 6.11 -19.64 -5.72
N ARG E 78 5.75 -18.54 -6.38
CA ARG E 78 6.19 -17.24 -5.92
C ARG E 78 4.98 -16.38 -5.52
N ARG E 79 4.85 -15.20 -6.10
CA ARG E 79 3.82 -14.25 -5.70
C ARG E 79 2.46 -14.64 -6.28
N ARG E 80 2.39 -15.04 -7.56
CA ARG E 80 1.10 -15.40 -8.16
C ARG E 80 0.81 -16.89 -8.02
N GLN E 81 -0.45 -17.24 -7.66
CA GLN E 81 -0.86 -18.65 -7.57
C GLN E 81 -1.97 -19.00 -8.57
N ASN E 82 -2.27 -18.07 -9.51
CA ASN E 82 -3.34 -18.30 -10.46
C ASN E 82 -2.75 -18.43 -11.87
N LEU E 83 -1.53 -18.96 -11.97
CA LEU E 83 -0.92 -19.11 -13.28
C LEU E 83 -1.24 -20.51 -13.80
N HIS E 84 -1.66 -20.54 -15.07
CA HIS E 84 -1.94 -21.77 -15.78
C HIS E 84 -1.42 -21.59 -17.21
N MET E 85 -1.48 -22.68 -17.99
CA MET E 85 -0.94 -22.62 -19.33
C MET E 85 -1.67 -21.59 -20.20
N GLY E 86 -2.94 -21.30 -19.86
CA GLY E 86 -3.71 -20.34 -20.63
C GLY E 86 -3.39 -18.86 -20.34
N ASN E 87 -2.64 -18.52 -19.27
CA ASN E 87 -2.33 -17.12 -18.99
C ASN E 87 -0.85 -16.88 -18.73
N VAL E 88 -0.03 -17.95 -18.68
CA VAL E 88 1.38 -17.78 -18.33
C VAL E 88 2.12 -16.98 -19.40
N THR E 89 1.64 -17.00 -20.65
CA THR E 89 2.36 -16.22 -21.65
C THR E 89 2.26 -14.74 -21.35
N TYR E 90 1.09 -14.31 -20.87
CA TYR E 90 0.83 -12.91 -20.59
C TYR E 90 1.71 -12.47 -19.43
N HIS E 91 1.79 -13.31 -18.39
CA HIS E 91 2.59 -13.02 -17.21
C HIS E 91 4.07 -12.87 -17.58
N VAL E 92 4.61 -13.90 -18.24
CA VAL E 92 6.01 -13.89 -18.63
C VAL E 92 6.29 -12.73 -19.60
N GLY E 93 5.41 -12.57 -20.60
CA GLY E 93 5.61 -11.55 -21.62
C GLY E 93 5.75 -10.16 -21.01
N ASP E 94 4.86 -9.87 -20.08
CA ASP E 94 4.87 -8.60 -19.37
C ASP E 94 6.12 -8.43 -18.50
N LEU E 95 6.54 -9.48 -17.77
CA LEU E 95 7.74 -9.42 -16.95
C LEU E 95 8.99 -9.24 -17.81
N VAL E 96 9.04 -9.94 -18.95
CA VAL E 96 10.19 -9.85 -19.83
C VAL E 96 10.32 -8.43 -20.37
N ASP E 97 9.18 -7.82 -20.73
CA ASP E 97 9.14 -6.47 -21.29
C ASP E 97 9.65 -5.48 -20.24
N SER E 98 9.14 -5.62 -19.02
CA SER E 98 9.51 -4.74 -17.92
C SER E 98 10.98 -4.94 -17.54
N LEU E 99 11.43 -6.20 -17.48
CA LEU E 99 12.82 -6.50 -17.10
C LEU E 99 13.78 -5.90 -18.13
N HIS E 100 13.43 -6.01 -19.42
CA HIS E 100 14.23 -5.40 -20.47
C HIS E 100 14.53 -3.93 -20.11
N ASP E 101 13.51 -3.16 -19.73
CA ASP E 101 13.65 -1.75 -19.45
C ASP E 101 14.43 -1.52 -18.16
N ARG E 102 14.07 -2.26 -17.10
CA ARG E 102 14.64 -2.04 -15.79
C ARG E 102 16.10 -2.49 -15.71
N LEU E 103 16.38 -3.69 -16.23
CA LEU E 103 17.74 -4.20 -16.25
C LEU E 103 18.62 -3.27 -17.09
N THR E 104 18.10 -2.78 -18.22
CA THR E 104 18.91 -1.91 -19.04
C THR E 104 19.32 -0.69 -18.22
N GLN E 105 18.34 -0.11 -17.54
CA GLN E 105 18.57 1.11 -16.79
C GLN E 105 19.61 0.86 -15.69
N GLN E 106 19.43 -0.23 -14.91
CA GLN E 106 20.33 -0.46 -13.78
C GLN E 106 21.73 -0.80 -14.26
N ILE E 107 21.84 -1.68 -15.27
CA ILE E 107 23.15 -2.02 -15.80
C ILE E 107 23.86 -0.79 -16.36
N ALA E 108 23.15 0.07 -17.11
CA ALA E 108 23.72 1.27 -17.69
C ALA E 108 24.33 2.18 -16.62
N ARG E 109 23.62 2.33 -15.51
CA ARG E 109 24.13 3.15 -14.42
C ARG E 109 25.35 2.51 -13.78
N ALA E 110 25.37 1.16 -13.68
CA ALA E 110 26.52 0.47 -13.15
C ALA E 110 27.72 0.69 -14.08
N LEU E 111 27.50 0.56 -15.38
CA LEU E 111 28.61 0.69 -16.30
C LEU E 111 29.14 2.12 -16.28
N ARG E 112 28.24 3.11 -16.31
CA ARG E 112 28.63 4.51 -16.34
C ARG E 112 29.47 4.83 -15.10
N HIS E 113 29.00 4.40 -13.93
CA HIS E 113 29.64 4.76 -12.68
C HIS E 113 31.04 4.13 -12.60
N ASP E 114 31.15 2.87 -13.03
CA ASP E 114 32.41 2.16 -13.00
C ASP E 114 33.42 2.78 -13.97
N TYR E 115 32.95 3.20 -15.15
CA TYR E 115 33.80 3.83 -16.15
C TYR E 115 34.37 5.13 -15.60
N ARG E 116 33.46 6.00 -15.11
CA ARG E 116 33.81 7.27 -14.48
C ARG E 116 34.84 7.06 -13.37
N ARG E 117 34.61 6.07 -12.51
CA ARG E 117 35.47 5.84 -11.35
C ARG E 117 36.84 5.31 -11.79
N GLN E 118 36.86 4.41 -12.78
CA GLN E 118 38.11 3.86 -13.25
C GLN E 118 38.98 4.94 -13.89
N HIS E 119 38.35 5.91 -14.58
CA HIS E 119 39.11 6.93 -15.29
C HIS E 119 39.22 8.24 -14.50
N GLY E 120 38.63 8.30 -13.30
CA GLY E 120 38.62 9.50 -12.48
C GLY E 120 37.91 10.67 -13.18
N ILE E 121 36.94 10.35 -14.04
CA ILE E 121 36.09 11.31 -14.73
C ILE E 121 34.96 11.71 -13.78
N SER E 122 34.63 13.01 -13.77
CA SER E 122 33.56 13.47 -12.91
C SER E 122 32.26 13.51 -13.69
N CYS E 123 31.19 13.93 -13.03
CA CYS E 123 29.86 13.64 -13.52
C CYS E 123 29.42 14.61 -14.62
N ALA E 124 29.92 15.86 -14.59
CA ALA E 124 29.67 16.84 -15.64
C ALA E 124 30.15 16.31 -16.99
N SER E 128 19.58 4.82 -25.55
CA SER E 128 19.71 3.62 -26.40
C SER E 128 21.09 3.60 -27.07
N HIS E 129 21.87 4.68 -26.89
CA HIS E 129 23.24 4.82 -27.38
C HIS E 129 24.25 4.56 -26.25
N ASP E 130 25.53 4.33 -26.62
CA ASP E 130 26.69 4.28 -25.73
C ASP E 130 26.59 3.23 -24.61
N PHE E 131 26.52 3.63 -23.32
CA PHE E 131 26.45 2.67 -22.21
C PHE E 131 25.08 2.00 -22.16
N GLU E 132 24.06 2.75 -22.59
CA GLU E 132 22.69 2.29 -22.62
C GLU E 132 22.59 1.13 -23.60
N ALA E 133 23.19 1.29 -24.78
CA ALA E 133 23.13 0.24 -25.78
C ALA E 133 23.88 -0.99 -25.27
N LEU E 134 25.01 -0.75 -24.61
CA LEU E 134 25.81 -1.85 -24.11
C LEU E 134 25.04 -2.59 -23.01
N ALA E 135 24.36 -1.83 -22.14
CA ALA E 135 23.51 -2.37 -21.09
C ALA E 135 22.39 -3.22 -21.69
N GLN E 136 21.77 -2.74 -22.77
CA GLN E 136 20.66 -3.44 -23.40
C GLN E 136 21.12 -4.76 -24.00
N ALA E 137 22.33 -4.73 -24.59
CA ALA E 137 22.90 -5.92 -25.20
C ALA E 137 23.06 -6.99 -24.12
N LYS E 138 23.61 -6.56 -22.97
CA LYS E 138 23.84 -7.45 -21.84
C LYS E 138 22.50 -7.98 -21.30
N THR E 139 21.51 -7.08 -21.21
CA THR E 139 20.18 -7.42 -20.72
C THR E 139 19.54 -8.52 -21.57
N ILE E 140 19.63 -8.37 -22.88
CA ILE E 140 19.06 -9.34 -23.81
C ILE E 140 19.78 -10.68 -23.67
N THR E 141 21.10 -10.65 -23.49
CA THR E 141 21.83 -11.89 -23.28
C THR E 141 21.29 -12.62 -22.05
N LEU E 142 21.07 -11.88 -20.95
CA LEU E 142 20.59 -12.54 -19.75
C LEU E 142 19.20 -13.16 -19.97
N LEU E 143 18.31 -12.40 -20.63
CA LEU E 143 16.94 -12.86 -20.86
C LEU E 143 16.92 -14.08 -21.76
N GLU E 144 17.82 -14.11 -22.75
CA GLU E 144 17.92 -15.22 -23.69
C GLU E 144 18.37 -16.49 -22.98
N LEU E 145 19.07 -16.38 -21.86
CA LEU E 145 19.51 -17.65 -21.27
C LEU E 145 18.61 -18.16 -20.14
N LEU E 146 17.43 -17.54 -19.95
CA LEU E 146 16.54 -17.98 -18.90
C LEU E 146 16.07 -19.43 -19.10
N PRO E 147 15.76 -19.88 -20.32
CA PRO E 147 15.40 -21.28 -20.56
C PRO E 147 16.50 -22.25 -20.08
N ARG E 148 17.75 -21.92 -20.44
CA ARG E 148 18.91 -22.71 -20.07
C ARG E 148 19.03 -22.72 -18.56
N LEU E 149 18.87 -21.55 -17.92
CA LEU E 149 18.96 -21.48 -16.47
C LEU E 149 17.93 -22.38 -15.82
N ARG E 150 16.72 -22.44 -16.39
CA ARG E 150 15.68 -23.28 -15.82
C ARG E 150 16.07 -24.76 -15.90
N ARG E 151 16.76 -25.14 -16.98
CA ARG E 151 17.27 -26.49 -17.16
C ARG E 151 18.22 -26.82 -16.02
N THR E 152 19.17 -25.90 -15.78
CA THR E 152 20.17 -26.06 -14.73
C THR E 152 19.47 -26.14 -13.38
N LEU E 153 18.51 -25.23 -13.13
CA LEU E 153 17.87 -25.15 -11.83
C LEU E 153 17.00 -26.38 -11.58
N ALA E 154 16.42 -26.95 -12.65
CA ALA E 154 15.70 -28.21 -12.50
C ALA E 154 16.60 -29.33 -11.96
N LEU E 155 17.87 -29.37 -12.41
CA LEU E 155 18.82 -30.37 -11.92
C LEU E 155 19.20 -30.06 -10.45
N ASP E 156 19.31 -28.77 -10.08
CA ASP E 156 19.58 -28.41 -8.69
C ASP E 156 18.44 -28.85 -7.78
N VAL E 157 17.19 -28.62 -8.22
CA VAL E 157 16.03 -29.09 -7.46
C VAL E 157 16.07 -30.61 -7.23
N GLN E 158 16.41 -31.38 -8.27
CA GLN E 158 16.49 -32.82 -8.19
C GLN E 158 17.63 -33.22 -7.25
N ALA E 159 18.71 -32.43 -7.24
CA ALA E 159 19.86 -32.70 -6.38
C ALA E 159 19.43 -32.53 -4.92
N ALA E 160 18.56 -31.55 -4.67
CA ALA E 160 18.07 -31.37 -3.30
C ALA E 160 17.23 -32.58 -2.88
N PHE E 161 16.38 -33.05 -3.81
CA PHE E 161 15.53 -34.20 -3.54
C PHE E 161 16.37 -35.45 -3.29
N ASP E 162 17.39 -35.69 -4.15
CA ASP E 162 18.28 -36.83 -3.99
C ASP E 162 19.09 -36.69 -2.71
N GLY E 163 19.55 -35.47 -2.44
CA GLY E 163 20.49 -35.21 -1.36
C GLY E 163 19.83 -35.19 0.01
N ASP E 164 18.50 -35.05 0.06
CA ASP E 164 17.83 -35.07 1.36
C ASP E 164 16.75 -36.13 1.34
N PRO E 165 17.04 -37.34 1.91
CA PRO E 165 16.10 -38.47 1.86
C PRO E 165 14.77 -38.17 2.54
N ALA E 166 14.81 -37.31 3.57
CA ALA E 166 13.64 -36.97 4.35
C ALA E 166 12.73 -35.96 3.63
N ALA E 167 13.13 -35.43 2.46
CA ALA E 167 12.37 -34.35 1.85
C ALA E 167 10.99 -34.84 1.40
N GLY E 168 9.96 -34.03 1.69
CA GLY E 168 8.56 -34.31 1.37
C GLY E 168 8.26 -34.47 -0.13
N SER E 169 8.79 -33.54 -0.95
CA SER E 169 8.45 -33.39 -2.36
C SER E 169 9.35 -32.33 -2.98
N LEU E 170 9.40 -32.33 -4.31
CA LEU E 170 9.99 -31.22 -5.04
C LEU E 170 9.35 -29.89 -4.64
N ASP E 171 8.03 -29.90 -4.39
CA ASP E 171 7.30 -28.69 -4.06
C ASP E 171 7.83 -28.07 -2.76
N GLU E 172 8.02 -28.90 -1.73
CA GLU E 172 8.53 -28.38 -0.47
C GLU E 172 9.91 -27.74 -0.66
N ILE E 173 10.75 -28.42 -1.44
CA ILE E 173 12.11 -27.95 -1.71
C ILE E 173 12.01 -26.59 -2.38
N ILE E 174 11.20 -26.49 -3.44
CA ILE E 174 11.10 -25.26 -4.17
C ILE E 174 10.55 -24.15 -3.27
N PHE E 175 9.51 -24.45 -2.48
CA PHE E 175 8.94 -23.45 -1.60
C PHE E 175 9.98 -22.88 -0.64
N CYS E 176 10.79 -23.74 -0.01
CA CYS E 176 11.38 -23.22 1.23
C CYS E 176 12.78 -23.73 1.55
N TYR E 177 13.39 -24.55 0.67
CA TYR E 177 14.77 -24.91 0.93
C TYR E 177 15.67 -23.70 0.65
N PRO E 178 16.40 -23.17 1.67
CA PRO E 178 17.17 -21.94 1.48
C PRO E 178 18.36 -22.15 0.54
N GLY E 179 18.89 -23.37 0.50
CA GLY E 179 19.97 -23.68 -0.42
C GLY E 179 19.57 -23.42 -1.86
N LEU E 180 18.35 -23.81 -2.22
CA LEU E 180 17.89 -23.65 -3.59
C LEU E 180 17.72 -22.17 -3.91
N HIS E 181 17.21 -21.42 -2.93
CA HIS E 181 17.01 -19.99 -3.11
C HIS E 181 18.36 -19.30 -3.36
N ALA E 182 19.35 -19.60 -2.50
CA ALA E 182 20.64 -18.95 -2.59
C ALA E 182 21.32 -19.29 -3.91
N VAL E 183 21.14 -20.53 -4.38
CA VAL E 183 21.78 -20.98 -5.59
C VAL E 183 21.12 -20.31 -6.80
N THR E 184 19.78 -20.16 -6.75
CA THR E 184 19.01 -19.49 -7.80
C THR E 184 19.56 -18.07 -7.99
N ILE E 185 19.67 -17.32 -6.89
CA ILE E 185 20.15 -15.94 -6.96
C ILE E 185 21.58 -15.95 -7.48
N TYR E 186 22.42 -16.84 -6.93
CA TYR E 186 23.82 -16.94 -7.35
C TYR E 186 23.91 -17.16 -8.87
N ARG E 187 23.10 -18.05 -9.44
CA ARG E 187 23.23 -18.37 -10.85
C ARG E 187 22.88 -17.14 -11.68
N LEU E 188 21.87 -16.34 -11.23
CA LEU E 188 21.54 -15.11 -11.95
C LEU E 188 22.69 -14.12 -11.85
N ALA E 189 23.22 -13.94 -10.65
CA ALA E 189 24.30 -12.99 -10.40
C ALA E 189 25.55 -13.41 -11.19
N HIS E 190 25.79 -14.73 -11.28
CA HIS E 190 26.94 -15.28 -11.98
C HIS E 190 26.91 -14.92 -13.47
N GLU E 191 25.72 -15.06 -14.11
CA GLU E 191 25.62 -14.67 -15.51
C GLU E 191 25.96 -13.19 -15.66
N LEU E 192 25.54 -12.35 -14.71
CA LEU E 192 25.78 -10.92 -14.87
C LEU E 192 27.27 -10.63 -14.66
N TYR E 193 27.88 -11.40 -13.74
CA TYR E 193 29.32 -11.35 -13.50
C TYR E 193 30.07 -11.69 -14.79
N LEU E 194 29.66 -12.75 -15.50
CA LEU E 194 30.33 -13.14 -16.74
C LEU E 194 30.21 -12.04 -17.79
N LEU E 195 29.20 -11.17 -17.66
CA LEU E 195 28.95 -10.13 -18.64
C LEU E 195 29.58 -8.81 -18.19
N ASP E 196 30.43 -8.87 -17.15
CA ASP E 196 31.17 -7.71 -16.69
C ASP E 196 30.22 -6.62 -16.19
N VAL E 197 29.13 -6.99 -15.52
CA VAL E 197 28.32 -5.97 -14.88
C VAL E 197 28.90 -5.63 -13.50
N PRO E 198 29.31 -4.37 -13.23
CA PRO E 198 29.73 -3.97 -11.88
C PRO E 198 28.55 -3.89 -10.91
N LEU E 199 28.85 -4.02 -9.62
CA LEU E 199 27.96 -3.77 -8.47
C LEU E 199 26.81 -4.79 -8.36
N ILE E 200 26.05 -5.00 -9.45
CA ILE E 200 24.75 -5.67 -9.33
C ILE E 200 24.94 -7.14 -8.92
N PRO E 201 25.95 -7.88 -9.44
CA PRO E 201 26.15 -9.27 -9.01
C PRO E 201 26.31 -9.45 -7.50
N ARG E 202 27.11 -8.59 -6.86
CA ARG E 202 27.37 -8.67 -5.44
C ARG E 202 26.14 -8.22 -4.66
N MET E 203 25.40 -7.26 -5.22
CA MET E 203 24.17 -6.82 -4.59
C MET E 203 23.19 -8.00 -4.50
N LEU E 204 23.12 -8.81 -5.55
CA LEU E 204 22.24 -9.98 -5.62
C LEU E 204 22.68 -11.06 -4.62
N THR E 205 23.96 -11.45 -4.68
CA THR E 205 24.43 -12.52 -3.80
C THR E 205 24.33 -12.12 -2.32
N GLU E 206 24.55 -10.85 -2.01
CA GLU E 206 24.50 -10.44 -0.61
C GLU E 206 23.05 -10.37 -0.15
N TRP E 207 22.11 -10.04 -1.05
CA TRP E 207 20.71 -10.15 -0.71
C TRP E 207 20.38 -11.60 -0.32
N ALA E 208 20.82 -12.60 -1.12
CA ALA E 208 20.59 -13.99 -0.77
C ALA E 208 21.29 -14.37 0.53
N HIS E 209 22.52 -13.87 0.70
CA HIS E 209 23.30 -14.09 1.92
C HIS E 209 22.51 -13.61 3.14
N SER E 210 21.92 -12.41 3.02
CA SER E 210 21.10 -11.84 4.07
C SER E 210 19.91 -12.73 4.41
N GLN E 211 19.30 -13.39 3.43
CA GLN E 211 18.09 -14.16 3.68
C GLN E 211 18.39 -15.57 4.18
N THR E 212 19.58 -16.11 3.87
CA THR E 212 19.81 -17.54 4.04
C THR E 212 21.07 -17.86 4.87
N GLY E 213 21.93 -16.86 5.09
CA GLY E 213 23.22 -17.07 5.73
C GLY E 213 24.18 -17.85 4.82
N ILE E 214 23.82 -18.01 3.54
CA ILE E 214 24.68 -18.65 2.55
C ILE E 214 25.39 -17.57 1.73
N ASP E 215 26.72 -17.54 1.78
CA ASP E 215 27.49 -16.43 1.24
C ASP E 215 28.26 -16.91 0.01
N ILE E 216 27.70 -16.75 -1.20
CA ILE E 216 28.40 -17.20 -2.40
C ILE E 216 28.89 -15.98 -3.16
N HIS E 217 30.19 -15.94 -3.46
CA HIS E 217 30.68 -14.84 -4.29
C HIS E 217 30.11 -15.03 -5.69
N PRO E 218 29.65 -13.97 -6.41
CA PRO E 218 29.12 -14.13 -7.76
C PRO E 218 30.10 -14.69 -8.80
N GLY E 219 31.41 -14.56 -8.53
CA GLY E 219 32.41 -15.08 -9.44
C GLY E 219 32.59 -16.59 -9.34
N ALA E 220 32.06 -17.24 -8.28
CA ALA E 220 32.24 -18.68 -8.16
C ALA E 220 31.69 -19.40 -9.39
N THR E 221 32.34 -20.52 -9.75
CA THR E 221 31.91 -21.35 -10.85
C THR E 221 31.37 -22.63 -10.23
N ILE E 222 30.12 -22.98 -10.57
CA ILE E 222 29.41 -24.06 -9.90
C ILE E 222 28.63 -24.85 -10.95
N GLY E 223 28.86 -26.16 -10.99
CA GLY E 223 28.27 -27.00 -12.03
C GLY E 223 26.83 -27.33 -11.65
N HIS E 224 26.18 -28.17 -12.46
CA HIS E 224 24.77 -28.46 -12.25
C HIS E 224 24.59 -29.46 -11.09
N SER E 225 23.34 -29.68 -10.66
CA SER E 225 23.04 -30.63 -9.61
C SER E 225 23.80 -30.29 -8.33
N PHE E 226 23.85 -29.00 -8.02
CA PHE E 226 24.46 -28.52 -6.79
C PHE E 226 23.40 -28.43 -5.70
N PHE E 227 23.74 -28.82 -4.47
CA PHE E 227 22.80 -28.72 -3.38
C PHE E 227 23.51 -28.27 -2.11
N ILE E 228 22.95 -27.25 -1.42
CA ILE E 228 23.35 -26.91 -0.07
C ILE E 228 22.20 -27.24 0.88
N ASP E 229 22.46 -28.14 1.83
CA ASP E 229 21.48 -28.50 2.83
C ASP E 229 21.75 -27.67 4.09
N HIS E 230 20.68 -27.09 4.68
CA HIS E 230 20.76 -26.24 5.85
C HIS E 230 21.41 -24.91 5.50
N GLY E 231 22.74 -24.90 5.35
CA GLY E 231 23.37 -23.84 4.60
C GLY E 231 23.90 -22.68 5.45
N THR E 232 23.34 -22.46 6.65
CA THR E 232 23.77 -21.25 7.34
C THR E 232 25.28 -21.31 7.56
N GLY E 233 25.99 -20.23 7.24
CA GLY E 233 27.40 -20.20 7.53
C GLY E 233 28.27 -20.65 6.36
N VAL E 234 27.66 -21.05 5.24
CA VAL E 234 28.42 -21.45 4.06
C VAL E 234 29.05 -20.22 3.43
N VAL E 235 30.34 -20.35 3.07
CA VAL E 235 31.05 -19.30 2.38
C VAL E 235 31.82 -19.92 1.23
N ILE E 236 31.63 -19.37 0.03
CA ILE E 236 32.29 -19.85 -1.16
C ILE E 236 32.94 -18.66 -1.86
N GLY E 237 34.25 -18.77 -2.15
CA GLY E 237 35.00 -17.62 -2.62
C GLY E 237 34.91 -17.45 -4.14
N GLU E 238 35.40 -16.29 -4.59
CA GLU E 238 35.30 -15.82 -5.96
C GLU E 238 35.90 -16.80 -6.99
N THR E 239 37.07 -17.38 -6.66
CA THR E 239 37.80 -18.19 -7.63
C THR E 239 37.52 -19.68 -7.40
N CYS E 240 36.61 -20.00 -6.49
CA CYS E 240 36.26 -21.39 -6.23
C CYS E 240 35.63 -22.00 -7.50
N GLU E 241 35.98 -23.26 -7.80
CA GLU E 241 35.42 -23.98 -8.92
C GLU E 241 34.83 -25.28 -8.41
N ILE E 242 33.52 -25.45 -8.61
CA ILE E 242 32.80 -26.62 -8.14
C ILE E 242 32.24 -27.32 -9.37
N ALA E 243 32.46 -28.65 -9.48
CA ALA E 243 31.94 -29.41 -10.60
C ALA E 243 30.47 -29.80 -10.34
N ASN E 244 29.98 -30.88 -10.96
CA ASN E 244 28.59 -31.30 -10.90
C ASN E 244 28.37 -32.21 -9.71
N HIS E 245 27.10 -32.31 -9.28
CA HIS E 245 26.66 -33.29 -8.30
C HIS E 245 27.39 -33.15 -6.97
N VAL E 246 27.72 -31.91 -6.56
CA VAL E 246 28.35 -31.70 -5.26
C VAL E 246 27.27 -31.28 -4.26
N LYS E 247 27.43 -31.74 -3.01
CA LYS E 247 26.57 -31.39 -1.89
C LYS E 247 27.39 -30.81 -0.73
N LEU E 248 26.94 -29.68 -0.16
CA LEU E 248 27.57 -29.05 0.99
C LEU E 248 26.52 -28.96 2.11
N TYR E 249 27.00 -28.87 3.36
CA TYR E 249 26.18 -28.70 4.55
C TYR E 249 26.44 -27.33 5.16
N GLN E 250 25.76 -27.05 6.28
CA GLN E 250 25.93 -25.80 7.02
C GLN E 250 27.39 -25.61 7.43
N GLY E 251 27.85 -24.34 7.44
CA GLY E 251 29.12 -23.94 8.02
C GLY E 251 30.36 -24.35 7.19
N VAL E 252 30.14 -24.81 5.97
CA VAL E 252 31.27 -25.14 5.13
C VAL E 252 31.90 -23.86 4.55
N THR E 253 33.23 -23.73 4.69
CA THR E 253 33.99 -22.67 4.05
C THR E 253 34.83 -23.27 2.93
N LEU E 254 34.70 -22.70 1.74
CA LEU E 254 35.62 -22.92 0.63
C LEU E 254 36.35 -21.59 0.39
N GLY E 255 37.51 -21.42 1.04
CA GLY E 255 38.12 -20.10 1.16
C GLY E 255 39.61 -20.07 0.82
N ALA E 256 40.19 -18.91 1.15
CA ALA E 256 41.57 -18.57 0.87
C ALA E 256 42.41 -18.86 2.12
N LEU E 257 43.69 -19.23 1.90
CA LEU E 257 44.69 -19.41 2.93
C LEU E 257 44.96 -18.08 3.62
N SER E 258 45.13 -18.14 4.94
CA SER E 258 45.51 -17.03 5.81
C SER E 258 46.79 -16.33 5.34
N PHE E 259 47.78 -17.09 4.83
CA PHE E 259 49.10 -16.52 4.57
C PHE E 259 49.44 -16.58 3.07
N PRO E 260 50.36 -15.70 2.58
CA PRO E 260 50.80 -15.72 1.19
C PRO E 260 51.97 -16.69 0.95
N ARG E 269 37.05 -15.25 -10.94
CA ARG E 269 38.20 -16.11 -11.31
C ARG E 269 39.39 -15.26 -11.80
N ARG E 270 39.91 -14.35 -10.94
CA ARG E 270 41.23 -13.75 -11.15
C ARG E 270 42.29 -14.77 -10.74
N HIS E 271 43.35 -14.34 -10.02
CA HIS E 271 44.36 -15.24 -9.50
C HIS E 271 43.72 -16.25 -8.53
N LYS E 272 43.90 -17.56 -8.80
CA LYS E 272 43.17 -18.60 -8.08
C LYS E 272 43.65 -18.69 -6.63
N ARG E 273 42.74 -18.44 -5.67
CA ARG E 273 43.06 -18.50 -4.23
C ARG E 273 42.05 -19.38 -3.50
N HIS E 274 41.07 -19.95 -4.21
CA HIS E 274 40.03 -20.74 -3.56
C HIS E 274 40.04 -22.14 -4.17
N PRO E 275 39.53 -23.17 -3.45
CA PRO E 275 39.67 -24.57 -3.86
C PRO E 275 38.89 -24.92 -5.13
N THR E 276 39.25 -26.09 -5.69
CA THR E 276 38.51 -26.78 -6.72
C THR E 276 37.87 -28.02 -6.10
N ILE E 277 36.56 -28.17 -6.28
CA ILE E 277 35.85 -29.35 -5.84
C ILE E 277 35.39 -30.08 -7.10
N GLU E 278 35.79 -31.35 -7.22
CA GLU E 278 35.43 -32.16 -8.38
C GLU E 278 34.05 -32.79 -8.15
N ASP E 279 33.59 -33.59 -9.12
CA ASP E 279 32.22 -34.05 -9.19
C ASP E 279 31.94 -35.02 -8.04
N HIS E 280 30.68 -35.02 -7.60
CA HIS E 280 30.14 -36.05 -6.72
C HIS E 280 30.76 -35.98 -5.34
N VAL E 281 31.37 -34.85 -5.01
CA VAL E 281 31.91 -34.64 -3.68
C VAL E 281 30.77 -34.26 -2.73
N VAL E 282 30.87 -34.74 -1.47
CA VAL E 282 30.05 -34.28 -0.37
C VAL E 282 30.96 -33.66 0.68
N ILE E 283 30.59 -32.46 1.17
CA ILE E 283 31.33 -31.86 2.28
C ILE E 283 30.36 -31.61 3.44
N TYR E 284 30.54 -32.33 4.56
CA TYR E 284 29.70 -32.27 5.75
C TYR E 284 29.95 -31.01 6.59
N ALA E 285 29.18 -30.87 7.66
CA ALA E 285 28.97 -29.61 8.35
C ALA E 285 30.28 -29.12 8.95
N ASN E 286 30.55 -27.83 8.79
CA ASN E 286 31.60 -27.14 9.53
C ASN E 286 33.00 -27.52 9.03
N ALA E 287 33.07 -28.17 7.86
CA ALA E 287 34.36 -28.38 7.22
C ALA E 287 34.91 -27.07 6.67
N THR E 288 36.24 -27.01 6.56
CA THR E 288 36.94 -25.88 5.95
C THR E 288 37.94 -26.43 4.95
N VAL E 289 37.90 -25.88 3.74
CA VAL E 289 38.79 -26.26 2.66
C VAL E 289 39.39 -24.96 2.10
N LEU E 290 40.71 -24.82 2.16
CA LEU E 290 41.40 -23.58 1.82
C LEU E 290 42.45 -23.81 0.73
N GLY E 291 42.64 -22.80 -0.12
CA GLY E 291 43.80 -22.66 -0.98
C GLY E 291 43.45 -22.81 -2.46
N GLY E 292 44.08 -21.97 -3.29
CA GLY E 292 43.92 -21.99 -4.74
C GLY E 292 44.47 -23.26 -5.39
N GLU E 293 45.29 -24.03 -4.67
CA GLU E 293 45.85 -25.23 -5.26
C GLU E 293 45.22 -26.47 -4.63
N THR E 294 44.35 -26.29 -3.64
CA THR E 294 43.64 -27.44 -3.06
C THR E 294 42.58 -28.01 -4.02
N VAL E 295 42.74 -29.28 -4.39
CA VAL E 295 41.78 -29.95 -5.27
C VAL E 295 41.16 -31.08 -4.45
N ILE E 296 39.82 -31.09 -4.31
CA ILE E 296 39.16 -32.22 -3.67
C ILE E 296 38.69 -33.13 -4.80
N GLY E 297 39.15 -34.38 -4.81
CA GLY E 297 38.96 -35.20 -5.98
C GLY E 297 37.55 -35.79 -6.10
N SER E 298 37.22 -36.16 -7.33
CA SER E 298 35.97 -36.81 -7.69
C SER E 298 35.55 -37.83 -6.64
N HIS E 299 34.29 -37.74 -6.17
CA HIS E 299 33.73 -38.77 -5.30
C HIS E 299 34.31 -38.76 -3.89
N ALA E 300 35.11 -37.76 -3.55
CA ALA E 300 35.62 -37.67 -2.19
C ALA E 300 34.49 -37.32 -1.21
N VAL E 301 34.65 -37.67 0.07
CA VAL E 301 33.78 -37.21 1.12
C VAL E 301 34.65 -36.49 2.16
N ILE E 302 34.32 -35.22 2.45
CA ILE E 302 35.01 -34.47 3.50
C ILE E 302 34.09 -34.44 4.73
N GLY E 303 34.55 -35.08 5.81
CA GLY E 303 33.73 -35.31 6.99
C GLY E 303 33.50 -34.01 7.75
N SER E 304 32.55 -34.09 8.68
CA SER E 304 32.17 -32.95 9.51
C SER E 304 33.41 -32.43 10.26
N SER E 305 33.61 -31.10 10.28
CA SER E 305 34.62 -30.45 11.10
C SER E 305 36.04 -30.65 10.55
N VAL E 306 36.17 -31.30 9.39
CA VAL E 306 37.47 -31.45 8.77
C VAL E 306 38.00 -30.10 8.28
N SER E 307 39.28 -29.83 8.59
CA SER E 307 39.95 -28.64 8.09
C SER E 307 41.14 -29.04 7.23
N LEU E 308 41.14 -28.65 5.94
CA LEU E 308 42.12 -29.08 4.92
C LEU E 308 42.69 -27.87 4.20
N SER E 309 44.01 -27.91 3.92
CA SER E 309 44.70 -26.93 3.10
C SER E 309 45.50 -27.62 2.02
N HIS E 310 45.19 -28.88 1.72
CA HIS E 310 45.88 -29.63 0.69
C HIS E 310 44.85 -30.50 -0.03
N SER E 311 45.22 -30.95 -1.23
CA SER E 311 44.39 -31.80 -2.07
C SER E 311 44.07 -33.13 -1.41
N VAL E 312 42.96 -33.72 -1.85
CA VAL E 312 42.48 -35.02 -1.42
C VAL E 312 42.28 -35.85 -2.70
N PRO E 313 42.69 -37.15 -2.76
CA PRO E 313 42.55 -37.92 -4.01
C PRO E 313 41.08 -38.26 -4.26
N PRO E 314 40.69 -38.53 -5.53
CA PRO E 314 39.37 -39.11 -5.80
C PRO E 314 39.09 -40.29 -4.88
N ASN E 315 37.81 -40.53 -4.55
CA ASN E 315 37.38 -41.77 -3.89
C ASN E 315 37.88 -41.90 -2.46
N THR E 316 38.23 -40.78 -1.81
CA THR E 316 38.75 -40.79 -0.45
C THR E 316 37.70 -40.23 0.52
N ILE E 317 37.50 -40.92 1.65
CA ILE E 317 36.77 -40.36 2.78
C ILE E 317 37.78 -39.84 3.79
N VAL E 318 37.72 -38.53 4.06
CA VAL E 318 38.54 -37.87 5.06
C VAL E 318 37.67 -37.48 6.26
N THR E 319 38.04 -37.93 7.46
CA THR E 319 37.30 -37.64 8.68
C THR E 319 38.29 -37.16 9.76
N ILE E 320 37.79 -36.45 10.79
CA ILE E 320 38.63 -36.05 11.92
C ILE E 320 38.99 -37.30 12.73
N GLU E 321 40.14 -37.26 13.40
CA GLU E 321 40.47 -38.26 14.41
C GLU E 321 39.42 -38.18 15.52
N LYS E 322 39.01 -39.35 16.03
CA LYS E 322 38.08 -39.41 17.13
C LYS E 322 38.57 -38.42 18.19
N PRO E 323 37.75 -37.44 18.62
CA PRO E 323 38.21 -36.40 19.55
C PRO E 323 38.59 -36.93 20.92
N SER E 324 39.62 -36.35 21.54
CA SER E 324 40.00 -36.70 22.89
C SER E 324 39.24 -35.80 23.85
N LEU E 325 38.24 -36.35 24.55
CA LEU E 325 37.39 -35.49 25.36
C LEU E 325 37.71 -35.70 26.84
N ARG E 326 37.46 -34.66 27.65
CA ARG E 326 37.59 -34.73 29.09
C ARG E 326 36.19 -34.86 29.68
N TYR E 327 36.06 -35.76 30.66
CA TYR E 327 34.83 -36.02 31.40
C TYR E 327 35.05 -35.70 32.88
N ARG E 328 34.08 -35.05 33.53
CA ARG E 328 34.08 -34.85 34.97
C ARG E 328 32.64 -34.87 35.47
N GLU E 329 32.41 -35.23 36.74
CA GLU E 329 31.07 -35.06 37.28
C GLU E 329 30.97 -33.61 37.78
N ALA E 330 29.82 -32.97 37.59
CA ALA E 330 29.50 -31.79 38.38
C ALA E 330 29.01 -32.30 39.73
N SER E 331 29.44 -31.68 40.85
CA SER E 331 29.27 -32.31 42.15
C SER E 331 28.56 -31.36 43.11
N HIS F 10 -20.11 -48.33 5.40
CA HIS F 10 -20.10 -46.86 5.18
C HIS F 10 -18.84 -46.48 4.40
N SER F 11 -18.99 -46.43 3.07
CA SER F 11 -17.83 -46.51 2.20
C SER F 11 -17.50 -45.15 1.58
N SER F 12 -16.29 -45.04 1.05
CA SER F 12 -15.78 -43.80 0.47
C SER F 12 -14.97 -44.12 -0.79
N GLY F 13 -14.97 -43.15 -1.73
CA GLY F 13 -14.22 -43.20 -2.97
C GLY F 13 -12.75 -42.81 -2.80
N LEU F 14 -12.37 -42.26 -1.63
CA LEU F 14 -10.95 -42.12 -1.32
C LEU F 14 -10.65 -42.24 0.17
N VAL F 15 -9.33 -42.23 0.48
CA VAL F 15 -8.68 -42.72 1.69
C VAL F 15 -9.28 -42.11 2.97
N PRO F 16 -9.13 -40.79 3.27
CA PRO F 16 -9.74 -40.22 4.48
C PRO F 16 -11.23 -39.93 4.33
N ARG F 17 -12.04 -40.37 5.30
CA ARG F 17 -13.47 -40.11 5.33
C ARG F 17 -13.72 -38.60 5.45
N GLY F 18 -14.72 -38.09 4.72
CA GLY F 18 -15.17 -36.71 4.81
C GLY F 18 -14.43 -35.75 3.86
N SER F 19 -13.64 -36.31 2.92
CA SER F 19 -12.81 -35.56 2.00
C SER F 19 -13.64 -34.64 1.09
N HIS F 20 -14.93 -34.97 0.89
CA HIS F 20 -15.77 -34.18 -0.01
C HIS F 20 -16.42 -32.99 0.69
N MET F 21 -16.49 -33.01 2.04
CA MET F 21 -17.19 -31.99 2.81
C MET F 21 -16.49 -30.63 2.71
N ALA F 22 -17.27 -29.57 2.51
CA ALA F 22 -16.81 -28.19 2.57
C ALA F 22 -16.74 -27.75 4.03
N THR F 23 -16.27 -26.52 4.26
CA THR F 23 -16.24 -25.86 5.56
C THR F 23 -17.64 -25.88 6.17
N ASP F 24 -17.73 -26.32 7.43
CA ASP F 24 -18.98 -26.26 8.17
C ASP F 24 -19.06 -24.91 8.92
N LEU F 25 -19.89 -23.98 8.42
CA LEU F 25 -19.96 -22.62 8.93
C LEU F 25 -20.57 -22.58 10.33
N ARG F 26 -21.36 -23.61 10.66
CA ARG F 26 -21.93 -23.72 12.00
C ARG F 26 -20.82 -23.83 13.04
N LEU F 27 -19.68 -24.43 12.66
CA LEU F 27 -18.57 -24.61 13.60
C LEU F 27 -17.95 -23.28 14.00
N LYS F 28 -18.11 -22.23 13.17
CA LYS F 28 -17.70 -20.87 13.50
C LYS F 28 -18.27 -20.40 14.84
N ASP F 29 -19.39 -21.00 15.30
CA ASP F 29 -20.00 -20.67 16.58
C ASP F 29 -19.09 -21.01 17.76
N GLN F 30 -18.06 -21.82 17.55
CA GLN F 30 -17.16 -22.18 18.65
C GLN F 30 -16.06 -21.11 18.81
N LEU F 31 -15.96 -20.21 17.83
CA LEU F 31 -14.78 -19.33 17.82
C LEU F 31 -14.85 -18.32 18.97
N PRO F 32 -16.05 -17.75 19.30
CA PRO F 32 -16.17 -16.87 20.47
C PRO F 32 -15.63 -17.46 21.78
N GLU F 33 -15.81 -18.76 21.98
CA GLU F 33 -15.33 -19.48 23.17
C GLU F 33 -13.81 -19.62 23.17
N ILE F 34 -13.25 -19.96 21.99
CA ILE F 34 -11.81 -20.03 21.83
C ILE F 34 -11.23 -18.66 22.18
N THR F 35 -11.88 -17.60 21.67
CA THR F 35 -11.42 -16.25 21.93
C THR F 35 -11.43 -15.97 23.43
N ASP F 36 -12.53 -16.35 24.12
CA ASP F 36 -12.66 -16.16 25.57
C ASP F 36 -11.60 -16.93 26.36
N ARG F 37 -11.28 -18.16 25.94
CA ARG F 37 -10.23 -18.89 26.65
C ARG F 37 -8.86 -18.23 26.46
N ILE F 38 -8.65 -17.61 25.29
CA ILE F 38 -7.38 -16.96 25.02
C ILE F 38 -7.27 -15.73 25.91
N VAL F 39 -8.39 -14.99 26.03
CA VAL F 39 -8.38 -13.76 26.83
C VAL F 39 -8.18 -14.14 28.31
N GLU F 40 -8.81 -15.23 28.74
CA GLU F 40 -8.58 -15.78 30.08
C GLU F 40 -7.10 -16.10 30.30
N SER F 41 -6.43 -16.66 29.29
CA SER F 41 -5.04 -17.04 29.47
C SER F 41 -4.16 -15.82 29.65
N TYR F 42 -4.66 -14.63 29.25
CA TYR F 42 -3.92 -13.40 29.47
C TYR F 42 -3.92 -13.04 30.96
N ARG F 43 -5.03 -13.31 31.66
CA ARG F 43 -5.07 -13.19 33.12
C ARG F 43 -4.07 -14.14 33.80
N ASP F 44 -4.06 -15.41 33.37
CA ASP F 44 -3.30 -16.47 34.03
C ASP F 44 -1.79 -16.39 33.74
N PHE F 45 -1.40 -15.96 32.53
CA PHE F 45 0.01 -15.85 32.18
C PHE F 45 0.30 -14.42 31.73
N ALA F 46 0.51 -13.52 32.68
CA ALA F 46 0.62 -12.10 32.39
C ALA F 46 2.04 -11.69 31.98
N THR F 47 3.00 -12.63 31.97
CA THR F 47 4.39 -12.21 31.78
C THR F 47 4.71 -11.95 30.32
N THR F 48 3.90 -12.52 29.41
CA THR F 48 4.21 -12.52 27.99
C THR F 48 3.26 -11.62 27.19
N HIS F 49 2.56 -10.73 27.90
CA HIS F 49 1.79 -9.69 27.24
C HIS F 49 2.10 -8.39 27.93
N HIS F 50 1.77 -7.29 27.25
CA HIS F 50 1.83 -5.97 27.85
C HIS F 50 0.52 -5.27 27.51
N LEU F 51 -0.55 -5.70 28.20
CA LEU F 51 -1.84 -5.07 28.06
C LEU F 51 -1.94 -3.98 29.13
N GLY F 52 -2.40 -2.78 28.75
CA GLY F 52 -2.53 -1.68 29.68
C GLY F 52 -2.53 -0.37 28.93
N HIS F 53 -2.29 0.74 29.64
CA HIS F 53 -2.45 2.04 29.03
C HIS F 53 -1.11 2.74 28.71
N CYS F 54 -0.01 1.95 28.60
CA CYS F 54 1.39 2.36 28.67
C CYS F 54 2.16 1.81 27.47
N PRO F 55 1.94 2.39 26.29
CA PRO F 55 2.54 1.82 25.11
C PRO F 55 4.02 1.63 25.47
N LEU F 56 4.48 0.38 25.31
CA LEU F 56 5.89 0.12 25.11
C LEU F 56 6.39 0.80 23.84
N PRO F 57 7.71 0.81 23.56
CA PRO F 57 8.25 1.18 22.24
C PRO F 57 7.80 0.23 21.14
N SER F 58 7.88 0.70 19.90
CA SER F 58 7.37 -0.05 18.77
C SER F 58 8.57 -0.57 17.97
N SER F 59 8.62 -1.90 17.72
CA SER F 59 9.61 -2.50 16.84
C SER F 59 9.67 -1.79 15.49
N GLU F 60 8.51 -1.52 14.91
CA GLU F 60 8.39 -0.90 13.59
C GLU F 60 8.94 0.52 13.64
N ALA F 61 8.60 1.26 14.70
CA ALA F 61 9.10 2.62 14.82
C ALA F 61 10.62 2.64 14.94
N VAL F 62 11.16 1.66 15.65
CA VAL F 62 12.60 1.61 15.86
C VAL F 62 13.28 1.31 14.52
N TYR F 63 12.72 0.36 13.77
N TYR F 63 12.73 0.34 13.78
CA TYR F 63 13.23 0.01 12.45
CA TYR F 63 13.19 0.00 12.44
C TYR F 63 13.23 1.24 11.55
C TYR F 63 13.23 1.24 11.57
N GLU F 64 12.13 2.00 11.56
CA GLU F 64 11.98 3.19 10.73
C GLU F 64 13.02 4.26 11.09
N ILE F 65 13.20 4.49 12.41
CA ILE F 65 14.23 5.36 12.92
C ILE F 65 15.59 4.93 12.35
N ALA F 66 15.87 3.61 12.38
CA ALA F 66 17.14 3.10 11.88
C ALA F 66 17.32 3.41 10.40
N GLN F 67 16.22 3.28 9.63
CA GLN F 67 16.27 3.59 8.20
C GLN F 67 16.65 5.05 7.97
N ASP F 68 16.06 5.95 8.75
CA ASP F 68 16.25 7.38 8.57
C ASP F 68 17.67 7.77 8.97
N LEU F 69 18.16 7.17 10.06
CA LEU F 69 19.54 7.40 10.46
C LEU F 69 20.51 6.98 9.36
N GLN F 70 20.26 5.82 8.73
CA GLN F 70 21.11 5.32 7.65
C GLN F 70 21.04 6.23 6.43
N GLU F 71 19.88 6.82 6.14
CA GLU F 71 19.69 7.78 5.05
C GLU F 71 20.59 8.99 5.28
N ILE F 72 20.69 9.43 6.55
CA ILE F 72 21.56 10.55 6.89
C ILE F 72 23.03 10.14 6.75
N LEU F 73 23.38 8.91 7.16
CA LEU F 73 24.79 8.50 7.20
C LEU F 73 25.34 8.20 5.81
N PHE F 74 24.50 7.67 4.90
CA PHE F 74 24.98 7.22 3.60
C PHE F 74 24.04 7.69 2.50
N PRO F 75 23.79 9.01 2.36
CA PRO F 75 22.79 9.48 1.40
C PRO F 75 23.27 9.12 0.00
N GLY F 76 22.35 8.66 -0.86
CA GLY F 76 22.70 8.27 -2.23
C GLY F 76 22.86 6.76 -2.40
N TYR F 77 22.95 6.02 -1.27
CA TYR F 77 23.17 4.59 -1.26
C TYR F 77 21.98 3.85 -0.63
N ARG F 78 20.93 4.57 -0.26
CA ARG F 78 19.79 3.94 0.39
C ARG F 78 18.56 4.11 -0.52
N ARG F 79 17.47 4.69 0.00
CA ARG F 79 16.21 4.78 -0.73
C ARG F 79 16.21 5.86 -1.83
N ARG F 80 16.71 7.08 -1.56
CA ARG F 80 16.71 8.08 -2.62
C ARG F 80 18.01 8.05 -3.45
N GLN F 81 17.89 8.24 -4.78
CA GLN F 81 19.06 8.20 -5.68
C GLN F 81 19.26 9.53 -6.41
N ASN F 82 18.48 10.55 -6.02
CA ASN F 82 18.41 11.80 -6.77
C ASN F 82 18.88 12.94 -5.87
N LEU F 83 19.78 12.64 -4.93
CA LEU F 83 20.27 13.61 -3.98
C LEU F 83 21.53 14.24 -4.56
N HIS F 84 21.62 15.57 -4.41
CA HIS F 84 22.78 16.37 -4.81
C HIS F 84 22.93 17.50 -3.80
N MET F 85 24.02 18.30 -3.90
CA MET F 85 24.29 19.32 -2.88
C MET F 85 23.16 20.35 -2.84
N GLY F 86 22.41 20.48 -3.95
CA GLY F 86 21.35 21.46 -4.03
C GLY F 86 20.06 21.05 -3.32
N ASN F 87 19.87 19.74 -3.03
CA ASN F 87 18.62 19.29 -2.42
C ASN F 87 18.85 18.45 -1.14
N VAL F 88 20.12 18.15 -0.83
CA VAL F 88 20.41 17.28 0.31
C VAL F 88 20.02 17.95 1.64
N THR F 89 20.03 19.30 1.68
CA THR F 89 19.66 19.99 2.92
C THR F 89 18.21 19.67 3.28
N TYR F 90 17.36 19.58 2.24
CA TYR F 90 15.93 19.35 2.42
C TYR F 90 15.70 17.94 2.99
N HIS F 91 16.40 16.98 2.39
CA HIS F 91 16.38 15.57 2.77
C HIS F 91 16.79 15.41 4.24
N VAL F 92 17.98 15.92 4.58
CA VAL F 92 18.50 15.80 5.94
C VAL F 92 17.61 16.53 6.94
N GLY F 93 17.23 17.77 6.60
CA GLY F 93 16.51 18.61 7.53
C GLY F 93 15.19 17.96 7.95
N ASP F 94 14.50 17.40 6.94
CA ASP F 94 13.24 16.69 7.13
C ASP F 94 13.44 15.46 8.00
N LEU F 95 14.50 14.67 7.73
CA LEU F 95 14.75 13.46 8.52
C LEU F 95 15.13 13.82 9.96
N VAL F 96 15.95 14.85 10.16
CA VAL F 96 16.34 15.28 11.49
C VAL F 96 15.10 15.70 12.27
N ASP F 97 14.22 16.48 11.62
CA ASP F 97 12.99 16.94 12.26
C ASP F 97 12.13 15.75 12.70
N SER F 98 11.89 14.82 11.77
CA SER F 98 11.09 13.62 12.02
C SER F 98 11.72 12.74 13.12
N LEU F 99 13.05 12.53 13.06
CA LEU F 99 13.77 11.70 14.02
C LEU F 99 13.68 12.30 15.43
N HIS F 100 13.78 13.62 15.53
CA HIS F 100 13.67 14.31 16.81
C HIS F 100 12.38 13.89 17.49
N ASP F 101 11.29 13.89 16.73
CA ASP F 101 9.98 13.57 17.28
C ASP F 101 9.85 12.09 17.62
N ARG F 102 10.28 11.22 16.68
CA ARG F 102 10.11 9.79 16.82
C ARG F 102 11.05 9.20 17.88
N LEU F 103 12.32 9.59 17.87
CA LEU F 103 13.24 9.08 18.88
C LEU F 103 12.78 9.56 20.25
N THR F 104 12.34 10.82 20.37
CA THR F 104 11.89 11.31 21.66
C THR F 104 10.78 10.39 22.17
N GLN F 105 9.81 10.12 21.30
CA GLN F 105 8.63 9.33 21.64
C GLN F 105 9.03 7.93 22.10
N GLN F 106 9.89 7.28 21.31
CA GLN F 106 10.32 5.92 21.55
C GLN F 106 11.16 5.84 22.82
N ILE F 107 12.16 6.73 22.96
CA ILE F 107 13.01 6.76 24.13
C ILE F 107 12.19 7.02 25.39
N ALA F 108 11.23 7.96 25.32
CA ALA F 108 10.42 8.31 26.49
C ALA F 108 9.65 7.08 26.95
N ARG F 109 9.12 6.29 26.01
CA ARG F 109 8.36 5.11 26.39
C ARG F 109 9.26 4.07 27.05
N ALA F 110 10.48 3.97 26.52
CA ALA F 110 11.46 3.06 27.07
C ALA F 110 11.83 3.48 28.49
N LEU F 111 12.09 4.79 28.69
CA LEU F 111 12.45 5.27 30.02
C LEU F 111 11.30 5.07 31.01
N ARG F 112 10.07 5.44 30.62
CA ARG F 112 8.91 5.27 31.48
C ARG F 112 8.76 3.81 31.91
N HIS F 113 8.85 2.89 30.94
CA HIS F 113 8.58 1.50 31.23
C HIS F 113 9.64 0.95 32.18
N ASP F 114 10.91 1.32 31.91
CA ASP F 114 12.01 0.85 32.70
C ASP F 114 11.92 1.36 34.14
N TYR F 115 11.49 2.61 34.31
CA TYR F 115 11.31 3.20 35.63
C TYR F 115 10.24 2.45 36.41
N ARG F 116 9.06 2.29 35.79
CA ARG F 116 7.95 1.56 36.40
C ARG F 116 8.40 0.16 36.83
N ARG F 117 9.16 -0.51 35.95
CA ARG F 117 9.59 -1.89 36.19
C ARG F 117 10.68 -1.91 37.27
N GLN F 118 11.57 -0.93 37.24
CA GLN F 118 12.63 -0.79 38.24
C GLN F 118 12.03 -0.71 39.63
N HIS F 119 10.96 0.10 39.77
CA HIS F 119 10.24 0.24 41.02
C HIS F 119 9.04 -0.69 41.00
N GLY F 120 8.08 -0.46 41.89
CA GLY F 120 6.89 -1.29 41.88
C GLY F 120 5.83 -0.73 40.92
N ILE F 121 6.03 0.53 40.50
CA ILE F 121 4.98 1.40 40.02
C ILE F 121 4.13 0.72 38.94
N SER F 122 2.81 0.76 39.12
CA SER F 122 1.85 0.29 38.15
C SER F 122 1.48 1.42 37.21
N CYS F 123 0.65 1.08 36.22
CA CYS F 123 0.50 2.01 35.12
C CYS F 123 -0.58 3.04 35.42
N ALA F 124 -1.58 2.69 36.24
CA ALA F 124 -2.61 3.64 36.65
C ALA F 124 -2.05 4.71 37.60
N SER F 128 6.40 10.14 36.68
CA SER F 128 7.05 10.44 37.97
C SER F 128 8.09 11.55 37.81
N HIS F 129 9.01 11.37 36.86
CA HIS F 129 9.87 12.43 36.34
C HIS F 129 9.29 12.95 35.03
N ASP F 130 9.96 13.95 34.43
CA ASP F 130 9.61 14.40 33.09
C ASP F 130 10.45 13.60 32.09
N PHE F 131 9.88 12.47 31.64
CA PHE F 131 10.62 11.50 30.83
C PHE F 131 10.76 12.02 29.41
N GLU F 132 9.78 12.82 28.96
CA GLU F 132 9.79 13.40 27.63
C GLU F 132 10.99 14.32 27.48
N ALA F 133 11.18 15.22 28.46
CA ALA F 133 12.31 16.15 28.41
C ALA F 133 13.64 15.38 28.42
N LEU F 134 13.70 14.33 29.24
CA LEU F 134 14.95 13.59 29.35
C LEU F 134 15.22 12.85 28.04
N ALA F 135 14.14 12.26 27.47
CA ALA F 135 14.20 11.58 26.18
C ALA F 135 14.69 12.55 25.11
N GLN F 136 14.18 13.79 25.11
CA GLN F 136 14.53 14.76 24.09
C GLN F 136 16.01 15.12 24.21
N ALA F 137 16.49 15.24 25.46
CA ALA F 137 17.90 15.56 25.65
C ALA F 137 18.78 14.47 25.05
N LYS F 138 18.44 13.20 25.30
CA LYS F 138 19.18 12.05 24.78
C LYS F 138 19.11 12.03 23.25
N THR F 139 17.91 12.37 22.73
CA THR F 139 17.70 12.41 21.30
C THR F 139 18.61 13.44 20.64
N ILE F 140 18.66 14.64 21.24
CA ILE F 140 19.49 15.70 20.72
C ILE F 140 20.96 15.27 20.74
N THR F 141 21.39 14.62 21.82
CA THR F 141 22.78 14.17 21.91
C THR F 141 23.09 13.25 20.72
N LEU F 142 22.18 12.30 20.46
CA LEU F 142 22.42 11.38 19.36
C LEU F 142 22.57 12.13 18.04
N LEU F 143 21.62 13.05 17.77
CA LEU F 143 21.62 13.76 16.49
C LEU F 143 22.87 14.61 16.33
N GLU F 144 23.36 15.19 17.44
CA GLU F 144 24.55 16.04 17.46
C GLU F 144 25.80 15.24 17.10
N LEU F 145 25.84 13.94 17.39
CA LEU F 145 27.08 13.23 17.10
C LEU F 145 27.05 12.51 15.74
N LEU F 146 26.03 12.77 14.90
CA LEU F 146 25.99 12.10 13.60
C LEU F 146 27.19 12.46 12.72
N PRO F 147 27.65 13.73 12.67
CA PRO F 147 28.83 14.06 11.87
C PRO F 147 30.05 13.26 12.33
N ARG F 148 30.21 13.11 13.65
CA ARG F 148 31.30 12.35 14.23
C ARG F 148 31.18 10.88 13.82
N LEU F 149 29.97 10.31 13.90
CA LEU F 149 29.74 8.93 13.47
C LEU F 149 30.07 8.75 11.99
N ARG F 150 29.78 9.76 11.16
CA ARG F 150 30.14 9.68 9.76
C ARG F 150 31.65 9.54 9.57
N ARG F 151 32.42 10.30 10.35
CA ARG F 151 33.89 10.24 10.35
C ARG F 151 34.34 8.81 10.67
N THR F 152 33.85 8.24 11.77
CA THR F 152 34.16 6.87 12.12
C THR F 152 33.78 5.89 11.00
N LEU F 153 32.57 6.02 10.43
CA LEU F 153 32.10 5.04 9.47
C LEU F 153 32.87 5.17 8.18
N ALA F 154 33.36 6.38 7.84
CA ALA F 154 34.22 6.53 6.66
C ALA F 154 35.48 5.70 6.80
N LEU F 155 36.03 5.66 8.02
CA LEU F 155 37.20 4.82 8.27
C LEU F 155 36.84 3.32 8.19
N ASP F 156 35.66 2.91 8.67
CA ASP F 156 35.22 1.52 8.56
C ASP F 156 35.13 1.12 7.09
N VAL F 157 34.62 2.01 6.25
CA VAL F 157 34.44 1.69 4.84
C VAL F 157 35.82 1.46 4.21
N GLN F 158 36.76 2.38 4.50
CA GLN F 158 38.13 2.25 4.03
C GLN F 158 38.77 0.94 4.54
N ALA F 159 38.48 0.54 5.79
CA ALA F 159 39.00 -0.68 6.37
C ALA F 159 38.48 -1.91 5.61
N ALA F 160 37.22 -1.84 5.13
CA ALA F 160 36.69 -2.93 4.33
C ALA F 160 37.45 -3.01 3.00
N PHE F 161 37.71 -1.85 2.40
CA PHE F 161 38.43 -1.80 1.14
C PHE F 161 39.84 -2.36 1.35
N ASP F 162 40.53 -1.92 2.43
CA ASP F 162 41.90 -2.38 2.68
C ASP F 162 41.92 -3.87 3.04
N GLY F 163 40.90 -4.31 3.81
CA GLY F 163 40.85 -5.68 4.34
C GLY F 163 40.36 -6.72 3.34
N ASP F 164 39.77 -6.28 2.23
CA ASP F 164 39.36 -7.20 1.17
C ASP F 164 39.95 -6.73 -0.15
N PRO F 165 41.10 -7.30 -0.57
CA PRO F 165 41.79 -6.87 -1.79
C PRO F 165 40.92 -7.06 -3.04
N ALA F 166 40.02 -8.03 -3.00
CA ALA F 166 39.18 -8.36 -4.14
C ALA F 166 37.95 -7.44 -4.26
N ALA F 167 37.82 -6.47 -3.33
CA ALA F 167 36.67 -5.60 -3.27
C ALA F 167 36.64 -4.72 -4.52
N GLY F 168 35.47 -4.61 -5.15
CA GLY F 168 35.33 -3.84 -6.38
C GLY F 168 35.57 -2.34 -6.21
N SER F 169 34.98 -1.74 -5.16
CA SER F 169 34.99 -0.30 -4.98
C SER F 169 34.46 0.02 -3.59
N LEU F 170 34.70 1.26 -3.12
CA LEU F 170 34.01 1.73 -1.91
C LEU F 170 32.49 1.58 -2.07
N ASP F 171 32.01 1.81 -3.29
CA ASP F 171 30.58 1.83 -3.60
C ASP F 171 29.95 0.46 -3.31
N GLU F 172 30.63 -0.60 -3.75
CA GLU F 172 30.10 -1.95 -3.63
C GLU F 172 30.06 -2.31 -2.16
N ILE F 173 31.11 -1.92 -1.44
CA ILE F 173 31.18 -2.10 0.01
C ILE F 173 29.98 -1.44 0.69
N ILE F 174 29.72 -0.17 0.38
CA ILE F 174 28.66 0.57 1.04
C ILE F 174 27.30 -0.05 0.67
N PHE F 175 27.15 -0.37 -0.62
CA PHE F 175 25.91 -0.96 -1.07
C PHE F 175 25.58 -2.26 -0.35
N CYS F 176 26.57 -3.15 -0.14
CA CYS F 176 26.11 -4.51 0.15
C CYS F 176 27.01 -5.33 1.06
N TYR F 177 28.15 -4.79 1.54
CA TYR F 177 28.93 -5.56 2.50
C TYR F 177 28.16 -5.64 3.82
N PRO F 178 27.83 -6.85 4.29
CA PRO F 178 26.96 -6.98 5.47
C PRO F 178 27.70 -6.54 6.74
N GLY F 179 29.02 -6.68 6.73
CA GLY F 179 29.77 -6.25 7.90
C GLY F 179 29.57 -4.76 8.17
N LEU F 180 29.58 -3.96 7.10
CA LEU F 180 29.42 -2.52 7.23
C LEU F 180 28.02 -2.21 7.77
N HIS F 181 27.02 -2.96 7.30
CA HIS F 181 25.66 -2.75 7.74
C HIS F 181 25.53 -3.01 9.24
N ALA F 182 26.06 -4.16 9.70
CA ALA F 182 25.95 -4.55 11.11
C ALA F 182 26.67 -3.55 12.02
N VAL F 183 27.82 -3.04 11.54
CA VAL F 183 28.66 -2.13 12.30
C VAL F 183 28.00 -0.75 12.39
N THR F 184 27.43 -0.29 11.26
CA THR F 184 26.61 0.93 11.27
C THR F 184 25.50 0.85 12.34
N ILE F 185 24.69 -0.21 12.30
CA ILE F 185 23.59 -0.30 13.26
C ILE F 185 24.14 -0.36 14.69
N TYR F 186 25.19 -1.17 14.90
CA TYR F 186 25.81 -1.28 16.21
C TYR F 186 26.28 0.09 16.70
N ARG F 187 26.94 0.88 15.86
CA ARG F 187 27.47 2.15 16.35
C ARG F 187 26.35 3.09 16.79
N LEU F 188 25.21 3.08 16.07
CA LEU F 188 24.04 3.84 16.50
C LEU F 188 23.53 3.31 17.84
N ALA F 189 23.32 2.00 17.93
CA ALA F 189 22.84 1.33 19.14
C ALA F 189 23.77 1.63 20.33
N HIS F 190 25.08 1.67 20.05
CA HIS F 190 26.06 1.84 21.11
C HIS F 190 25.93 3.23 21.75
N GLU F 191 25.74 4.27 20.94
CA GLU F 191 25.55 5.60 21.48
C GLU F 191 24.29 5.67 22.35
N LEU F 192 23.23 4.94 21.96
CA LEU F 192 22.02 4.95 22.76
C LEU F 192 22.25 4.17 24.05
N TYR F 193 23.08 3.14 23.96
CA TYR F 193 23.45 2.37 25.14
C TYR F 193 24.20 3.29 26.11
N LEU F 194 25.17 4.06 25.60
CA LEU F 194 25.96 4.95 26.44
C LEU F 194 25.07 6.00 27.11
N LEU F 195 23.89 6.29 26.53
CA LEU F 195 22.98 7.28 27.08
C LEU F 195 21.94 6.62 27.99
N ASP F 196 22.17 5.35 28.33
CA ASP F 196 21.29 4.61 29.22
C ASP F 196 19.86 4.50 28.69
N VAL F 197 19.70 4.31 27.37
CA VAL F 197 18.36 4.07 26.83
C VAL F 197 18.05 2.58 26.93
N PRO F 198 17.02 2.16 27.70
CA PRO F 198 16.63 0.74 27.74
C PRO F 198 15.97 0.28 26.42
N LEU F 199 16.03 -1.04 26.16
CA LEU F 199 15.31 -1.77 25.12
C LEU F 199 15.85 -1.47 23.73
N ILE F 200 15.93 -0.18 23.39
CA ILE F 200 16.14 0.24 22.01
C ILE F 200 17.47 -0.26 21.46
N PRO F 201 18.59 -0.13 22.20
CA PRO F 201 19.88 -0.60 21.70
C PRO F 201 19.87 -2.07 21.24
N ARG F 202 19.29 -2.97 22.07
CA ARG F 202 19.27 -4.38 21.73
C ARG F 202 18.27 -4.65 20.60
N MET F 203 17.18 -3.88 20.56
CA MET F 203 16.26 -3.98 19.44
C MET F 203 16.98 -3.70 18.12
N LEU F 204 17.86 -2.68 18.10
CA LEU F 204 18.63 -2.32 16.91
C LEU F 204 19.63 -3.43 16.52
N THR F 205 20.45 -3.87 17.48
CA THR F 205 21.49 -4.84 17.15
C THR F 205 20.88 -6.20 16.75
N GLU F 206 19.76 -6.59 17.38
CA GLU F 206 19.08 -7.81 16.98
C GLU F 206 18.48 -7.69 15.56
N TRP F 207 18.07 -6.47 15.18
CA TRP F 207 17.60 -6.25 13.83
C TRP F 207 18.72 -6.54 12.83
N ALA F 208 19.90 -5.96 13.09
CA ALA F 208 21.07 -6.19 12.24
C ALA F 208 21.48 -7.67 12.30
N HIS F 209 21.38 -8.29 13.48
CA HIS F 209 21.69 -9.70 13.65
C HIS F 209 20.82 -10.53 12.71
N SER F 210 19.53 -10.20 12.70
CA SER F 210 18.60 -10.93 11.86
C SER F 210 18.96 -10.79 10.39
N GLN F 211 19.47 -9.60 9.98
CA GLN F 211 19.71 -9.36 8.57
C GLN F 211 21.06 -9.89 8.09
N THR F 212 22.02 -10.16 9.00
CA THR F 212 23.39 -10.40 8.59
C THR F 212 23.96 -11.65 9.26
N GLY F 213 23.28 -12.17 10.29
CA GLY F 213 23.86 -13.20 11.15
C GLY F 213 25.08 -12.73 11.96
N ILE F 214 25.31 -11.40 12.02
CA ILE F 214 26.34 -10.81 12.88
C ILE F 214 25.69 -10.27 14.15
N ASP F 215 26.18 -10.76 15.30
CA ASP F 215 25.51 -10.52 16.57
C ASP F 215 26.43 -9.69 17.46
N ILE F 216 26.28 -8.36 17.43
CA ILE F 216 27.08 -7.50 18.31
C ILE F 216 26.20 -6.99 19.44
N HIS F 217 26.60 -7.25 20.69
CA HIS F 217 25.90 -6.67 21.82
C HIS F 217 26.12 -5.15 21.79
N PRO F 218 25.08 -4.30 22.03
CA PRO F 218 25.23 -2.85 21.98
C PRO F 218 26.24 -2.26 22.96
N GLY F 219 26.59 -3.03 24.00
CA GLY F 219 27.51 -2.58 25.04
C GLY F 219 28.97 -2.71 24.59
N ALA F 220 29.22 -3.46 23.50
CA ALA F 220 30.59 -3.65 23.06
C ALA F 220 31.21 -2.30 22.71
N THR F 221 32.53 -2.19 22.94
CA THR F 221 33.30 -0.98 22.64
C THR F 221 34.23 -1.32 21.50
N ILE F 222 34.15 -0.55 20.42
CA ILE F 222 34.85 -0.93 19.20
C ILE F 222 35.42 0.34 18.61
N GLY F 223 36.73 0.34 18.31
CA GLY F 223 37.39 1.52 17.78
C GLY F 223 37.12 1.66 16.29
N HIS F 224 37.79 2.65 15.65
CA HIS F 224 37.57 2.94 14.25
C HIS F 224 38.27 1.91 13.36
N SER F 225 37.98 1.96 12.04
CA SER F 225 38.58 1.09 11.04
C SER F 225 38.35 -0.38 11.37
N PHE F 226 37.14 -0.70 11.88
CA PHE F 226 36.72 -2.06 12.17
C PHE F 226 36.09 -2.67 10.91
N PHE F 227 36.43 -3.94 10.62
CA PHE F 227 35.92 -4.60 9.44
C PHE F 227 35.56 -6.05 9.75
N ILE F 228 34.31 -6.45 9.47
CA ILE F 228 33.90 -7.84 9.53
C ILE F 228 33.68 -8.31 8.09
N ASP F 229 34.50 -9.28 7.65
CA ASP F 229 34.34 -9.85 6.33
C ASP F 229 33.48 -11.12 6.42
N HIS F 230 32.48 -11.24 5.53
CA HIS F 230 31.54 -12.39 5.50
C HIS F 230 30.59 -12.32 6.68
N GLY F 231 31.08 -12.66 7.88
CA GLY F 231 30.41 -12.26 9.11
C GLY F 231 29.35 -13.20 9.67
N THR F 232 28.70 -14.03 8.86
CA THR F 232 27.68 -14.91 9.41
C THR F 232 28.22 -15.69 10.62
N GLY F 233 27.51 -15.64 11.74
CA GLY F 233 27.91 -16.41 12.92
C GLY F 233 28.82 -15.63 13.89
N VAL F 234 29.19 -14.38 13.58
CA VAL F 234 29.99 -13.58 14.50
C VAL F 234 29.18 -13.25 15.74
N VAL F 235 29.78 -13.46 16.93
CA VAL F 235 29.20 -13.03 18.19
C VAL F 235 30.23 -12.21 18.98
N ILE F 236 29.81 -11.02 19.42
CA ILE F 236 30.63 -10.16 20.26
C ILE F 236 29.83 -9.77 21.50
N GLY F 237 30.39 -10.06 22.69
CA GLY F 237 29.70 -9.83 23.95
C GLY F 237 29.76 -8.37 24.43
N GLU F 238 28.94 -8.12 25.46
CA GLU F 238 28.66 -6.82 26.06
C GLU F 238 29.92 -6.07 26.50
N THR F 239 30.87 -6.77 27.12
CA THR F 239 32.00 -6.09 27.75
C THR F 239 33.25 -6.25 26.87
N CYS F 240 33.07 -6.78 25.67
CA CYS F 240 34.20 -6.90 24.76
C CYS F 240 34.69 -5.50 24.40
N GLU F 241 36.00 -5.36 24.24
CA GLU F 241 36.61 -4.09 23.87
C GLU F 241 37.57 -4.34 22.72
N ILE F 242 37.28 -3.72 21.60
CA ILE F 242 38.07 -3.92 20.40
C ILE F 242 38.68 -2.57 20.01
N ALA F 243 39.98 -2.57 19.71
CA ALA F 243 40.69 -1.32 19.45
C ALA F 243 40.52 -0.96 17.97
N ASN F 244 41.51 -0.26 17.39
CA ASN F 244 41.42 0.25 16.04
C ASN F 244 42.02 -0.75 15.07
N HIS F 245 41.56 -0.69 13.81
CA HIS F 245 42.13 -1.47 12.72
C HIS F 245 42.00 -2.98 12.96
N VAL F 246 40.89 -3.42 13.56
CA VAL F 246 40.72 -4.87 13.79
C VAL F 246 39.86 -5.45 12.67
N LYS F 247 40.21 -6.67 12.25
CA LYS F 247 39.47 -7.37 11.20
C LYS F 247 39.04 -8.75 11.68
N LEU F 248 37.74 -9.09 11.51
CA LEU F 248 37.19 -10.38 11.91
C LEU F 248 36.58 -11.08 10.70
N TYR F 249 36.42 -12.41 10.77
CA TYR F 249 35.80 -13.21 9.71
C TYR F 249 34.54 -13.91 10.25
N GLN F 250 33.89 -14.73 9.41
CA GLN F 250 32.65 -15.40 9.79
C GLN F 250 32.91 -16.33 10.98
N GLY F 251 31.87 -16.53 11.81
CA GLY F 251 31.88 -17.54 12.86
C GLY F 251 32.77 -17.20 14.07
N VAL F 252 33.34 -15.98 14.13
CA VAL F 252 34.19 -15.64 15.26
C VAL F 252 33.34 -15.36 16.47
N THR F 253 33.66 -15.99 17.61
CA THR F 253 33.10 -15.65 18.91
C THR F 253 34.12 -14.89 19.76
N LEU F 254 33.75 -13.69 20.21
CA LEU F 254 34.45 -13.00 21.28
C LEU F 254 33.53 -12.98 22.50
N GLY F 255 33.59 -14.04 23.32
CA GLY F 255 32.56 -14.36 24.29
C GLY F 255 33.10 -14.59 25.71
N ALA F 256 32.24 -15.19 26.53
CA ALA F 256 32.42 -15.40 27.96
C ALA F 256 32.84 -16.85 28.21
N LEU F 257 33.60 -17.08 29.31
CA LEU F 257 33.98 -18.41 29.77
C LEU F 257 32.73 -19.16 30.23
N SER F 258 32.64 -20.45 29.89
CA SER F 258 31.57 -21.33 30.36
C SER F 258 31.74 -21.58 31.86
N PHE F 259 32.99 -21.60 32.33
CA PHE F 259 33.32 -22.01 33.68
C PHE F 259 34.12 -20.90 34.36
N ARG F 270 28.63 -4.93 33.54
CA ARG F 270 29.49 -4.26 34.56
C ARG F 270 30.85 -4.96 34.59
N HIS F 271 30.89 -6.11 35.28
CA HIS F 271 32.07 -6.95 35.41
C HIS F 271 32.51 -7.46 34.04
N LYS F 272 33.79 -7.27 33.71
CA LYS F 272 34.32 -7.64 32.41
C LYS F 272 34.37 -9.17 32.27
N ARG F 273 33.61 -9.71 31.31
CA ARG F 273 33.55 -11.15 31.05
C ARG F 273 33.95 -11.49 29.62
N HIS F 274 34.29 -10.49 28.80
CA HIS F 274 34.57 -10.68 27.39
C HIS F 274 35.96 -10.14 27.07
N PRO F 275 36.63 -10.63 26.01
CA PRO F 275 38.01 -10.23 25.77
C PRO F 275 38.26 -8.78 25.38
N THR F 276 39.54 -8.40 25.41
CA THR F 276 40.06 -7.18 24.83
C THR F 276 40.91 -7.56 23.62
N ILE F 277 40.64 -6.90 22.49
CA ILE F 277 41.41 -7.09 21.29
C ILE F 277 42.09 -5.75 20.98
N GLU F 278 43.43 -5.78 20.86
CA GLU F 278 44.22 -4.58 20.65
C GLU F 278 44.29 -4.26 19.16
N ASP F 279 45.03 -3.19 18.82
CA ASP F 279 45.14 -2.60 17.49
C ASP F 279 45.63 -3.62 16.46
N HIS F 280 45.13 -3.54 15.22
CA HIS F 280 45.66 -4.25 14.06
C HIS F 280 45.57 -5.78 14.17
N VAL F 281 44.70 -6.31 15.05
CA VAL F 281 44.55 -7.75 15.18
C VAL F 281 43.64 -8.27 14.06
N VAL F 282 43.98 -9.43 13.51
CA VAL F 282 43.11 -10.15 12.58
C VAL F 282 42.71 -11.47 13.24
N ILE F 283 41.40 -11.78 13.21
CA ILE F 283 40.87 -13.05 13.72
C ILE F 283 40.11 -13.71 12.59
N TYR F 284 40.63 -14.87 12.15
CA TYR F 284 40.12 -15.63 11.01
C TYR F 284 38.89 -16.45 11.41
N ALA F 285 38.33 -17.12 10.40
CA ALA F 285 37.02 -17.77 10.46
C ALA F 285 36.95 -18.80 11.58
N ASN F 286 35.86 -18.74 12.35
CA ASN F 286 35.51 -19.79 13.31
C ASN F 286 36.43 -19.81 14.53
N ALA F 287 37.24 -18.77 14.73
CA ALA F 287 38.02 -18.69 15.96
C ALA F 287 37.09 -18.39 17.13
N THR F 288 37.46 -18.85 18.33
CA THR F 288 36.81 -18.49 19.58
C THR F 288 37.85 -17.88 20.53
N VAL F 289 37.55 -16.68 21.05
CA VAL F 289 38.35 -16.04 22.08
C VAL F 289 37.41 -15.73 23.25
N LEU F 290 37.72 -16.27 24.44
CA LEU F 290 36.84 -16.16 25.60
C LEU F 290 37.58 -15.52 26.77
N GLY F 291 36.80 -14.85 27.63
CA GLY F 291 37.19 -14.48 28.98
C GLY F 291 37.47 -12.99 29.16
N GLY F 292 37.08 -12.47 30.34
CA GLY F 292 37.27 -11.07 30.69
C GLY F 292 38.74 -10.66 30.80
N GLU F 293 39.62 -11.64 31.07
CA GLU F 293 41.02 -11.31 31.30
C GLU F 293 41.88 -11.61 30.07
N THR F 294 41.25 -12.18 29.03
CA THR F 294 41.95 -12.47 27.79
C THR F 294 42.23 -11.18 27.04
N VAL F 295 43.52 -10.90 26.81
CA VAL F 295 43.93 -9.76 26.00
C VAL F 295 44.64 -10.32 24.76
N ILE F 296 44.14 -9.98 23.55
CA ILE F 296 44.83 -10.32 22.31
C ILE F 296 45.67 -9.14 21.87
N GLY F 297 47.01 -9.30 21.83
CA GLY F 297 47.93 -8.16 21.77
C GLY F 297 48.05 -7.54 20.38
N SER F 298 48.45 -6.28 20.34
CA SER F 298 48.57 -5.50 19.11
C SER F 298 49.26 -6.32 18.01
N HIS F 299 48.68 -6.32 16.80
CA HIS F 299 49.21 -6.99 15.60
C HIS F 299 49.22 -8.52 15.71
N ALA F 300 48.59 -9.10 16.73
CA ALA F 300 48.44 -10.55 16.77
C ALA F 300 47.55 -11.02 15.62
N VAL F 301 47.69 -12.31 15.28
CA VAL F 301 46.86 -12.95 14.29
C VAL F 301 46.32 -14.23 14.93
N ILE F 302 44.99 -14.35 15.00
CA ILE F 302 44.34 -15.58 15.48
C ILE F 302 43.83 -16.36 14.27
N GLY F 303 44.47 -17.51 14.00
CA GLY F 303 44.15 -18.31 12.83
C GLY F 303 42.75 -18.94 12.88
N SER F 304 42.33 -19.47 11.73
CA SER F 304 41.04 -20.10 11.59
C SER F 304 40.91 -21.26 12.59
N SER F 305 39.74 -21.36 13.25
CA SER F 305 39.36 -22.42 14.17
C SER F 305 40.18 -22.43 15.47
N VAL F 306 41.00 -21.41 15.71
CA VAL F 306 41.73 -21.30 16.97
C VAL F 306 40.77 -21.00 18.11
N SER F 307 40.84 -21.78 19.19
CA SER F 307 40.03 -21.56 20.39
C SER F 307 40.95 -21.25 21.59
N LEU F 308 40.90 -20.03 22.15
CA LEU F 308 41.77 -19.50 23.20
C LEU F 308 40.92 -18.95 24.36
N SER F 309 41.42 -19.13 25.59
CA SER F 309 40.87 -18.48 26.77
C SER F 309 42.01 -17.83 27.56
N HIS F 310 43.07 -17.41 26.88
CA HIS F 310 44.19 -16.76 27.55
C HIS F 310 44.80 -15.73 26.63
N SER F 311 45.57 -14.82 27.24
CA SER F 311 46.20 -13.70 26.57
C SER F 311 47.26 -14.18 25.58
N VAL F 312 47.49 -13.36 24.56
CA VAL F 312 48.47 -13.62 23.53
C VAL F 312 49.25 -12.31 23.37
N PRO F 313 50.60 -12.30 23.32
CA PRO F 313 51.35 -11.05 23.28
C PRO F 313 51.27 -10.38 21.92
N PRO F 314 51.65 -9.09 21.81
CA PRO F 314 51.78 -8.42 20.51
C PRO F 314 52.54 -9.27 19.49
N ASN F 315 52.20 -9.12 18.20
CA ASN F 315 52.95 -9.64 17.07
C ASN F 315 53.02 -11.16 17.00
N THR F 316 52.10 -11.86 17.70
CA THR F 316 52.09 -13.31 17.74
C THR F 316 51.01 -13.86 16.81
N ILE F 317 51.42 -14.80 15.96
CA ILE F 317 50.54 -15.53 15.07
C ILE F 317 50.24 -16.87 15.74
N VAL F 318 48.95 -17.09 16.03
CA VAL F 318 48.47 -18.30 16.67
C VAL F 318 47.68 -19.10 15.65
N THR F 319 48.07 -20.38 15.45
CA THR F 319 47.37 -21.26 14.51
C THR F 319 47.13 -22.61 15.18
N ILE F 320 46.18 -23.40 14.64
CA ILE F 320 45.96 -24.74 15.17
C ILE F 320 47.11 -25.62 14.71
N GLU F 321 47.43 -26.66 15.48
CA GLU F 321 48.33 -27.71 15.04
C GLU F 321 47.68 -28.37 13.82
N LYS F 322 48.49 -28.72 12.80
CA LYS F 322 48.01 -29.54 11.70
C LYS F 322 47.10 -30.64 12.25
N PRO F 323 45.81 -30.73 11.83
CA PRO F 323 44.90 -31.73 12.39
C PRO F 323 45.29 -33.17 12.02
N SER F 324 44.93 -34.11 12.90
CA SER F 324 45.15 -35.53 12.64
C SER F 324 43.90 -36.08 11.96
N LEU F 325 44.04 -36.40 10.66
CA LEU F 325 42.90 -36.77 9.85
C LEU F 325 43.00 -38.26 9.52
N ARG F 326 41.85 -38.94 9.41
CA ARG F 326 41.82 -40.31 8.90
C ARG F 326 41.44 -40.30 7.42
N TYR F 327 42.20 -41.07 6.60
CA TYR F 327 41.92 -41.24 5.18
C TYR F 327 41.62 -42.70 4.89
N ARG F 328 40.52 -42.97 4.19
CA ARG F 328 40.14 -44.32 3.78
C ARG F 328 39.38 -44.24 2.45
N GLU F 329 39.23 -45.38 1.79
CA GLU F 329 38.54 -45.45 0.50
C GLU F 329 37.04 -45.26 0.71
N ALA F 330 36.38 -44.48 -0.16
CA ALA F 330 34.92 -44.45 -0.20
C ALA F 330 34.49 -45.73 -0.92
N SER F 331 33.53 -46.48 -0.37
CA SER F 331 33.33 -47.83 -0.90
C SER F 331 32.45 -47.76 -2.16
#